data_3DVW
# 
_entry.id   3DVW 
# 
_audit_conform.dict_name       mmcif_pdbx.dic 
_audit_conform.dict_version    5.387 
_audit_conform.dict_location   http://mmcif.pdb.org/dictionaries/ascii/mmcif_pdbx.dic 
# 
loop_
_database_2.database_id 
_database_2.database_code 
_database_2.pdbx_database_accession 
_database_2.pdbx_DOI 
PDB   3DVW         pdb_00003dvw 10.2210/pdb3dvw/pdb 
RCSB  RCSB048554   ?            ?                   
WWPDB D_1000048554 ?            ?                   
# 
loop_
_pdbx_audit_revision_history.ordinal 
_pdbx_audit_revision_history.data_content_type 
_pdbx_audit_revision_history.major_revision 
_pdbx_audit_revision_history.minor_revision 
_pdbx_audit_revision_history.revision_date 
1 'Structure model' 1 0 2009-08-04 
2 'Structure model' 1 1 2011-07-13 
3 'Structure model' 1 2 2024-02-21 
# 
_pdbx_audit_revision_details.ordinal             1 
_pdbx_audit_revision_details.revision_ordinal    1 
_pdbx_audit_revision_details.data_content_type   'Structure model' 
_pdbx_audit_revision_details.provider            repository 
_pdbx_audit_revision_details.type                'Initial release' 
_pdbx_audit_revision_details.description         ? 
_pdbx_audit_revision_details.details             ? 
# 
loop_
_pdbx_audit_revision_group.ordinal 
_pdbx_audit_revision_group.revision_ordinal 
_pdbx_audit_revision_group.data_content_type 
_pdbx_audit_revision_group.group 
1 2 'Structure model' 'Version format compliance' 
2 3 'Structure model' 'Data collection'           
3 3 'Structure model' 'Database references'       
# 
loop_
_pdbx_audit_revision_category.ordinal 
_pdbx_audit_revision_category.revision_ordinal 
_pdbx_audit_revision_category.data_content_type 
_pdbx_audit_revision_category.category 
1 3 'Structure model' chem_comp_atom     
2 3 'Structure model' chem_comp_bond     
3 3 'Structure model' database_2         
4 3 'Structure model' struct_ref_seq_dif 
# 
loop_
_pdbx_audit_revision_item.ordinal 
_pdbx_audit_revision_item.revision_ordinal 
_pdbx_audit_revision_item.data_content_type 
_pdbx_audit_revision_item.item 
1 3 'Structure model' '_database_2.pdbx_DOI'                
2 3 'Structure model' '_database_2.pdbx_database_accession' 
3 3 'Structure model' '_struct_ref_seq_dif.details'         
# 
_pdbx_database_status.status_code                     REL 
_pdbx_database_status.entry_id                        3DVW 
_pdbx_database_status.recvd_initial_deposition_date   2008-07-21 
_pdbx_database_status.deposit_site                    RCSB 
_pdbx_database_status.process_site                    RCSB 
_pdbx_database_status.status_code_sf                  REL 
_pdbx_database_status.status_code_mr                  ? 
_pdbx_database_status.SG_entry                        ? 
_pdbx_database_status.pdb_format_compatible           Y 
_pdbx_database_status.status_code_cs                  ? 
_pdbx_database_status.status_code_nmr_data            ? 
_pdbx_database_status.methods_development_category    ? 
# 
_pdbx_database_related.db_name        PDB 
_pdbx_database_related.db_id          3DVX 
_pdbx_database_related.details        'Crystal structure of reduced DsbA3 from Neisseria meningitidis' 
_pdbx_database_related.content_type   unspecified 
# 
loop_
_audit_author.name 
_audit_author.pdbx_ordinal 
'Lafaye, C.' 1 
'Serre, L.'  2 
# 
loop_
_citation.id 
_citation.title 
_citation.journal_abbrev 
_citation.journal_volume 
_citation.page_first 
_citation.page_last 
_citation.year 
_citation.journal_id_ASTM 
_citation.country 
_citation.journal_id_ISSN 
_citation.journal_id_CSD 
_citation.book_publisher 
_citation.pdbx_database_id_PubMed 
_citation.pdbx_database_id_DOI 
primary 'Biochemical and structural study of the homologues of the thiol-disulfide oxidoreductase DsbA in Neisseria meningitidis.' 
J.Mol.Biol.                392 952 966 2009 JMOBAK UK 0022-2836 0070 ? 19631659 10.1016/j.jmb.2009.07.056 
1       
'Preliminary crystallographic data of the three homologues of the thiol-disulfide oxidoreductase DsbA in Neisseria meningitidis.' 
'Acta Crystallogr.,Sect.F' 64  111 114 2008 ?      DK 1744-3091 ?    ? 18259062 10.1107/S1744309108000754 
# 
loop_
_citation_author.citation_id 
_citation_author.name 
_citation_author.ordinal 
_citation_author.identifier_ORCID 
primary 'Lafaye, C.'         1  ? 
primary 'Iwema, T.'          2  ? 
primary 'Carpentier, P.'     3  ? 
primary 'Jullian-Binard, C.' 4  ? 
primary 'Kroll, J.S.'        5  ? 
primary 'Collet, J.F.'       6  ? 
primary 'Serre, L.'          7  ? 
1       'Lafaye, C.'         8  ? 
1       'Iwema, T.'          9  ? 
1       'Ferrer, J.L.'       10 ? 
1       'Kroll, J.S.'        11 ? 
1       'Griat, M.'          12 ? 
1       'Serre, L.'          13 ? 
# 
loop_
_entity.id 
_entity.type 
_entity.src_method 
_entity.pdbx_description 
_entity.formula_weight 
_entity.pdbx_number_of_molecules 
_entity.pdbx_ec 
_entity.pdbx_mutation 
_entity.pdbx_fragment 
_entity.details 
1 polymer man 'Thiol:disulfide interchange protein DsbA' 21510.436 1   ? ? 'Truncated mature form: UNP residues 41-232' ? 
2 water   nat water                                      18.015    178 ? ? ?                                            ? 
# 
_entity_poly.entity_id                      1 
_entity_poly.type                           'polypeptide(L)' 
_entity_poly.nstd_linkage                   no 
_entity_poly.nstd_monomer                   no 
_entity_poly.pdbx_seq_one_letter_code       
;GPAGLVEGQNYTVLANPIPQQQAGKVEVLEFFGYFCPHCAHLEPVLSKHAKSFKDDMYLRTEHVVWQKEMLTLARLAAAV
DMAAADSKDVANSHIFDAMVNQKIKLQNPEVLKKWLGEQTAFDGKKVLAAYESPESQARADKMQELTETFQIDGTPTVIV
GGKYKVEFADWESGMNTIDLLADKVREEQKAAQ
;
_entity_poly.pdbx_seq_one_letter_code_can   
;GPAGLVEGQNYTVLANPIPQQQAGKVEVLEFFGYFCPHCAHLEPVLSKHAKSFKDDMYLRTEHVVWQKEMLTLARLAAAV
DMAAADSKDVANSHIFDAMVNQKIKLQNPEVLKKWLGEQTAFDGKKVLAAYESPESQARADKMQELTETFQIDGTPTVIV
GGKYKVEFADWESGMNTIDLLADKVREEQKAAQ
;
_entity_poly.pdbx_strand_id                 A 
_entity_poly.pdbx_target_identifier         ? 
# 
_pdbx_entity_nonpoly.entity_id   2 
_pdbx_entity_nonpoly.name        water 
_pdbx_entity_nonpoly.comp_id     HOH 
# 
loop_
_entity_poly_seq.entity_id 
_entity_poly_seq.num 
_entity_poly_seq.mon_id 
_entity_poly_seq.hetero 
1 1   GLY n 
1 2   PRO n 
1 3   ALA n 
1 4   GLY n 
1 5   LEU n 
1 6   VAL n 
1 7   GLU n 
1 8   GLY n 
1 9   GLN n 
1 10  ASN n 
1 11  TYR n 
1 12  THR n 
1 13  VAL n 
1 14  LEU n 
1 15  ALA n 
1 16  ASN n 
1 17  PRO n 
1 18  ILE n 
1 19  PRO n 
1 20  GLN n 
1 21  GLN n 
1 22  GLN n 
1 23  ALA n 
1 24  GLY n 
1 25  LYS n 
1 26  VAL n 
1 27  GLU n 
1 28  VAL n 
1 29  LEU n 
1 30  GLU n 
1 31  PHE n 
1 32  PHE n 
1 33  GLY n 
1 34  TYR n 
1 35  PHE n 
1 36  CYS n 
1 37  PRO n 
1 38  HIS n 
1 39  CYS n 
1 40  ALA n 
1 41  HIS n 
1 42  LEU n 
1 43  GLU n 
1 44  PRO n 
1 45  VAL n 
1 46  LEU n 
1 47  SER n 
1 48  LYS n 
1 49  HIS n 
1 50  ALA n 
1 51  LYS n 
1 52  SER n 
1 53  PHE n 
1 54  LYS n 
1 55  ASP n 
1 56  ASP n 
1 57  MET n 
1 58  TYR n 
1 59  LEU n 
1 60  ARG n 
1 61  THR n 
1 62  GLU n 
1 63  HIS n 
1 64  VAL n 
1 65  VAL n 
1 66  TRP n 
1 67  GLN n 
1 68  LYS n 
1 69  GLU n 
1 70  MET n 
1 71  LEU n 
1 72  THR n 
1 73  LEU n 
1 74  ALA n 
1 75  ARG n 
1 76  LEU n 
1 77  ALA n 
1 78  ALA n 
1 79  ALA n 
1 80  VAL n 
1 81  ASP n 
1 82  MET n 
1 83  ALA n 
1 84  ALA n 
1 85  ALA n 
1 86  ASP n 
1 87  SER n 
1 88  LYS n 
1 89  ASP n 
1 90  VAL n 
1 91  ALA n 
1 92  ASN n 
1 93  SER n 
1 94  HIS n 
1 95  ILE n 
1 96  PHE n 
1 97  ASP n 
1 98  ALA n 
1 99  MET n 
1 100 VAL n 
1 101 ASN n 
1 102 GLN n 
1 103 LYS n 
1 104 ILE n 
1 105 LYS n 
1 106 LEU n 
1 107 GLN n 
1 108 ASN n 
1 109 PRO n 
1 110 GLU n 
1 111 VAL n 
1 112 LEU n 
1 113 LYS n 
1 114 LYS n 
1 115 TRP n 
1 116 LEU n 
1 117 GLY n 
1 118 GLU n 
1 119 GLN n 
1 120 THR n 
1 121 ALA n 
1 122 PHE n 
1 123 ASP n 
1 124 GLY n 
1 125 LYS n 
1 126 LYS n 
1 127 VAL n 
1 128 LEU n 
1 129 ALA n 
1 130 ALA n 
1 131 TYR n 
1 132 GLU n 
1 133 SER n 
1 134 PRO n 
1 135 GLU n 
1 136 SER n 
1 137 GLN n 
1 138 ALA n 
1 139 ARG n 
1 140 ALA n 
1 141 ASP n 
1 142 LYS n 
1 143 MET n 
1 144 GLN n 
1 145 GLU n 
1 146 LEU n 
1 147 THR n 
1 148 GLU n 
1 149 THR n 
1 150 PHE n 
1 151 GLN n 
1 152 ILE n 
1 153 ASP n 
1 154 GLY n 
1 155 THR n 
1 156 PRO n 
1 157 THR n 
1 158 VAL n 
1 159 ILE n 
1 160 VAL n 
1 161 GLY n 
1 162 GLY n 
1 163 LYS n 
1 164 TYR n 
1 165 LYS n 
1 166 VAL n 
1 167 GLU n 
1 168 PHE n 
1 169 ALA n 
1 170 ASP n 
1 171 TRP n 
1 172 GLU n 
1 173 SER n 
1 174 GLY n 
1 175 MET n 
1 176 ASN n 
1 177 THR n 
1 178 ILE n 
1 179 ASP n 
1 180 LEU n 
1 181 LEU n 
1 182 ALA n 
1 183 ASP n 
1 184 LYS n 
1 185 VAL n 
1 186 ARG n 
1 187 GLU n 
1 188 GLU n 
1 189 GLN n 
1 190 LYS n 
1 191 ALA n 
1 192 ALA n 
1 193 GLN n 
# 
_entity_src_gen.entity_id                          1 
_entity_src_gen.pdbx_src_id                        1 
_entity_src_gen.pdbx_alt_source_flag               sample 
_entity_src_gen.pdbx_seq_type                      ? 
_entity_src_gen.pdbx_beg_seq_num                   ? 
_entity_src_gen.pdbx_end_seq_num                   ? 
_entity_src_gen.gene_src_common_name               ? 
_entity_src_gen.gene_src_genus                     ? 
_entity_src_gen.pdbx_gene_src_gene                 'dsbA-1, NMB0278' 
_entity_src_gen.gene_src_species                   ? 
_entity_src_gen.gene_src_strain                    'MC58 / Serogroup B' 
_entity_src_gen.gene_src_tissue                    ? 
_entity_src_gen.gene_src_tissue_fraction           ? 
_entity_src_gen.gene_src_details                   ? 
_entity_src_gen.pdbx_gene_src_fragment             ? 
_entity_src_gen.pdbx_gene_src_scientific_name      'Neisseria meningitidis MC58' 
_entity_src_gen.pdbx_gene_src_ncbi_taxonomy_id     122586 
_entity_src_gen.pdbx_gene_src_variant              ? 
_entity_src_gen.pdbx_gene_src_cell_line            ? 
_entity_src_gen.pdbx_gene_src_atcc                 ? 
_entity_src_gen.pdbx_gene_src_organ                ? 
_entity_src_gen.pdbx_gene_src_organelle            ? 
_entity_src_gen.pdbx_gene_src_cell                 ? 
_entity_src_gen.pdbx_gene_src_cellular_location    ? 
_entity_src_gen.host_org_common_name               ? 
_entity_src_gen.pdbx_host_org_scientific_name      'Escherichia coli' 
_entity_src_gen.pdbx_host_org_ncbi_taxonomy_id     ? 
_entity_src_gen.host_org_genus                     ? 
_entity_src_gen.pdbx_host_org_gene                 ? 
_entity_src_gen.pdbx_host_org_organ                ? 
_entity_src_gen.host_org_species                   ? 
_entity_src_gen.pdbx_host_org_tissue               ? 
_entity_src_gen.pdbx_host_org_tissue_fraction      ? 
_entity_src_gen.pdbx_host_org_strain               'BL21(DE3)-codon plus-RIL' 
_entity_src_gen.pdbx_host_org_variant              ? 
_entity_src_gen.pdbx_host_org_cell_line            ? 
_entity_src_gen.pdbx_host_org_atcc                 ? 
_entity_src_gen.pdbx_host_org_culture_collection   ? 
_entity_src_gen.pdbx_host_org_cell                 ? 
_entity_src_gen.pdbx_host_org_organelle            ? 
_entity_src_gen.pdbx_host_org_cellular_location    ? 
_entity_src_gen.pdbx_host_org_vector_type          Plasmid 
_entity_src_gen.pdbx_host_org_vector               ? 
_entity_src_gen.host_org_details                   ? 
_entity_src_gen.expression_system_id               ? 
_entity_src_gen.plasmid_name                       pLIM01 
_entity_src_gen.plasmid_details                    ? 
_entity_src_gen.pdbx_description                   ? 
# 
loop_
_chem_comp.id 
_chem_comp.type 
_chem_comp.mon_nstd_flag 
_chem_comp.name 
_chem_comp.pdbx_synonyms 
_chem_comp.formula 
_chem_comp.formula_weight 
ALA 'L-peptide linking' y ALANINE         ? 'C3 H7 N O2'     89.093  
ARG 'L-peptide linking' y ARGININE        ? 'C6 H15 N4 O2 1' 175.209 
ASN 'L-peptide linking' y ASPARAGINE      ? 'C4 H8 N2 O3'    132.118 
ASP 'L-peptide linking' y 'ASPARTIC ACID' ? 'C4 H7 N O4'     133.103 
CYS 'L-peptide linking' y CYSTEINE        ? 'C3 H7 N O2 S'   121.158 
GLN 'L-peptide linking' y GLUTAMINE       ? 'C5 H10 N2 O3'   146.144 
GLU 'L-peptide linking' y 'GLUTAMIC ACID' ? 'C5 H9 N O4'     147.129 
GLY 'peptide linking'   y GLYCINE         ? 'C2 H5 N O2'     75.067  
HIS 'L-peptide linking' y HISTIDINE       ? 'C6 H10 N3 O2 1' 156.162 
HOH non-polymer         . WATER           ? 'H2 O'           18.015  
ILE 'L-peptide linking' y ISOLEUCINE      ? 'C6 H13 N O2'    131.173 
LEU 'L-peptide linking' y LEUCINE         ? 'C6 H13 N O2'    131.173 
LYS 'L-peptide linking' y LYSINE          ? 'C6 H15 N2 O2 1' 147.195 
MET 'L-peptide linking' y METHIONINE      ? 'C5 H11 N O2 S'  149.211 
PHE 'L-peptide linking' y PHENYLALANINE   ? 'C9 H11 N O2'    165.189 
PRO 'L-peptide linking' y PROLINE         ? 'C5 H9 N O2'     115.130 
SER 'L-peptide linking' y SERINE          ? 'C3 H7 N O3'     105.093 
THR 'L-peptide linking' y THREONINE       ? 'C4 H9 N O3'     119.119 
TRP 'L-peptide linking' y TRYPTOPHAN      ? 'C11 H12 N2 O2'  204.225 
TYR 'L-peptide linking' y TYROSINE        ? 'C9 H11 N O3'    181.189 
VAL 'L-peptide linking' y VALINE          ? 'C5 H11 N O2'    117.146 
# 
loop_
_pdbx_poly_seq_scheme.asym_id 
_pdbx_poly_seq_scheme.entity_id 
_pdbx_poly_seq_scheme.seq_id 
_pdbx_poly_seq_scheme.mon_id 
_pdbx_poly_seq_scheme.ndb_seq_num 
_pdbx_poly_seq_scheme.pdb_seq_num 
_pdbx_poly_seq_scheme.auth_seq_num 
_pdbx_poly_seq_scheme.pdb_mon_id 
_pdbx_poly_seq_scheme.auth_mon_id 
_pdbx_poly_seq_scheme.pdb_strand_id 
_pdbx_poly_seq_scheme.pdb_ins_code 
_pdbx_poly_seq_scheme.hetero 
A 1 1   GLY 1   22  ?   ?   ?   A . n 
A 1 2   PRO 2   23  23  PRO PRO A . n 
A 1 3   ALA 3   24  24  ALA ALA A . n 
A 1 4   GLY 4   25  25  GLY GLY A . n 
A 1 5   LEU 5   26  26  LEU LEU A . n 
A 1 6   VAL 6   27  27  VAL VAL A . n 
A 1 7   GLU 7   28  28  GLU GLU A . n 
A 1 8   GLY 8   29  29  GLY GLY A . n 
A 1 9   GLN 9   30  30  GLN GLN A . n 
A 1 10  ASN 10  31  31  ASN ASN A . n 
A 1 11  TYR 11  32  32  TYR TYR A . n 
A 1 12  THR 12  33  33  THR THR A . n 
A 1 13  VAL 13  34  34  VAL VAL A . n 
A 1 14  LEU 14  35  35  LEU LEU A . n 
A 1 15  ALA 15  36  36  ALA ALA A . n 
A 1 16  ASN 16  37  37  ASN ASN A . n 
A 1 17  PRO 17  38  38  PRO PRO A . n 
A 1 18  ILE 18  39  39  ILE ILE A . n 
A 1 19  PRO 19  40  40  PRO PRO A . n 
A 1 20  GLN 20  41  41  GLN GLN A . n 
A 1 21  GLN 21  42  42  GLN GLN A . n 
A 1 22  GLN 22  43  43  GLN GLN A . n 
A 1 23  ALA 23  44  44  ALA ALA A . n 
A 1 24  GLY 24  45  45  GLY GLY A . n 
A 1 25  LYS 25  46  46  LYS LYS A . n 
A 1 26  VAL 26  47  47  VAL VAL A . n 
A 1 27  GLU 27  48  48  GLU GLU A . n 
A 1 28  VAL 28  49  49  VAL VAL A . n 
A 1 29  LEU 29  50  50  LEU LEU A . n 
A 1 30  GLU 30  51  51  GLU GLU A . n 
A 1 31  PHE 31  52  52  PHE PHE A . n 
A 1 32  PHE 32  53  53  PHE PHE A . n 
A 1 33  GLY 33  54  54  GLY GLY A . n 
A 1 34  TYR 34  55  55  TYR TYR A . n 
A 1 35  PHE 35  56  56  PHE PHE A . n 
A 1 36  CYS 36  57  57  CYS CYS A . n 
A 1 37  PRO 37  58  58  PRO PRO A . n 
A 1 38  HIS 38  59  59  HIS HIS A . n 
A 1 39  CYS 39  60  60  CYS CYS A . n 
A 1 40  ALA 40  61  61  ALA ALA A . n 
A 1 41  HIS 41  62  62  HIS HIS A . n 
A 1 42  LEU 42  63  63  LEU LEU A . n 
A 1 43  GLU 43  64  64  GLU GLU A . n 
A 1 44  PRO 44  65  65  PRO PRO A . n 
A 1 45  VAL 45  66  66  VAL VAL A . n 
A 1 46  LEU 46  67  67  LEU LEU A . n 
A 1 47  SER 47  68  68  SER SER A . n 
A 1 48  LYS 48  69  69  LYS LYS A . n 
A 1 49  HIS 49  70  70  HIS HIS A . n 
A 1 50  ALA 50  71  71  ALA ALA A . n 
A 1 51  LYS 51  72  72  LYS LYS A . n 
A 1 52  SER 52  73  73  SER SER A . n 
A 1 53  PHE 53  74  74  PHE PHE A . n 
A 1 54  LYS 54  75  75  LYS LYS A . n 
A 1 55  ASP 55  76  76  ASP ASP A . n 
A 1 56  ASP 56  77  77  ASP ASP A . n 
A 1 57  MET 57  78  78  MET MET A . n 
A 1 58  TYR 58  79  79  TYR TYR A . n 
A 1 59  LEU 59  80  80  LEU LEU A . n 
A 1 60  ARG 60  81  81  ARG ARG A . n 
A 1 61  THR 61  82  82  THR THR A . n 
A 1 62  GLU 62  83  83  GLU GLU A . n 
A 1 63  HIS 63  84  84  HIS HIS A . n 
A 1 64  VAL 64  85  85  VAL VAL A . n 
A 1 65  VAL 65  86  86  VAL VAL A . n 
A 1 66  TRP 66  87  87  TRP TRP A . n 
A 1 67  GLN 67  88  88  GLN GLN A . n 
A 1 68  LYS 68  89  89  LYS LYS A . n 
A 1 69  GLU 69  90  90  GLU GLU A . n 
A 1 70  MET 70  91  91  MET MET A . n 
A 1 71  LEU 71  92  92  LEU LEU A . n 
A 1 72  THR 72  93  93  THR THR A . n 
A 1 73  LEU 73  94  94  LEU LEU A . n 
A 1 74  ALA 74  95  95  ALA ALA A . n 
A 1 75  ARG 75  96  96  ARG ARG A . n 
A 1 76  LEU 76  97  97  LEU LEU A . n 
A 1 77  ALA 77  98  98  ALA ALA A . n 
A 1 78  ALA 78  99  99  ALA ALA A . n 
A 1 79  ALA 79  100 100 ALA ALA A . n 
A 1 80  VAL 80  101 101 VAL VAL A . n 
A 1 81  ASP 81  102 102 ASP ASP A . n 
A 1 82  MET 82  103 103 MET MET A . n 
A 1 83  ALA 83  104 104 ALA ALA A . n 
A 1 84  ALA 84  105 105 ALA ALA A . n 
A 1 85  ALA 85  106 106 ALA ALA A . n 
A 1 86  ASP 86  107 107 ASP ASP A . n 
A 1 87  SER 87  108 108 SER SER A . n 
A 1 88  LYS 88  109 109 LYS LYS A . n 
A 1 89  ASP 89  110 110 ASP ASP A . n 
A 1 90  VAL 90  111 111 VAL VAL A . n 
A 1 91  ALA 91  112 112 ALA ALA A . n 
A 1 92  ASN 92  113 113 ASN ASN A . n 
A 1 93  SER 93  114 114 SER SER A . n 
A 1 94  HIS 94  115 115 HIS HIS A . n 
A 1 95  ILE 95  116 116 ILE ILE A . n 
A 1 96  PHE 96  117 117 PHE PHE A . n 
A 1 97  ASP 97  118 118 ASP ASP A . n 
A 1 98  ALA 98  119 119 ALA ALA A . n 
A 1 99  MET 99  120 120 MET MET A . n 
A 1 100 VAL 100 121 121 VAL VAL A . n 
A 1 101 ASN 101 122 122 ASN ASN A . n 
A 1 102 GLN 102 123 123 GLN GLN A . n 
A 1 103 LYS 103 124 124 LYS LYS A . n 
A 1 104 ILE 104 125 125 ILE ILE A . n 
A 1 105 LYS 105 126 126 LYS LYS A . n 
A 1 106 LEU 106 127 127 LEU LEU A . n 
A 1 107 GLN 107 128 128 GLN GLN A . n 
A 1 108 ASN 108 129 129 ASN ASN A . n 
A 1 109 PRO 109 130 130 PRO PRO A . n 
A 1 110 GLU 110 131 131 GLU GLU A . n 
A 1 111 VAL 111 132 132 VAL VAL A . n 
A 1 112 LEU 112 133 133 LEU LEU A . n 
A 1 113 LYS 113 134 134 LYS LYS A . n 
A 1 114 LYS 114 135 135 LYS LYS A . n 
A 1 115 TRP 115 136 136 TRP TRP A . n 
A 1 116 LEU 116 137 137 LEU LEU A . n 
A 1 117 GLY 117 138 138 GLY GLY A . n 
A 1 118 GLU 118 139 139 GLU GLU A . n 
A 1 119 GLN 119 140 140 GLN GLN A . n 
A 1 120 THR 120 141 141 THR THR A . n 
A 1 121 ALA 121 142 142 ALA ALA A . n 
A 1 122 PHE 122 143 143 PHE PHE A . n 
A 1 123 ASP 123 144 144 ASP ASP A . n 
A 1 124 GLY 124 145 145 GLY GLY A . n 
A 1 125 LYS 125 146 146 LYS LYS A . n 
A 1 126 LYS 126 147 147 LYS LYS A . n 
A 1 127 VAL 127 148 148 VAL VAL A . n 
A 1 128 LEU 128 149 149 LEU LEU A . n 
A 1 129 ALA 129 150 150 ALA ALA A . n 
A 1 130 ALA 130 151 151 ALA ALA A . n 
A 1 131 TYR 131 152 152 TYR TYR A . n 
A 1 132 GLU 132 153 153 GLU GLU A . n 
A 1 133 SER 133 154 154 SER SER A . n 
A 1 134 PRO 134 155 155 PRO PRO A . n 
A 1 135 GLU 135 156 156 GLU GLU A . n 
A 1 136 SER 136 157 157 SER SER A . n 
A 1 137 GLN 137 158 158 GLN GLN A . n 
A 1 138 ALA 138 159 159 ALA ALA A . n 
A 1 139 ARG 139 160 160 ARG ARG A . n 
A 1 140 ALA 140 161 161 ALA ALA A . n 
A 1 141 ASP 141 162 162 ASP ASP A . n 
A 1 142 LYS 142 163 163 LYS LYS A . n 
A 1 143 MET 143 164 164 MET MET A . n 
A 1 144 GLN 144 165 165 GLN GLN A . n 
A 1 145 GLU 145 166 166 GLU GLU A . n 
A 1 146 LEU 146 167 167 LEU LEU A . n 
A 1 147 THR 147 168 168 THR THR A . n 
A 1 148 GLU 148 169 169 GLU GLU A . n 
A 1 149 THR 149 170 170 THR THR A . n 
A 1 150 PHE 150 171 171 PHE PHE A . n 
A 1 151 GLN 151 172 172 GLN GLN A . n 
A 1 152 ILE 152 173 173 ILE ILE A . n 
A 1 153 ASP 153 174 174 ASP ASP A . n 
A 1 154 GLY 154 175 175 GLY GLY A . n 
A 1 155 THR 155 176 176 THR THR A . n 
A 1 156 PRO 156 177 177 PRO PRO A . n 
A 1 157 THR 157 178 178 THR THR A . n 
A 1 158 VAL 158 179 179 VAL VAL A . n 
A 1 159 ILE 159 180 180 ILE ILE A . n 
A 1 160 VAL 160 181 181 VAL VAL A . n 
A 1 161 GLY 161 182 182 GLY GLY A . n 
A 1 162 GLY 162 183 183 GLY GLY A . n 
A 1 163 LYS 163 184 184 LYS LYS A . n 
A 1 164 TYR 164 185 185 TYR TYR A . n 
A 1 165 LYS 165 186 186 LYS LYS A . n 
A 1 166 VAL 166 187 187 VAL VAL A . n 
A 1 167 GLU 167 188 188 GLU GLU A . n 
A 1 168 PHE 168 189 189 PHE PHE A . n 
A 1 169 ALA 169 190 190 ALA ALA A . n 
A 1 170 ASP 170 191 191 ASP ASP A . n 
A 1 171 TRP 171 192 192 TRP TRP A . n 
A 1 172 GLU 172 193 193 GLU GLU A . n 
A 1 173 SER 173 194 194 SER SER A . n 
A 1 174 GLY 174 195 195 GLY GLY A . n 
A 1 175 MET 175 196 196 MET MET A . n 
A 1 176 ASN 176 197 197 ASN ASN A . n 
A 1 177 THR 177 198 198 THR THR A . n 
A 1 178 ILE 178 199 199 ILE ILE A . n 
A 1 179 ASP 179 200 200 ASP ASP A . n 
A 1 180 LEU 180 201 201 LEU LEU A . n 
A 1 181 LEU 181 202 202 LEU LEU A . n 
A 1 182 ALA 182 203 203 ALA ALA A . n 
A 1 183 ASP 183 204 204 ASP ASP A . n 
A 1 184 LYS 184 205 205 LYS LYS A . n 
A 1 185 VAL 185 206 206 VAL VAL A . n 
A 1 186 ARG 186 207 207 ARG ARG A . n 
A 1 187 GLU 187 208 208 GLU GLU A . n 
A 1 188 GLU 188 209 209 GLU GLU A . n 
A 1 189 GLN 189 210 210 GLN GLN A . n 
A 1 190 LYS 190 211 211 LYS LYS A . n 
A 1 191 ALA 191 212 212 ALA ALA A . n 
A 1 192 ALA 192 213 213 ALA ALA A . n 
A 1 193 GLN 193 214 ?   ?   ?   A . n 
# 
loop_
_pdbx_nonpoly_scheme.asym_id 
_pdbx_nonpoly_scheme.entity_id 
_pdbx_nonpoly_scheme.mon_id 
_pdbx_nonpoly_scheme.ndb_seq_num 
_pdbx_nonpoly_scheme.pdb_seq_num 
_pdbx_nonpoly_scheme.auth_seq_num 
_pdbx_nonpoly_scheme.pdb_mon_id 
_pdbx_nonpoly_scheme.auth_mon_id 
_pdbx_nonpoly_scheme.pdb_strand_id 
_pdbx_nonpoly_scheme.pdb_ins_code 
B 2 HOH 1   215 1   HOH HOH A . 
B 2 HOH 2   216 2   HOH HOH A . 
B 2 HOH 3   217 3   HOH HOH A . 
B 2 HOH 4   218 4   HOH HOH A . 
B 2 HOH 5   219 5   HOH HOH A . 
B 2 HOH 6   220 6   HOH HOH A . 
B 2 HOH 7   221 7   HOH HOH A . 
B 2 HOH 8   222 8   HOH HOH A . 
B 2 HOH 9   223 9   HOH HOH A . 
B 2 HOH 10  224 10  HOH HOH A . 
B 2 HOH 11  225 11  HOH HOH A . 
B 2 HOH 12  226 12  HOH HOH A . 
B 2 HOH 13  227 13  HOH HOH A . 
B 2 HOH 14  228 14  HOH HOH A . 
B 2 HOH 15  229 15  HOH HOH A . 
B 2 HOH 16  230 16  HOH HOH A . 
B 2 HOH 17  231 17  HOH HOH A . 
B 2 HOH 18  232 18  HOH HOH A . 
B 2 HOH 19  233 19  HOH HOH A . 
B 2 HOH 20  234 20  HOH HOH A . 
B 2 HOH 21  235 21  HOH HOH A . 
B 2 HOH 22  236 22  HOH HOH A . 
B 2 HOH 23  237 23  HOH HOH A . 
B 2 HOH 24  238 24  HOH HOH A . 
B 2 HOH 25  239 25  HOH HOH A . 
B 2 HOH 26  240 26  HOH HOH A . 
B 2 HOH 27  241 27  HOH HOH A . 
B 2 HOH 28  242 28  HOH HOH A . 
B 2 HOH 29  243 29  HOH HOH A . 
B 2 HOH 30  244 30  HOH HOH A . 
B 2 HOH 31  245 31  HOH HOH A . 
B 2 HOH 32  246 32  HOH HOH A . 
B 2 HOH 33  247 33  HOH HOH A . 
B 2 HOH 34  248 34  HOH HOH A . 
B 2 HOH 35  249 35  HOH HOH A . 
B 2 HOH 36  250 36  HOH HOH A . 
B 2 HOH 37  251 37  HOH HOH A . 
B 2 HOH 38  252 38  HOH HOH A . 
B 2 HOH 39  253 39  HOH HOH A . 
B 2 HOH 40  254 40  HOH HOH A . 
B 2 HOH 41  255 41  HOH HOH A . 
B 2 HOH 42  256 42  HOH HOH A . 
B 2 HOH 43  257 43  HOH HOH A . 
B 2 HOH 44  258 44  HOH HOH A . 
B 2 HOH 45  259 45  HOH HOH A . 
B 2 HOH 46  260 46  HOH HOH A . 
B 2 HOH 47  261 47  HOH HOH A . 
B 2 HOH 48  262 48  HOH HOH A . 
B 2 HOH 49  263 49  HOH HOH A . 
B 2 HOH 50  264 50  HOH HOH A . 
B 2 HOH 51  265 51  HOH HOH A . 
B 2 HOH 52  266 52  HOH HOH A . 
B 2 HOH 53  267 53  HOH HOH A . 
B 2 HOH 54  268 54  HOH HOH A . 
B 2 HOH 55  269 55  HOH HOH A . 
B 2 HOH 56  270 56  HOH HOH A . 
B 2 HOH 57  271 57  HOH HOH A . 
B 2 HOH 58  272 58  HOH HOH A . 
B 2 HOH 59  273 59  HOH HOH A . 
B 2 HOH 60  274 60  HOH HOH A . 
B 2 HOH 61  275 61  HOH HOH A . 
B 2 HOH 62  276 62  HOH HOH A . 
B 2 HOH 63  277 63  HOH HOH A . 
B 2 HOH 64  278 64  HOH HOH A . 
B 2 HOH 65  279 65  HOH HOH A . 
B 2 HOH 66  280 66  HOH HOH A . 
B 2 HOH 67  281 67  HOH HOH A . 
B 2 HOH 68  282 68  HOH HOH A . 
B 2 HOH 69  283 69  HOH HOH A . 
B 2 HOH 70  284 70  HOH HOH A . 
B 2 HOH 71  285 71  HOH HOH A . 
B 2 HOH 72  286 72  HOH HOH A . 
B 2 HOH 73  287 73  HOH HOH A . 
B 2 HOH 74  288 74  HOH HOH A . 
B 2 HOH 75  289 75  HOH HOH A . 
B 2 HOH 76  290 76  HOH HOH A . 
B 2 HOH 77  291 77  HOH HOH A . 
B 2 HOH 78  292 78  HOH HOH A . 
B 2 HOH 79  293 79  HOH HOH A . 
B 2 HOH 80  294 80  HOH HOH A . 
B 2 HOH 81  295 81  HOH HOH A . 
B 2 HOH 82  296 82  HOH HOH A . 
B 2 HOH 83  297 83  HOH HOH A . 
B 2 HOH 84  298 84  HOH HOH A . 
B 2 HOH 85  299 85  HOH HOH A . 
B 2 HOH 86  300 86  HOH HOH A . 
B 2 HOH 87  301 87  HOH HOH A . 
B 2 HOH 88  302 88  HOH HOH A . 
B 2 HOH 89  303 89  HOH HOH A . 
B 2 HOH 90  304 90  HOH HOH A . 
B 2 HOH 91  305 91  HOH HOH A . 
B 2 HOH 92  306 92  HOH HOH A . 
B 2 HOH 93  307 93  HOH HOH A . 
B 2 HOH 94  308 94  HOH HOH A . 
B 2 HOH 95  309 95  HOH HOH A . 
B 2 HOH 96  310 96  HOH HOH A . 
B 2 HOH 97  311 97  HOH HOH A . 
B 2 HOH 98  312 98  HOH HOH A . 
B 2 HOH 99  313 99  HOH HOH A . 
B 2 HOH 100 314 100 HOH HOH A . 
B 2 HOH 101 315 101 HOH HOH A . 
B 2 HOH 102 316 102 HOH HOH A . 
B 2 HOH 103 317 103 HOH HOH A . 
B 2 HOH 104 318 104 HOH HOH A . 
B 2 HOH 105 319 105 HOH HOH A . 
B 2 HOH 106 320 106 HOH HOH A . 
B 2 HOH 107 321 107 HOH HOH A . 
B 2 HOH 108 322 108 HOH HOH A . 
B 2 HOH 109 323 109 HOH HOH A . 
B 2 HOH 110 324 110 HOH HOH A . 
B 2 HOH 111 325 111 HOH HOH A . 
B 2 HOH 112 326 112 HOH HOH A . 
B 2 HOH 113 327 113 HOH HOH A . 
B 2 HOH 114 328 114 HOH HOH A . 
B 2 HOH 115 329 115 HOH HOH A . 
B 2 HOH 116 330 116 HOH HOH A . 
B 2 HOH 117 331 117 HOH HOH A . 
B 2 HOH 118 332 118 HOH HOH A . 
B 2 HOH 119 333 119 HOH HOH A . 
B 2 HOH 120 334 120 HOH HOH A . 
B 2 HOH 121 335 121 HOH HOH A . 
B 2 HOH 122 336 122 HOH HOH A . 
B 2 HOH 123 337 123 HOH HOH A . 
B 2 HOH 124 338 124 HOH HOH A . 
B 2 HOH 125 339 125 HOH HOH A . 
B 2 HOH 126 340 126 HOH HOH A . 
B 2 HOH 127 341 127 HOH HOH A . 
B 2 HOH 128 342 128 HOH HOH A . 
B 2 HOH 129 343 129 HOH HOH A . 
B 2 HOH 130 344 130 HOH HOH A . 
B 2 HOH 131 345 131 HOH HOH A . 
B 2 HOH 132 346 132 HOH HOH A . 
B 2 HOH 133 347 133 HOH HOH A . 
B 2 HOH 134 348 134 HOH HOH A . 
B 2 HOH 135 349 135 HOH HOH A . 
B 2 HOH 136 350 136 HOH HOH A . 
B 2 HOH 137 351 137 HOH HOH A . 
B 2 HOH 138 352 138 HOH HOH A . 
B 2 HOH 139 353 139 HOH HOH A . 
B 2 HOH 140 354 140 HOH HOH A . 
B 2 HOH 141 355 141 HOH HOH A . 
B 2 HOH 142 356 142 HOH HOH A . 
B 2 HOH 143 357 143 HOH HOH A . 
B 2 HOH 144 359 145 HOH HOH A . 
B 2 HOH 145 360 146 HOH HOH A . 
B 2 HOH 146 361 147 HOH HOH A . 
B 2 HOH 147 362 148 HOH HOH A . 
B 2 HOH 148 363 149 HOH HOH A . 
B 2 HOH 149 364 150 HOH HOH A . 
B 2 HOH 150 365 151 HOH HOH A . 
B 2 HOH 151 366 152 HOH HOH A . 
B 2 HOH 152 367 153 HOH HOH A . 
B 2 HOH 153 368 154 HOH HOH A . 
B 2 HOH 154 369 155 HOH HOH A . 
B 2 HOH 155 370 156 HOH HOH A . 
B 2 HOH 156 371 157 HOH HOH A . 
B 2 HOH 157 372 158 HOH HOH A . 
B 2 HOH 158 373 159 HOH HOH A . 
B 2 HOH 159 374 160 HOH HOH A . 
B 2 HOH 160 375 161 HOH HOH A . 
B 2 HOH 161 376 162 HOH HOH A . 
B 2 HOH 162 377 163 HOH HOH A . 
B 2 HOH 163 378 164 HOH HOH A . 
B 2 HOH 164 379 165 HOH HOH A . 
B 2 HOH 165 380 166 HOH HOH A . 
B 2 HOH 166 381 167 HOH HOH A . 
B 2 HOH 167 382 168 HOH HOH A . 
B 2 HOH 168 383 169 HOH HOH A . 
B 2 HOH 169 384 170 HOH HOH A . 
B 2 HOH 170 385 171 HOH HOH A . 
B 2 HOH 171 386 172 HOH HOH A . 
B 2 HOH 172 387 173 HOH HOH A . 
B 2 HOH 173 388 174 HOH HOH A . 
B 2 HOH 174 389 175 HOH HOH A . 
B 2 HOH 175 390 176 HOH HOH A . 
B 2 HOH 176 391 177 HOH HOH A . 
B 2 HOH 177 392 178 HOH HOH A . 
B 2 HOH 178 393 179 HOH HOH A . 
# 
loop_
_software.name 
_software.classification 
_software.version 
_software.citation_id 
_software.pdbx_ordinal 
REFMAC refinement        5.2.0019 ? 1 
XNEMO  'data collection' .        ? 2 
MOSFLM 'data reduction'  .        ? 3 
SCALA  'data scaling'    .        ? 4 
SHARP  phasing           .        ? 5 
# 
_cell.entry_id           3DVW 
_cell.length_a           44.080 
_cell.length_b           46.418 
_cell.length_c           79.930 
_cell.angle_alpha        90.00 
_cell.angle_beta         90.00 
_cell.angle_gamma        90.00 
_cell.Z_PDB              4 
_cell.pdbx_unique_axis   ? 
_cell.length_a_esd       ? 
_cell.length_b_esd       ? 
_cell.length_c_esd       ? 
_cell.angle_alpha_esd    ? 
_cell.angle_beta_esd     ? 
_cell.angle_gamma_esd    ? 
# 
_symmetry.entry_id                         3DVW 
_symmetry.space_group_name_H-M             'P 21 21 21' 
_symmetry.pdbx_full_space_group_name_H-M   ? 
_symmetry.cell_setting                     ? 
_symmetry.Int_Tables_number                19 
_symmetry.space_group_name_Hall            ? 
# 
_exptl.entry_id          3DVW 
_exptl.method            'X-RAY DIFFRACTION' 
_exptl.crystals_number   1 
# 
_exptl_crystal.id                    1 
_exptl_crystal.density_meas          ? 
_exptl_crystal.density_Matthews      1.90 
_exptl_crystal.density_percent_sol   35.29 
_exptl_crystal.description           ? 
_exptl_crystal.F_000                 ? 
_exptl_crystal.preparation           ? 
# 
_exptl_crystal_grow.crystal_id      1 
_exptl_crystal_grow.method          'VAPOR DIFFUSION, HANGING DROP' 
_exptl_crystal_grow.temp            293 
_exptl_crystal_grow.temp_details    ? 
_exptl_crystal_grow.pH              9.0 
_exptl_crystal_grow.pdbx_details    
'2.4 M Ammonium sulfate, 0.1 M Bicine pH 9.0 or 1.6 M Trisodium citrate, VAPOR DIFFUSION, HANGING DROP, temperature 293K' 
_exptl_crystal_grow.pdbx_pH_range   . 
# 
_diffrn.id                     1 
_diffrn.ambient_temp           100 
_diffrn.ambient_temp_details   ? 
_diffrn.crystal_id             1 
# 
_diffrn_detector.diffrn_id              1 
_diffrn_detector.detector               CCD 
_diffrn_detector.type                   'ADSC QUANTUM 315' 
_diffrn_detector.pdbx_collection_date   ? 
_diffrn_detector.details                'Mirrors, horizontal focusing by sagitally curved 2nd crystal' 
# 
_diffrn_radiation.diffrn_id                        1 
_diffrn_radiation.wavelength_id                    1 
_diffrn_radiation.pdbx_monochromatic_or_laue_m_l   M 
_diffrn_radiation.monochromator                    'Double crystal' 
_diffrn_radiation.pdbx_diffrn_protocol             'SINGLE WAVELENGTH' 
_diffrn_radiation.pdbx_scattering_type             x-ray 
# 
_diffrn_radiation_wavelength.id           1 
_diffrn_radiation_wavelength.wavelength   0.97900 
_diffrn_radiation_wavelength.wt           1.0 
# 
_diffrn_source.diffrn_id                   1 
_diffrn_source.source                      SYNCHROTRON 
_diffrn_source.type                        'ESRF BEAMLINE BM30A' 
_diffrn_source.pdbx_synchrotron_site       ESRF 
_diffrn_source.pdbx_synchrotron_beamline   BM30A 
_diffrn_source.pdbx_wavelength             ? 
_diffrn_source.pdbx_wavelength_list        0.97900 
# 
_reflns.entry_id                     3DVW 
_reflns.observed_criterion_sigma_F   ? 
_reflns.observed_criterion_sigma_I   ? 
_reflns.d_resolution_high            1.50 
_reflns.d_resolution_low             46.0 
_reflns.number_all                   ? 
_reflns.number_obs                   26907 
_reflns.percent_possible_obs         99.5 
_reflns.pdbx_Rmerge_I_obs            ? 
_reflns.pdbx_Rsym_value              0.064 
_reflns.pdbx_netI_over_sigmaI        6.8 
_reflns.B_iso_Wilson_estimate        17.4 
_reflns.pdbx_redundancy              10.2 
_reflns.R_free_details               ? 
_reflns.limit_h_max                  ? 
_reflns.limit_h_min                  ? 
_reflns.limit_k_max                  ? 
_reflns.limit_k_min                  ? 
_reflns.limit_l_max                  ? 
_reflns.limit_l_min                  ? 
_reflns.observed_criterion_F_max     ? 
_reflns.observed_criterion_F_min     ? 
_reflns.pdbx_chi_squared             ? 
_reflns.pdbx_scaling_rejects         ? 
_reflns.pdbx_diffrn_id               1 
_reflns.pdbx_ordinal                 1 
# 
_reflns_shell.d_res_high             1.50 
_reflns_shell.d_res_low              1.58 
_reflns_shell.percent_possible_all   97.4 
_reflns_shell.Rmerge_I_obs           ? 
_reflns_shell.pdbx_Rsym_value        0.241 
_reflns_shell.meanI_over_sigI_obs    3.1 
_reflns_shell.pdbx_redundancy        4.1 
_reflns_shell.percent_possible_obs   ? 
_reflns_shell.number_unique_all      ? 
_reflns_shell.number_measured_all    ? 
_reflns_shell.number_measured_obs    ? 
_reflns_shell.number_unique_obs      ? 
_reflns_shell.pdbx_chi_squared       ? 
_reflns_shell.pdbx_diffrn_id         ? 
_reflns_shell.pdbx_ordinal           1 
# 
_refine.entry_id                                 3DVW 
_refine.ls_number_reflns_obs                     25466 
_refine.ls_number_reflns_all                     ? 
_refine.pdbx_ls_sigma_I                          ? 
_refine.pdbx_ls_sigma_F                          ? 
_refine.pdbx_data_cutoff_high_absF               ? 
_refine.pdbx_data_cutoff_low_absF                ? 
_refine.pdbx_data_cutoff_high_rms_absF           ? 
_refine.ls_d_res_low                             20.54 
_refine.ls_d_res_high                            1.50 
_refine.ls_percent_reflns_obs                    99.45 
_refine.ls_R_factor_obs                          0.18148 
_refine.ls_R_factor_all                          ? 
_refine.ls_R_factor_R_work                       0.18148 
_refine.ls_R_factor_R_free                       0.21064 
_refine.ls_R_factor_R_free_error                 ? 
_refine.ls_R_factor_R_free_error_details         ? 
_refine.ls_percent_reflns_R_free                 5.0 
_refine.ls_number_reflns_R_free                  1342 
_refine.ls_number_parameters                     ? 
_refine.ls_number_restraints                     ? 
_refine.occupancy_min                            ? 
_refine.occupancy_max                            ? 
_refine.correlation_coeff_Fo_to_Fc               0.959 
_refine.correlation_coeff_Fo_to_Fc_free          0.943 
_refine.B_iso_mean                               12.808 
_refine.aniso_B[1][1]                            -0.07 
_refine.aniso_B[2][2]                            0.02 
_refine.aniso_B[3][3]                            0.05 
_refine.aniso_B[1][2]                            0.00 
_refine.aniso_B[1][3]                            0.00 
_refine.aniso_B[2][3]                            0.00 
_refine.solvent_model_details                    MASK 
_refine.solvent_model_param_ksol                 ? 
_refine.solvent_model_param_bsol                 ? 
_refine.pdbx_solvent_vdw_probe_radii             1.40 
_refine.pdbx_solvent_ion_probe_radii             0.80 
_refine.pdbx_solvent_shrinkage_radii             0.80 
_refine.pdbx_ls_cross_valid_method               THROUGHOUT 
_refine.details                                  'HYDROGENS HAVE BEEN ADDED IN THE RIDING POSITIONS' 
_refine.pdbx_starting_model                      ? 
_refine.pdbx_method_to_determine_struct          SAD 
_refine.pdbx_isotropic_thermal_model             ? 
_refine.pdbx_stereochemistry_target_values       'MAXIMUM LIKELIHOOD' 
_refine.pdbx_stereochem_target_val_spec_case     ? 
_refine.pdbx_R_Free_selection_details            RANDOM 
_refine.pdbx_overall_ESU_R                       0.083 
_refine.pdbx_overall_ESU_R_Free                  0.083 
_refine.overall_SU_ML                            0.048 
_refine.overall_SU_B                             1.247 
_refine.ls_redundancy_reflns_obs                 ? 
_refine.B_iso_min                                ? 
_refine.B_iso_max                                ? 
_refine.overall_SU_R_Cruickshank_DPI             ? 
_refine.overall_SU_R_free                        ? 
_refine.ls_wR_factor_R_free                      ? 
_refine.ls_wR_factor_R_work                      ? 
_refine.overall_FOM_free_R_set                   ? 
_refine.overall_FOM_work_R_set                   ? 
_refine.pdbx_overall_phase_error                 ? 
_refine.pdbx_refine_id                           'X-RAY DIFFRACTION' 
_refine.pdbx_diffrn_id                           1 
_refine.pdbx_TLS_residual_ADP_flag               ? 
_refine.pdbx_overall_SU_R_free_Cruickshank_DPI   ? 
_refine.pdbx_overall_SU_R_Blow_DPI               ? 
_refine.pdbx_overall_SU_R_free_Blow_DPI          ? 
# 
_refine_hist.pdbx_refine_id                   'X-RAY DIFFRACTION' 
_refine_hist.cycle_id                         LAST 
_refine_hist.pdbx_number_atoms_protein        1532 
_refine_hist.pdbx_number_atoms_nucleic_acid   0 
_refine_hist.pdbx_number_atoms_ligand         0 
_refine_hist.number_atoms_solvent             179 
_refine_hist.number_atoms_total               1711 
_refine_hist.d_res_high                       1.50 
_refine_hist.d_res_low                        20.54 
# 
loop_
_refine_ls_restr.type 
_refine_ls_restr.dev_ideal 
_refine_ls_restr.dev_ideal_target 
_refine_ls_restr.weight 
_refine_ls_restr.number 
_refine_ls_restr.pdbx_refine_id 
_refine_ls_restr.pdbx_restraint_function 
r_bond_refined_d         0.010  0.022  ? 1570 'X-RAY DIFFRACTION' ? 
r_bond_other_d           0.001  0.020  ? 1053 'X-RAY DIFFRACTION' ? 
r_angle_refined_deg      1.214  1.949  ? 2133 'X-RAY DIFFRACTION' ? 
r_angle_other_deg        0.854  3.000  ? 2600 'X-RAY DIFFRACTION' ? 
r_dihedral_angle_1_deg   5.515  5.000  ? 202  'X-RAY DIFFRACTION' ? 
r_dihedral_angle_2_deg   32.808 25.890 ? 73   'X-RAY DIFFRACTION' ? 
r_dihedral_angle_3_deg   11.921 15.000 ? 282  'X-RAY DIFFRACTION' ? 
r_dihedral_angle_4_deg   15.014 15.000 ? 4    'X-RAY DIFFRACTION' ? 
r_chiral_restr           0.069  0.200  ? 237  'X-RAY DIFFRACTION' ? 
r_gen_planes_refined     0.005  0.020  ? 1756 'X-RAY DIFFRACTION' ? 
r_gen_planes_other       0.001  0.020  ? 293  'X-RAY DIFFRACTION' ? 
r_nbd_refined            0.207  0.200  ? 321  'X-RAY DIFFRACTION' ? 
r_nbd_other              0.183  0.200  ? 1089 'X-RAY DIFFRACTION' ? 
r_nbtor_refined          0.177  0.200  ? 782  'X-RAY DIFFRACTION' ? 
r_nbtor_other            0.086  0.200  ? 727  'X-RAY DIFFRACTION' ? 
r_xyhbond_nbd_refined    0.142  0.200  ? 113  'X-RAY DIFFRACTION' ? 
r_symmetry_vdw_refined   0.189  0.200  ? 12   'X-RAY DIFFRACTION' ? 
r_symmetry_vdw_other     0.222  0.200  ? 43   'X-RAY DIFFRACTION' ? 
r_symmetry_hbond_refined 0.088  0.200  ? 26   'X-RAY DIFFRACTION' ? 
r_mcbond_it              0.933  1.500  ? 1272 'X-RAY DIFFRACTION' ? 
r_mcbond_other           0.165  1.500  ? 393  'X-RAY DIFFRACTION' ? 
r_mcangle_it             1.107  2.000  ? 1570 'X-RAY DIFFRACTION' ? 
r_scbond_it              1.990  3.000  ? 700  'X-RAY DIFFRACTION' ? 
r_scangle_it             2.838  4.500  ? 558  'X-RAY DIFFRACTION' ? 
# 
_refine_ls_shell.pdbx_total_number_of_bins_used   20 
_refine_ls_shell.d_res_high                       1.500 
_refine_ls_shell.d_res_low                        1.539 
_refine_ls_shell.number_reflns_R_work             1762 
_refine_ls_shell.R_factor_R_work                  0.223 
_refine_ls_shell.percent_reflns_obs               95.34 
_refine_ls_shell.R_factor_R_free                  0.258 
_refine_ls_shell.R_factor_R_free_error            ? 
_refine_ls_shell.percent_reflns_R_free            ? 
_refine_ls_shell.number_reflns_R_free             100 
_refine_ls_shell.number_reflns_all                ? 
_refine_ls_shell.R_factor_all                     ? 
_refine_ls_shell.number_reflns_obs                ? 
_refine_ls_shell.redundancy_reflns_obs            ? 
_refine_ls_shell.pdbx_refine_id                   'X-RAY DIFFRACTION' 
# 
_struct.entry_id                  3DVW 
_struct.title                     'Crystal structure of reduced DsbA1 from Neisseria meningitidis' 
_struct.pdbx_model_details        ? 
_struct.pdbx_CASP_flag            ? 
_struct.pdbx_model_type_details   ? 
# 
_struct_keywords.entry_id        3DVW 
_struct_keywords.pdbx_keywords   OXIDOREDUCTASE 
_struct_keywords.text            'thiol-oxidoreductase, neisseria, DsbA, disulfide bond, OXIDOREDUCTASE' 
# 
loop_
_struct_asym.id 
_struct_asym.pdbx_blank_PDB_chainid_flag 
_struct_asym.pdbx_modified 
_struct_asym.entity_id 
_struct_asym.details 
A N N 1 ? 
B N N 2 ? 
# 
_struct_ref.id                         1 
_struct_ref.db_name                    UNP 
_struct_ref.db_code                    Q9K189_NEIMB 
_struct_ref.pdbx_db_accession          Q9K189 
_struct_ref.entity_id                  1 
_struct_ref.pdbx_seq_one_letter_code   
;PAGLVEGQNYTVLANPIPQQQAGKVEVLEFFGYFCPHCAHLEPVLSKHAKSFKDDMYLRTEHVVWQKEMLTLARLAAAVD
MAAADSKDVANSHIFDAMVNQKIKLQNPEVLKKWLGEQTAFDGKKVLAAYESPESQARADKMQELTETFQIDGTPTVIVG
GKYKVEFADWESGMNTIDLLADKVREEQKAAQ
;
_struct_ref.pdbx_align_begin           41 
_struct_ref.pdbx_db_isoform            ? 
# 
_struct_ref_seq.align_id                      1 
_struct_ref_seq.ref_id                        1 
_struct_ref_seq.pdbx_PDB_id_code              3DVW 
_struct_ref_seq.pdbx_strand_id                A 
_struct_ref_seq.seq_align_beg                 2 
_struct_ref_seq.pdbx_seq_align_beg_ins_code   ? 
_struct_ref_seq.seq_align_end                 193 
_struct_ref_seq.pdbx_seq_align_end_ins_code   ? 
_struct_ref_seq.pdbx_db_accession             Q9K189 
_struct_ref_seq.db_align_beg                  41 
_struct_ref_seq.pdbx_db_align_beg_ins_code    ? 
_struct_ref_seq.db_align_end                  232 
_struct_ref_seq.pdbx_db_align_end_ins_code    ? 
_struct_ref_seq.pdbx_auth_seq_align_beg       23 
_struct_ref_seq.pdbx_auth_seq_align_end       214 
# 
_struct_ref_seq_dif.align_id                     1 
_struct_ref_seq_dif.pdbx_pdb_id_code             3DVW 
_struct_ref_seq_dif.mon_id                       GLY 
_struct_ref_seq_dif.pdbx_pdb_strand_id           A 
_struct_ref_seq_dif.seq_num                      1 
_struct_ref_seq_dif.pdbx_pdb_ins_code            ? 
_struct_ref_seq_dif.pdbx_seq_db_name             UNP 
_struct_ref_seq_dif.pdbx_seq_db_accession_code   Q9K189 
_struct_ref_seq_dif.db_mon_id                    ? 
_struct_ref_seq_dif.pdbx_seq_db_seq_num          ? 
_struct_ref_seq_dif.details                      'expression tag' 
_struct_ref_seq_dif.pdbx_auth_seq_num            22 
_struct_ref_seq_dif.pdbx_ordinal                 1 
# 
_pdbx_struct_assembly.id                   1 
_pdbx_struct_assembly.details              author_and_software_defined_assembly 
_pdbx_struct_assembly.method_details       PISA 
_pdbx_struct_assembly.oligomeric_details   monomeric 
_pdbx_struct_assembly.oligomeric_count     1 
# 
_pdbx_struct_assembly_gen.assembly_id       1 
_pdbx_struct_assembly_gen.oper_expression   1 
_pdbx_struct_assembly_gen.asym_id_list      A,B 
# 
_pdbx_struct_oper_list.id                   1 
_pdbx_struct_oper_list.type                 'identity operation' 
_pdbx_struct_oper_list.name                 1_555 
_pdbx_struct_oper_list.symmetry_operation   x,y,z 
_pdbx_struct_oper_list.matrix[1][1]         1.0000000000 
_pdbx_struct_oper_list.matrix[1][2]         0.0000000000 
_pdbx_struct_oper_list.matrix[1][3]         0.0000000000 
_pdbx_struct_oper_list.vector[1]            0.0000000000 
_pdbx_struct_oper_list.matrix[2][1]         0.0000000000 
_pdbx_struct_oper_list.matrix[2][2]         1.0000000000 
_pdbx_struct_oper_list.matrix[2][3]         0.0000000000 
_pdbx_struct_oper_list.vector[2]            0.0000000000 
_pdbx_struct_oper_list.matrix[3][1]         0.0000000000 
_pdbx_struct_oper_list.matrix[3][2]         0.0000000000 
_pdbx_struct_oper_list.matrix[3][3]         1.0000000000 
_pdbx_struct_oper_list.vector[3]            0.0000000000 
# 
_struct_biol.id        1 
_struct_biol.details   ? 
# 
loop_
_struct_conf.conf_type_id 
_struct_conf.id 
_struct_conf.pdbx_PDB_helix_id 
_struct_conf.beg_label_comp_id 
_struct_conf.beg_label_asym_id 
_struct_conf.beg_label_seq_id 
_struct_conf.pdbx_beg_PDB_ins_code 
_struct_conf.end_label_comp_id 
_struct_conf.end_label_asym_id 
_struct_conf.end_label_seq_id 
_struct_conf.pdbx_end_PDB_ins_code 
_struct_conf.beg_auth_comp_id 
_struct_conf.beg_auth_asym_id 
_struct_conf.beg_auth_seq_id 
_struct_conf.end_auth_comp_id 
_struct_conf.end_auth_asym_id 
_struct_conf.end_auth_seq_id 
_struct_conf.pdbx_PDB_helix_class 
_struct_conf.details 
_struct_conf.pdbx_PDB_helix_length 
HELX_P HELX_P1 1 CYS A 36  ? LYS A 51  ? CYS A 57  LYS A 72  1 ? 16 
HELX_P HELX_P2 2 GLN A 67  ? GLU A 69  ? GLN A 88  GLU A 90  5 ? 3  
HELX_P HELX_P3 3 MET A 70  ? ALA A 84  ? MET A 91  ALA A 105 1 ? 15 
HELX_P HELX_P4 4 SER A 87  ? ASN A 101 ? SER A 108 ASN A 122 1 ? 15 
HELX_P HELX_P5 5 ASN A 108 ? GLU A 118 ? ASN A 129 GLU A 139 1 ? 11 
HELX_P HELX_P6 6 ASP A 123 ? SER A 133 ? ASP A 144 SER A 154 1 ? 11 
HELX_P HELX_P7 7 SER A 133 ? PHE A 150 ? SER A 154 PHE A 171 1 ? 18 
HELX_P HELX_P8 8 ASP A 170 ? ALA A 192 ? ASP A 191 ALA A 213 1 ? 23 
# 
_struct_conf_type.id          HELX_P 
_struct_conf_type.criteria    ? 
_struct_conf_type.reference   ? 
# 
_struct_mon_prot_cis.pdbx_id                1 
_struct_mon_prot_cis.label_comp_id          THR 
_struct_mon_prot_cis.label_seq_id           155 
_struct_mon_prot_cis.label_asym_id          A 
_struct_mon_prot_cis.label_alt_id           . 
_struct_mon_prot_cis.pdbx_PDB_ins_code      ? 
_struct_mon_prot_cis.auth_comp_id           THR 
_struct_mon_prot_cis.auth_seq_id            176 
_struct_mon_prot_cis.auth_asym_id           A 
_struct_mon_prot_cis.pdbx_label_comp_id_2   PRO 
_struct_mon_prot_cis.pdbx_label_seq_id_2    156 
_struct_mon_prot_cis.pdbx_label_asym_id_2   A 
_struct_mon_prot_cis.pdbx_PDB_ins_code_2    ? 
_struct_mon_prot_cis.pdbx_auth_comp_id_2    PRO 
_struct_mon_prot_cis.pdbx_auth_seq_id_2     177 
_struct_mon_prot_cis.pdbx_auth_asym_id_2    A 
_struct_mon_prot_cis.pdbx_PDB_model_num     1 
_struct_mon_prot_cis.pdbx_omega_angle       -6.64 
# 
_struct_sheet.id               A 
_struct_sheet.type             ? 
_struct_sheet.number_strands   5 
_struct_sheet.details          ? 
# 
loop_
_struct_sheet_order.sheet_id 
_struct_sheet_order.range_id_1 
_struct_sheet_order.range_id_2 
_struct_sheet_order.offset 
_struct_sheet_order.sense 
A 1 2 ? anti-parallel 
A 2 3 ? anti-parallel 
A 3 4 ? anti-parallel 
A 4 5 ? parallel      
# 
loop_
_struct_sheet_range.sheet_id 
_struct_sheet_range.id 
_struct_sheet_range.beg_label_comp_id 
_struct_sheet_range.beg_label_asym_id 
_struct_sheet_range.beg_label_seq_id 
_struct_sheet_range.pdbx_beg_PDB_ins_code 
_struct_sheet_range.end_label_comp_id 
_struct_sheet_range.end_label_asym_id 
_struct_sheet_range.end_label_seq_id 
_struct_sheet_range.pdbx_end_PDB_ins_code 
_struct_sheet_range.beg_auth_comp_id 
_struct_sheet_range.beg_auth_asym_id 
_struct_sheet_range.beg_auth_seq_id 
_struct_sheet_range.end_auth_comp_id 
_struct_sheet_range.end_auth_asym_id 
_struct_sheet_range.end_auth_seq_id 
A 1 TYR A 11  ? VAL A 13  ? TYR A 32  VAL A 34  
A 2 TYR A 164 ? VAL A 166 ? TYR A 185 VAL A 187 
A 3 THR A 157 ? VAL A 160 ? THR A 178 VAL A 181 
A 4 VAL A 26  ? PHE A 32  ? VAL A 47  PHE A 53  
A 5 MET A 57  ? HIS A 63  ? MET A 78  HIS A 84  
# 
loop_
_pdbx_struct_sheet_hbond.sheet_id 
_pdbx_struct_sheet_hbond.range_id_1 
_pdbx_struct_sheet_hbond.range_id_2 
_pdbx_struct_sheet_hbond.range_1_label_atom_id 
_pdbx_struct_sheet_hbond.range_1_label_comp_id 
_pdbx_struct_sheet_hbond.range_1_label_asym_id 
_pdbx_struct_sheet_hbond.range_1_label_seq_id 
_pdbx_struct_sheet_hbond.range_1_PDB_ins_code 
_pdbx_struct_sheet_hbond.range_1_auth_atom_id 
_pdbx_struct_sheet_hbond.range_1_auth_comp_id 
_pdbx_struct_sheet_hbond.range_1_auth_asym_id 
_pdbx_struct_sheet_hbond.range_1_auth_seq_id 
_pdbx_struct_sheet_hbond.range_2_label_atom_id 
_pdbx_struct_sheet_hbond.range_2_label_comp_id 
_pdbx_struct_sheet_hbond.range_2_label_asym_id 
_pdbx_struct_sheet_hbond.range_2_label_seq_id 
_pdbx_struct_sheet_hbond.range_2_PDB_ins_code 
_pdbx_struct_sheet_hbond.range_2_auth_atom_id 
_pdbx_struct_sheet_hbond.range_2_auth_comp_id 
_pdbx_struct_sheet_hbond.range_2_auth_asym_id 
_pdbx_struct_sheet_hbond.range_2_auth_seq_id 
A 1 2 N THR A 12  ? N THR A 33  O LYS A 165 ? O LYS A 186 
A 2 3 O TYR A 164 ? O TYR A 185 N VAL A 160 ? N VAL A 181 
A 3 4 O ILE A 159 ? O ILE A 180 N LEU A 29  ? N LEU A 50  
A 4 5 N VAL A 28  ? N VAL A 49  O ARG A 60  ? O ARG A 81  
# 
_pdbx_validate_torsion.id              1 
_pdbx_validate_torsion.PDB_model_num   1 
_pdbx_validate_torsion.auth_comp_id    ALA 
_pdbx_validate_torsion.auth_asym_id    A 
_pdbx_validate_torsion.auth_seq_id     106 
_pdbx_validate_torsion.PDB_ins_code    ? 
_pdbx_validate_torsion.label_alt_id    ? 
_pdbx_validate_torsion.phi             51.75 
_pdbx_validate_torsion.psi             -124.57 
# 
loop_
_pdbx_unobs_or_zero_occ_residues.id 
_pdbx_unobs_or_zero_occ_residues.PDB_model_num 
_pdbx_unobs_or_zero_occ_residues.polymer_flag 
_pdbx_unobs_or_zero_occ_residues.occupancy_flag 
_pdbx_unobs_or_zero_occ_residues.auth_asym_id 
_pdbx_unobs_or_zero_occ_residues.auth_comp_id 
_pdbx_unobs_or_zero_occ_residues.auth_seq_id 
_pdbx_unobs_or_zero_occ_residues.PDB_ins_code 
_pdbx_unobs_or_zero_occ_residues.label_asym_id 
_pdbx_unobs_or_zero_occ_residues.label_comp_id 
_pdbx_unobs_or_zero_occ_residues.label_seq_id 
1 1 Y 1 A GLY 22  ? A GLY 1   
2 1 Y 1 A GLN 214 ? A GLN 193 
# 
loop_
_chem_comp_atom.comp_id 
_chem_comp_atom.atom_id 
_chem_comp_atom.type_symbol 
_chem_comp_atom.pdbx_aromatic_flag 
_chem_comp_atom.pdbx_stereo_config 
_chem_comp_atom.pdbx_ordinal 
ALA N    N N N 1   
ALA CA   C N S 2   
ALA C    C N N 3   
ALA O    O N N 4   
ALA CB   C N N 5   
ALA OXT  O N N 6   
ALA H    H N N 7   
ALA H2   H N N 8   
ALA HA   H N N 9   
ALA HB1  H N N 10  
ALA HB2  H N N 11  
ALA HB3  H N N 12  
ALA HXT  H N N 13  
ARG N    N N N 14  
ARG CA   C N S 15  
ARG C    C N N 16  
ARG O    O N N 17  
ARG CB   C N N 18  
ARG CG   C N N 19  
ARG CD   C N N 20  
ARG NE   N N N 21  
ARG CZ   C N N 22  
ARG NH1  N N N 23  
ARG NH2  N N N 24  
ARG OXT  O N N 25  
ARG H    H N N 26  
ARG H2   H N N 27  
ARG HA   H N N 28  
ARG HB2  H N N 29  
ARG HB3  H N N 30  
ARG HG2  H N N 31  
ARG HG3  H N N 32  
ARG HD2  H N N 33  
ARG HD3  H N N 34  
ARG HE   H N N 35  
ARG HH11 H N N 36  
ARG HH12 H N N 37  
ARG HH21 H N N 38  
ARG HH22 H N N 39  
ARG HXT  H N N 40  
ASN N    N N N 41  
ASN CA   C N S 42  
ASN C    C N N 43  
ASN O    O N N 44  
ASN CB   C N N 45  
ASN CG   C N N 46  
ASN OD1  O N N 47  
ASN ND2  N N N 48  
ASN OXT  O N N 49  
ASN H    H N N 50  
ASN H2   H N N 51  
ASN HA   H N N 52  
ASN HB2  H N N 53  
ASN HB3  H N N 54  
ASN HD21 H N N 55  
ASN HD22 H N N 56  
ASN HXT  H N N 57  
ASP N    N N N 58  
ASP CA   C N S 59  
ASP C    C N N 60  
ASP O    O N N 61  
ASP CB   C N N 62  
ASP CG   C N N 63  
ASP OD1  O N N 64  
ASP OD2  O N N 65  
ASP OXT  O N N 66  
ASP H    H N N 67  
ASP H2   H N N 68  
ASP HA   H N N 69  
ASP HB2  H N N 70  
ASP HB3  H N N 71  
ASP HD2  H N N 72  
ASP HXT  H N N 73  
CYS N    N N N 74  
CYS CA   C N R 75  
CYS C    C N N 76  
CYS O    O N N 77  
CYS CB   C N N 78  
CYS SG   S N N 79  
CYS OXT  O N N 80  
CYS H    H N N 81  
CYS H2   H N N 82  
CYS HA   H N N 83  
CYS HB2  H N N 84  
CYS HB3  H N N 85  
CYS HG   H N N 86  
CYS HXT  H N N 87  
GLN N    N N N 88  
GLN CA   C N S 89  
GLN C    C N N 90  
GLN O    O N N 91  
GLN CB   C N N 92  
GLN CG   C N N 93  
GLN CD   C N N 94  
GLN OE1  O N N 95  
GLN NE2  N N N 96  
GLN OXT  O N N 97  
GLN H    H N N 98  
GLN H2   H N N 99  
GLN HA   H N N 100 
GLN HB2  H N N 101 
GLN HB3  H N N 102 
GLN HG2  H N N 103 
GLN HG3  H N N 104 
GLN HE21 H N N 105 
GLN HE22 H N N 106 
GLN HXT  H N N 107 
GLU N    N N N 108 
GLU CA   C N S 109 
GLU C    C N N 110 
GLU O    O N N 111 
GLU CB   C N N 112 
GLU CG   C N N 113 
GLU CD   C N N 114 
GLU OE1  O N N 115 
GLU OE2  O N N 116 
GLU OXT  O N N 117 
GLU H    H N N 118 
GLU H2   H N N 119 
GLU HA   H N N 120 
GLU HB2  H N N 121 
GLU HB3  H N N 122 
GLU HG2  H N N 123 
GLU HG3  H N N 124 
GLU HE2  H N N 125 
GLU HXT  H N N 126 
GLY N    N N N 127 
GLY CA   C N N 128 
GLY C    C N N 129 
GLY O    O N N 130 
GLY OXT  O N N 131 
GLY H    H N N 132 
GLY H2   H N N 133 
GLY HA2  H N N 134 
GLY HA3  H N N 135 
GLY HXT  H N N 136 
HIS N    N N N 137 
HIS CA   C N S 138 
HIS C    C N N 139 
HIS O    O N N 140 
HIS CB   C N N 141 
HIS CG   C Y N 142 
HIS ND1  N Y N 143 
HIS CD2  C Y N 144 
HIS CE1  C Y N 145 
HIS NE2  N Y N 146 
HIS OXT  O N N 147 
HIS H    H N N 148 
HIS H2   H N N 149 
HIS HA   H N N 150 
HIS HB2  H N N 151 
HIS HB3  H N N 152 
HIS HD1  H N N 153 
HIS HD2  H N N 154 
HIS HE1  H N N 155 
HIS HE2  H N N 156 
HIS HXT  H N N 157 
HOH O    O N N 158 
HOH H1   H N N 159 
HOH H2   H N N 160 
ILE N    N N N 161 
ILE CA   C N S 162 
ILE C    C N N 163 
ILE O    O N N 164 
ILE CB   C N S 165 
ILE CG1  C N N 166 
ILE CG2  C N N 167 
ILE CD1  C N N 168 
ILE OXT  O N N 169 
ILE H    H N N 170 
ILE H2   H N N 171 
ILE HA   H N N 172 
ILE HB   H N N 173 
ILE HG12 H N N 174 
ILE HG13 H N N 175 
ILE HG21 H N N 176 
ILE HG22 H N N 177 
ILE HG23 H N N 178 
ILE HD11 H N N 179 
ILE HD12 H N N 180 
ILE HD13 H N N 181 
ILE HXT  H N N 182 
LEU N    N N N 183 
LEU CA   C N S 184 
LEU C    C N N 185 
LEU O    O N N 186 
LEU CB   C N N 187 
LEU CG   C N N 188 
LEU CD1  C N N 189 
LEU CD2  C N N 190 
LEU OXT  O N N 191 
LEU H    H N N 192 
LEU H2   H N N 193 
LEU HA   H N N 194 
LEU HB2  H N N 195 
LEU HB3  H N N 196 
LEU HG   H N N 197 
LEU HD11 H N N 198 
LEU HD12 H N N 199 
LEU HD13 H N N 200 
LEU HD21 H N N 201 
LEU HD22 H N N 202 
LEU HD23 H N N 203 
LEU HXT  H N N 204 
LYS N    N N N 205 
LYS CA   C N S 206 
LYS C    C N N 207 
LYS O    O N N 208 
LYS CB   C N N 209 
LYS CG   C N N 210 
LYS CD   C N N 211 
LYS CE   C N N 212 
LYS NZ   N N N 213 
LYS OXT  O N N 214 
LYS H    H N N 215 
LYS H2   H N N 216 
LYS HA   H N N 217 
LYS HB2  H N N 218 
LYS HB3  H N N 219 
LYS HG2  H N N 220 
LYS HG3  H N N 221 
LYS HD2  H N N 222 
LYS HD3  H N N 223 
LYS HE2  H N N 224 
LYS HE3  H N N 225 
LYS HZ1  H N N 226 
LYS HZ2  H N N 227 
LYS HZ3  H N N 228 
LYS HXT  H N N 229 
MET N    N N N 230 
MET CA   C N S 231 
MET C    C N N 232 
MET O    O N N 233 
MET CB   C N N 234 
MET CG   C N N 235 
MET SD   S N N 236 
MET CE   C N N 237 
MET OXT  O N N 238 
MET H    H N N 239 
MET H2   H N N 240 
MET HA   H N N 241 
MET HB2  H N N 242 
MET HB3  H N N 243 
MET HG2  H N N 244 
MET HG3  H N N 245 
MET HE1  H N N 246 
MET HE2  H N N 247 
MET HE3  H N N 248 
MET HXT  H N N 249 
PHE N    N N N 250 
PHE CA   C N S 251 
PHE C    C N N 252 
PHE O    O N N 253 
PHE CB   C N N 254 
PHE CG   C Y N 255 
PHE CD1  C Y N 256 
PHE CD2  C Y N 257 
PHE CE1  C Y N 258 
PHE CE2  C Y N 259 
PHE CZ   C Y N 260 
PHE OXT  O N N 261 
PHE H    H N N 262 
PHE H2   H N N 263 
PHE HA   H N N 264 
PHE HB2  H N N 265 
PHE HB3  H N N 266 
PHE HD1  H N N 267 
PHE HD2  H N N 268 
PHE HE1  H N N 269 
PHE HE2  H N N 270 
PHE HZ   H N N 271 
PHE HXT  H N N 272 
PRO N    N N N 273 
PRO CA   C N S 274 
PRO C    C N N 275 
PRO O    O N N 276 
PRO CB   C N N 277 
PRO CG   C N N 278 
PRO CD   C N N 279 
PRO OXT  O N N 280 
PRO H    H N N 281 
PRO HA   H N N 282 
PRO HB2  H N N 283 
PRO HB3  H N N 284 
PRO HG2  H N N 285 
PRO HG3  H N N 286 
PRO HD2  H N N 287 
PRO HD3  H N N 288 
PRO HXT  H N N 289 
SER N    N N N 290 
SER CA   C N S 291 
SER C    C N N 292 
SER O    O N N 293 
SER CB   C N N 294 
SER OG   O N N 295 
SER OXT  O N N 296 
SER H    H N N 297 
SER H2   H N N 298 
SER HA   H N N 299 
SER HB2  H N N 300 
SER HB3  H N N 301 
SER HG   H N N 302 
SER HXT  H N N 303 
THR N    N N N 304 
THR CA   C N S 305 
THR C    C N N 306 
THR O    O N N 307 
THR CB   C N R 308 
THR OG1  O N N 309 
THR CG2  C N N 310 
THR OXT  O N N 311 
THR H    H N N 312 
THR H2   H N N 313 
THR HA   H N N 314 
THR HB   H N N 315 
THR HG1  H N N 316 
THR HG21 H N N 317 
THR HG22 H N N 318 
THR HG23 H N N 319 
THR HXT  H N N 320 
TRP N    N N N 321 
TRP CA   C N S 322 
TRP C    C N N 323 
TRP O    O N N 324 
TRP CB   C N N 325 
TRP CG   C Y N 326 
TRP CD1  C Y N 327 
TRP CD2  C Y N 328 
TRP NE1  N Y N 329 
TRP CE2  C Y N 330 
TRP CE3  C Y N 331 
TRP CZ2  C Y N 332 
TRP CZ3  C Y N 333 
TRP CH2  C Y N 334 
TRP OXT  O N N 335 
TRP H    H N N 336 
TRP H2   H N N 337 
TRP HA   H N N 338 
TRP HB2  H N N 339 
TRP HB3  H N N 340 
TRP HD1  H N N 341 
TRP HE1  H N N 342 
TRP HE3  H N N 343 
TRP HZ2  H N N 344 
TRP HZ3  H N N 345 
TRP HH2  H N N 346 
TRP HXT  H N N 347 
TYR N    N N N 348 
TYR CA   C N S 349 
TYR C    C N N 350 
TYR O    O N N 351 
TYR CB   C N N 352 
TYR CG   C Y N 353 
TYR CD1  C Y N 354 
TYR CD2  C Y N 355 
TYR CE1  C Y N 356 
TYR CE2  C Y N 357 
TYR CZ   C Y N 358 
TYR OH   O N N 359 
TYR OXT  O N N 360 
TYR H    H N N 361 
TYR H2   H N N 362 
TYR HA   H N N 363 
TYR HB2  H N N 364 
TYR HB3  H N N 365 
TYR HD1  H N N 366 
TYR HD2  H N N 367 
TYR HE1  H N N 368 
TYR HE2  H N N 369 
TYR HH   H N N 370 
TYR HXT  H N N 371 
VAL N    N N N 372 
VAL CA   C N S 373 
VAL C    C N N 374 
VAL O    O N N 375 
VAL CB   C N N 376 
VAL CG1  C N N 377 
VAL CG2  C N N 378 
VAL OXT  O N N 379 
VAL H    H N N 380 
VAL H2   H N N 381 
VAL HA   H N N 382 
VAL HB   H N N 383 
VAL HG11 H N N 384 
VAL HG12 H N N 385 
VAL HG13 H N N 386 
VAL HG21 H N N 387 
VAL HG22 H N N 388 
VAL HG23 H N N 389 
VAL HXT  H N N 390 
# 
loop_
_chem_comp_bond.comp_id 
_chem_comp_bond.atom_id_1 
_chem_comp_bond.atom_id_2 
_chem_comp_bond.value_order 
_chem_comp_bond.pdbx_aromatic_flag 
_chem_comp_bond.pdbx_stereo_config 
_chem_comp_bond.pdbx_ordinal 
ALA N   CA   sing N N 1   
ALA N   H    sing N N 2   
ALA N   H2   sing N N 3   
ALA CA  C    sing N N 4   
ALA CA  CB   sing N N 5   
ALA CA  HA   sing N N 6   
ALA C   O    doub N N 7   
ALA C   OXT  sing N N 8   
ALA CB  HB1  sing N N 9   
ALA CB  HB2  sing N N 10  
ALA CB  HB3  sing N N 11  
ALA OXT HXT  sing N N 12  
ARG N   CA   sing N N 13  
ARG N   H    sing N N 14  
ARG N   H2   sing N N 15  
ARG CA  C    sing N N 16  
ARG CA  CB   sing N N 17  
ARG CA  HA   sing N N 18  
ARG C   O    doub N N 19  
ARG C   OXT  sing N N 20  
ARG CB  CG   sing N N 21  
ARG CB  HB2  sing N N 22  
ARG CB  HB3  sing N N 23  
ARG CG  CD   sing N N 24  
ARG CG  HG2  sing N N 25  
ARG CG  HG3  sing N N 26  
ARG CD  NE   sing N N 27  
ARG CD  HD2  sing N N 28  
ARG CD  HD3  sing N N 29  
ARG NE  CZ   sing N N 30  
ARG NE  HE   sing N N 31  
ARG CZ  NH1  sing N N 32  
ARG CZ  NH2  doub N N 33  
ARG NH1 HH11 sing N N 34  
ARG NH1 HH12 sing N N 35  
ARG NH2 HH21 sing N N 36  
ARG NH2 HH22 sing N N 37  
ARG OXT HXT  sing N N 38  
ASN N   CA   sing N N 39  
ASN N   H    sing N N 40  
ASN N   H2   sing N N 41  
ASN CA  C    sing N N 42  
ASN CA  CB   sing N N 43  
ASN CA  HA   sing N N 44  
ASN C   O    doub N N 45  
ASN C   OXT  sing N N 46  
ASN CB  CG   sing N N 47  
ASN CB  HB2  sing N N 48  
ASN CB  HB3  sing N N 49  
ASN CG  OD1  doub N N 50  
ASN CG  ND2  sing N N 51  
ASN ND2 HD21 sing N N 52  
ASN ND2 HD22 sing N N 53  
ASN OXT HXT  sing N N 54  
ASP N   CA   sing N N 55  
ASP N   H    sing N N 56  
ASP N   H2   sing N N 57  
ASP CA  C    sing N N 58  
ASP CA  CB   sing N N 59  
ASP CA  HA   sing N N 60  
ASP C   O    doub N N 61  
ASP C   OXT  sing N N 62  
ASP CB  CG   sing N N 63  
ASP CB  HB2  sing N N 64  
ASP CB  HB3  sing N N 65  
ASP CG  OD1  doub N N 66  
ASP CG  OD2  sing N N 67  
ASP OD2 HD2  sing N N 68  
ASP OXT HXT  sing N N 69  
CYS N   CA   sing N N 70  
CYS N   H    sing N N 71  
CYS N   H2   sing N N 72  
CYS CA  C    sing N N 73  
CYS CA  CB   sing N N 74  
CYS CA  HA   sing N N 75  
CYS C   O    doub N N 76  
CYS C   OXT  sing N N 77  
CYS CB  SG   sing N N 78  
CYS CB  HB2  sing N N 79  
CYS CB  HB3  sing N N 80  
CYS SG  HG   sing N N 81  
CYS OXT HXT  sing N N 82  
GLN N   CA   sing N N 83  
GLN N   H    sing N N 84  
GLN N   H2   sing N N 85  
GLN CA  C    sing N N 86  
GLN CA  CB   sing N N 87  
GLN CA  HA   sing N N 88  
GLN C   O    doub N N 89  
GLN C   OXT  sing N N 90  
GLN CB  CG   sing N N 91  
GLN CB  HB2  sing N N 92  
GLN CB  HB3  sing N N 93  
GLN CG  CD   sing N N 94  
GLN CG  HG2  sing N N 95  
GLN CG  HG3  sing N N 96  
GLN CD  OE1  doub N N 97  
GLN CD  NE2  sing N N 98  
GLN NE2 HE21 sing N N 99  
GLN NE2 HE22 sing N N 100 
GLN OXT HXT  sing N N 101 
GLU N   CA   sing N N 102 
GLU N   H    sing N N 103 
GLU N   H2   sing N N 104 
GLU CA  C    sing N N 105 
GLU CA  CB   sing N N 106 
GLU CA  HA   sing N N 107 
GLU C   O    doub N N 108 
GLU C   OXT  sing N N 109 
GLU CB  CG   sing N N 110 
GLU CB  HB2  sing N N 111 
GLU CB  HB3  sing N N 112 
GLU CG  CD   sing N N 113 
GLU CG  HG2  sing N N 114 
GLU CG  HG3  sing N N 115 
GLU CD  OE1  doub N N 116 
GLU CD  OE2  sing N N 117 
GLU OE2 HE2  sing N N 118 
GLU OXT HXT  sing N N 119 
GLY N   CA   sing N N 120 
GLY N   H    sing N N 121 
GLY N   H2   sing N N 122 
GLY CA  C    sing N N 123 
GLY CA  HA2  sing N N 124 
GLY CA  HA3  sing N N 125 
GLY C   O    doub N N 126 
GLY C   OXT  sing N N 127 
GLY OXT HXT  sing N N 128 
HIS N   CA   sing N N 129 
HIS N   H    sing N N 130 
HIS N   H2   sing N N 131 
HIS CA  C    sing N N 132 
HIS CA  CB   sing N N 133 
HIS CA  HA   sing N N 134 
HIS C   O    doub N N 135 
HIS C   OXT  sing N N 136 
HIS CB  CG   sing N N 137 
HIS CB  HB2  sing N N 138 
HIS CB  HB3  sing N N 139 
HIS CG  ND1  sing Y N 140 
HIS CG  CD2  doub Y N 141 
HIS ND1 CE1  doub Y N 142 
HIS ND1 HD1  sing N N 143 
HIS CD2 NE2  sing Y N 144 
HIS CD2 HD2  sing N N 145 
HIS CE1 NE2  sing Y N 146 
HIS CE1 HE1  sing N N 147 
HIS NE2 HE2  sing N N 148 
HIS OXT HXT  sing N N 149 
HOH O   H1   sing N N 150 
HOH O   H2   sing N N 151 
ILE N   CA   sing N N 152 
ILE N   H    sing N N 153 
ILE N   H2   sing N N 154 
ILE CA  C    sing N N 155 
ILE CA  CB   sing N N 156 
ILE CA  HA   sing N N 157 
ILE C   O    doub N N 158 
ILE C   OXT  sing N N 159 
ILE CB  CG1  sing N N 160 
ILE CB  CG2  sing N N 161 
ILE CB  HB   sing N N 162 
ILE CG1 CD1  sing N N 163 
ILE CG1 HG12 sing N N 164 
ILE CG1 HG13 sing N N 165 
ILE CG2 HG21 sing N N 166 
ILE CG2 HG22 sing N N 167 
ILE CG2 HG23 sing N N 168 
ILE CD1 HD11 sing N N 169 
ILE CD1 HD12 sing N N 170 
ILE CD1 HD13 sing N N 171 
ILE OXT HXT  sing N N 172 
LEU N   CA   sing N N 173 
LEU N   H    sing N N 174 
LEU N   H2   sing N N 175 
LEU CA  C    sing N N 176 
LEU CA  CB   sing N N 177 
LEU CA  HA   sing N N 178 
LEU C   O    doub N N 179 
LEU C   OXT  sing N N 180 
LEU CB  CG   sing N N 181 
LEU CB  HB2  sing N N 182 
LEU CB  HB3  sing N N 183 
LEU CG  CD1  sing N N 184 
LEU CG  CD2  sing N N 185 
LEU CG  HG   sing N N 186 
LEU CD1 HD11 sing N N 187 
LEU CD1 HD12 sing N N 188 
LEU CD1 HD13 sing N N 189 
LEU CD2 HD21 sing N N 190 
LEU CD2 HD22 sing N N 191 
LEU CD2 HD23 sing N N 192 
LEU OXT HXT  sing N N 193 
LYS N   CA   sing N N 194 
LYS N   H    sing N N 195 
LYS N   H2   sing N N 196 
LYS CA  C    sing N N 197 
LYS CA  CB   sing N N 198 
LYS CA  HA   sing N N 199 
LYS C   O    doub N N 200 
LYS C   OXT  sing N N 201 
LYS CB  CG   sing N N 202 
LYS CB  HB2  sing N N 203 
LYS CB  HB3  sing N N 204 
LYS CG  CD   sing N N 205 
LYS CG  HG2  sing N N 206 
LYS CG  HG3  sing N N 207 
LYS CD  CE   sing N N 208 
LYS CD  HD2  sing N N 209 
LYS CD  HD3  sing N N 210 
LYS CE  NZ   sing N N 211 
LYS CE  HE2  sing N N 212 
LYS CE  HE3  sing N N 213 
LYS NZ  HZ1  sing N N 214 
LYS NZ  HZ2  sing N N 215 
LYS NZ  HZ3  sing N N 216 
LYS OXT HXT  sing N N 217 
MET N   CA   sing N N 218 
MET N   H    sing N N 219 
MET N   H2   sing N N 220 
MET CA  C    sing N N 221 
MET CA  CB   sing N N 222 
MET CA  HA   sing N N 223 
MET C   O    doub N N 224 
MET C   OXT  sing N N 225 
MET CB  CG   sing N N 226 
MET CB  HB2  sing N N 227 
MET CB  HB3  sing N N 228 
MET CG  SD   sing N N 229 
MET CG  HG2  sing N N 230 
MET CG  HG3  sing N N 231 
MET SD  CE   sing N N 232 
MET CE  HE1  sing N N 233 
MET CE  HE2  sing N N 234 
MET CE  HE3  sing N N 235 
MET OXT HXT  sing N N 236 
PHE N   CA   sing N N 237 
PHE N   H    sing N N 238 
PHE N   H2   sing N N 239 
PHE CA  C    sing N N 240 
PHE CA  CB   sing N N 241 
PHE CA  HA   sing N N 242 
PHE C   O    doub N N 243 
PHE C   OXT  sing N N 244 
PHE CB  CG   sing N N 245 
PHE CB  HB2  sing N N 246 
PHE CB  HB3  sing N N 247 
PHE CG  CD1  doub Y N 248 
PHE CG  CD2  sing Y N 249 
PHE CD1 CE1  sing Y N 250 
PHE CD1 HD1  sing N N 251 
PHE CD2 CE2  doub Y N 252 
PHE CD2 HD2  sing N N 253 
PHE CE1 CZ   doub Y N 254 
PHE CE1 HE1  sing N N 255 
PHE CE2 CZ   sing Y N 256 
PHE CE2 HE2  sing N N 257 
PHE CZ  HZ   sing N N 258 
PHE OXT HXT  sing N N 259 
PRO N   CA   sing N N 260 
PRO N   CD   sing N N 261 
PRO N   H    sing N N 262 
PRO CA  C    sing N N 263 
PRO CA  CB   sing N N 264 
PRO CA  HA   sing N N 265 
PRO C   O    doub N N 266 
PRO C   OXT  sing N N 267 
PRO CB  CG   sing N N 268 
PRO CB  HB2  sing N N 269 
PRO CB  HB3  sing N N 270 
PRO CG  CD   sing N N 271 
PRO CG  HG2  sing N N 272 
PRO CG  HG3  sing N N 273 
PRO CD  HD2  sing N N 274 
PRO CD  HD3  sing N N 275 
PRO OXT HXT  sing N N 276 
SER N   CA   sing N N 277 
SER N   H    sing N N 278 
SER N   H2   sing N N 279 
SER CA  C    sing N N 280 
SER CA  CB   sing N N 281 
SER CA  HA   sing N N 282 
SER C   O    doub N N 283 
SER C   OXT  sing N N 284 
SER CB  OG   sing N N 285 
SER CB  HB2  sing N N 286 
SER CB  HB3  sing N N 287 
SER OG  HG   sing N N 288 
SER OXT HXT  sing N N 289 
THR N   CA   sing N N 290 
THR N   H    sing N N 291 
THR N   H2   sing N N 292 
THR CA  C    sing N N 293 
THR CA  CB   sing N N 294 
THR CA  HA   sing N N 295 
THR C   O    doub N N 296 
THR C   OXT  sing N N 297 
THR CB  OG1  sing N N 298 
THR CB  CG2  sing N N 299 
THR CB  HB   sing N N 300 
THR OG1 HG1  sing N N 301 
THR CG2 HG21 sing N N 302 
THR CG2 HG22 sing N N 303 
THR CG2 HG23 sing N N 304 
THR OXT HXT  sing N N 305 
TRP N   CA   sing N N 306 
TRP N   H    sing N N 307 
TRP N   H2   sing N N 308 
TRP CA  C    sing N N 309 
TRP CA  CB   sing N N 310 
TRP CA  HA   sing N N 311 
TRP C   O    doub N N 312 
TRP C   OXT  sing N N 313 
TRP CB  CG   sing N N 314 
TRP CB  HB2  sing N N 315 
TRP CB  HB3  sing N N 316 
TRP CG  CD1  doub Y N 317 
TRP CG  CD2  sing Y N 318 
TRP CD1 NE1  sing Y N 319 
TRP CD1 HD1  sing N N 320 
TRP CD2 CE2  doub Y N 321 
TRP CD2 CE3  sing Y N 322 
TRP NE1 CE2  sing Y N 323 
TRP NE1 HE1  sing N N 324 
TRP CE2 CZ2  sing Y N 325 
TRP CE3 CZ3  doub Y N 326 
TRP CE3 HE3  sing N N 327 
TRP CZ2 CH2  doub Y N 328 
TRP CZ2 HZ2  sing N N 329 
TRP CZ3 CH2  sing Y N 330 
TRP CZ3 HZ3  sing N N 331 
TRP CH2 HH2  sing N N 332 
TRP OXT HXT  sing N N 333 
TYR N   CA   sing N N 334 
TYR N   H    sing N N 335 
TYR N   H2   sing N N 336 
TYR CA  C    sing N N 337 
TYR CA  CB   sing N N 338 
TYR CA  HA   sing N N 339 
TYR C   O    doub N N 340 
TYR C   OXT  sing N N 341 
TYR CB  CG   sing N N 342 
TYR CB  HB2  sing N N 343 
TYR CB  HB3  sing N N 344 
TYR CG  CD1  doub Y N 345 
TYR CG  CD2  sing Y N 346 
TYR CD1 CE1  sing Y N 347 
TYR CD1 HD1  sing N N 348 
TYR CD2 CE2  doub Y N 349 
TYR CD2 HD2  sing N N 350 
TYR CE1 CZ   doub Y N 351 
TYR CE1 HE1  sing N N 352 
TYR CE2 CZ   sing Y N 353 
TYR CE2 HE2  sing N N 354 
TYR CZ  OH   sing N N 355 
TYR OH  HH   sing N N 356 
TYR OXT HXT  sing N N 357 
VAL N   CA   sing N N 358 
VAL N   H    sing N N 359 
VAL N   H2   sing N N 360 
VAL CA  C    sing N N 361 
VAL CA  CB   sing N N 362 
VAL CA  HA   sing N N 363 
VAL C   O    doub N N 364 
VAL C   OXT  sing N N 365 
VAL CB  CG1  sing N N 366 
VAL CB  CG2  sing N N 367 
VAL CB  HB   sing N N 368 
VAL CG1 HG11 sing N N 369 
VAL CG1 HG12 sing N N 370 
VAL CG1 HG13 sing N N 371 
VAL CG2 HG21 sing N N 372 
VAL CG2 HG22 sing N N 373 
VAL CG2 HG23 sing N N 374 
VAL OXT HXT  sing N N 375 
# 
_atom_sites.entry_id                    3DVW 
_atom_sites.fract_transf_matrix[1][1]   -0.01728049 
_atom_sites.fract_transf_matrix[1][2]   0.01216135 
_atom_sites.fract_transf_matrix[1][3]   0.00825475 
_atom_sites.fract_transf_matrix[2][1]   -0.01363401 
_atom_sites.fract_transf_matrix[2][2]   -0.01585320 
_atom_sites.fract_transf_matrix[2][3]   -0.00518562 
_atom_sites.fract_transf_matrix[3][1]   0.00173563 
_atom_sites.fract_transf_matrix[3][2]   -0.00517504 
_atom_sites.fract_transf_matrix[3][3]   0.01125752 
_atom_sites.fract_transf_vector[1]      0.763046 
_atom_sites.fract_transf_vector[2]      0.626881 
_atom_sites.fract_transf_vector[3]      0.167694 
# 
loop_
_atom_type.symbol 
C 
N 
O 
S 
# 
loop_
_atom_site.group_PDB 
_atom_site.id 
_atom_site.type_symbol 
_atom_site.label_atom_id 
_atom_site.label_alt_id 
_atom_site.label_comp_id 
_atom_site.label_asym_id 
_atom_site.label_entity_id 
_atom_site.label_seq_id 
_atom_site.pdbx_PDB_ins_code 
_atom_site.Cartn_x 
_atom_site.Cartn_y 
_atom_site.Cartn_z 
_atom_site.occupancy 
_atom_site.B_iso_or_equiv 
_atom_site.pdbx_formal_charge 
_atom_site.auth_seq_id 
_atom_site.auth_comp_id 
_atom_site.auth_asym_id 
_atom_site.auth_atom_id 
_atom_site.pdbx_PDB_model_num 
ATOM   1    N N   . PRO A 1 2   ? -15.708 23.315  -10.685 1.00 29.22 ? 23  PRO A N   1 
ATOM   2    C CA  . PRO A 1 2   ? -16.027 21.877  -10.586 1.00 28.70 ? 23  PRO A CA  1 
ATOM   3    C C   . PRO A 1 2   ? -15.186 20.928  -11.469 1.00 28.63 ? 23  PRO A C   1 
ATOM   4    O O   . PRO A 1 2   ? -15.271 19.701  -11.309 1.00 28.72 ? 23  PRO A O   1 
ATOM   5    C CB  . PRO A 1 2   ? -17.507 21.825  -10.980 1.00 28.85 ? 23  PRO A CB  1 
ATOM   6    C CG  . PRO A 1 2   ? -17.759 23.102  -11.792 1.00 29.34 ? 23  PRO A CG  1 
ATOM   7    C CD  . PRO A 1 2   ? -16.571 24.010  -11.655 1.00 29.42 ? 23  PRO A CD  1 
ATOM   8    N N   . ALA A 1 3   ? -14.389 21.465  -12.394 1.00 28.05 ? 24  ALA A N   1 
ATOM   9    C CA  . ALA A 1 3   ? -13.463 20.638  -13.148 1.00 27.20 ? 24  ALA A CA  1 
ATOM   10   C C   . ALA A 1 3   ? -12.273 20.354  -12.229 1.00 26.95 ? 24  ALA A C   1 
ATOM   11   O O   . ALA A 1 3   ? -11.943 21.167  -11.363 1.00 28.01 ? 24  ALA A O   1 
ATOM   12   C CB  . ALA A 1 3   ? -13.007 21.338  -14.426 1.00 27.79 ? 24  ALA A CB  1 
ATOM   13   N N   . GLY A 1 4   ? -11.664 19.190  -12.403 1.00 25.44 ? 25  GLY A N   1 
ATOM   14   C CA  . GLY A 1 4   ? -10.466 18.830  -11.669 1.00 23.89 ? 25  GLY A CA  1 
ATOM   15   C C   . GLY A 1 4   ? -10.697 18.569  -10.192 1.00 22.57 ? 25  GLY A C   1 
ATOM   16   O O   . GLY A 1 4   ? -11.667 17.925  -9.790  1.00 22.47 ? 25  GLY A O   1 
ATOM   17   N N   . LEU A 1 5   ? -9.784  19.078  -9.383  1.00 21.02 ? 26  LEU A N   1 
ATOM   18   C CA  . LEU A 1 5   ? -9.778  18.783  -7.965  1.00 20.41 ? 26  LEU A CA  1 
ATOM   19   C C   . LEU A 1 5   ? -10.771 19.677  -7.246  1.00 19.98 ? 26  LEU A C   1 
ATOM   20   O O   . LEU A 1 5   ? -10.709 20.897  -7.371  1.00 19.71 ? 26  LEU A O   1 
ATOM   21   C CB  . LEU A 1 5   ? -8.381  19.005  -7.393  1.00 19.88 ? 26  LEU A CB  1 
ATOM   22   C CG  . LEU A 1 5   ? -7.306  18.045  -7.897  1.00 19.25 ? 26  LEU A CG  1 
ATOM   23   C CD1 . LEU A 1 5   ? -5.950  18.435  -7.351  1.00 19.34 ? 26  LEU A CD1 1 
ATOM   24   C CD2 . LEU A 1 5   ? -7.633  16.611  -7.533  1.00 18.70 ? 26  LEU A CD2 1 
ATOM   25   N N   . VAL A 1 6   ? -11.666 19.054  -6.487  1.00 19.06 ? 27  VAL A N   1 
ATOM   26   C CA  . VAL A 1 6   ? -12.615 19.771  -5.627  1.00 19.43 ? 27  VAL A CA  1 
ATOM   27   C C   . VAL A 1 6   ? -12.575 19.207  -4.222  1.00 18.99 ? 27  VAL A C   1 
ATOM   28   O O   . VAL A 1 6   ? -12.946 18.054  -4.002  1.00 18.76 ? 27  VAL A O   1 
ATOM   29   C CB  . VAL A 1 6   ? -14.052 19.660  -6.153  1.00 19.42 ? 27  VAL A CB  1 
ATOM   30   C CG1 . VAL A 1 6   ? -15.020 20.436  -5.248  1.00 20.32 ? 27  VAL A CG1 1 
ATOM   31   C CG2 . VAL A 1 6   ? -14.125 20.158  -7.595  1.00 20.71 ? 27  VAL A CG2 1 
ATOM   32   N N   . GLU A 1 7   ? -12.147 20.039  -3.281  1.00 18.70 ? 28  GLU A N   1 
ATOM   33   C CA  . GLU A 1 7   ? -12.009 19.614  -1.900  1.00 18.55 ? 28  GLU A CA  1 
ATOM   34   C C   . GLU A 1 7   ? -13.377 19.242  -1.347  1.00 18.46 ? 28  GLU A C   1 
ATOM   35   O O   . GLU A 1 7   ? -14.355 19.983  -1.513  1.00 19.52 ? 28  GLU A O   1 
ATOM   36   C CB  . GLU A 1 7   ? -11.366 20.722  -1.066  1.00 18.73 ? 28  GLU A CB  1 
ATOM   37   C CG  . GLU A 1 7   ? -10.898 20.247  0.286   1.00 18.86 ? 28  GLU A CG  1 
ATOM   38   C CD  . GLU A 1 7   ? -10.335 21.345  1.156   1.00 20.03 ? 28  GLU A CD  1 
ATOM   39   O OE1 . GLU A 1 7   ? -9.972  22.416  0.624   1.00 24.60 ? 28  GLU A OE1 1 
ATOM   40   O OE2 . GLU A 1 7   ? -10.234 21.118  2.376   1.00 21.48 ? 28  GLU A OE2 1 
ATOM   41   N N   . GLY A 1 8   ? -13.454 18.078  -0.710  1.00 17.94 ? 29  GLY A N   1 
ATOM   42   C CA  . GLY A 1 8   ? -14.708 17.560  -0.195  1.00 17.92 ? 29  GLY A CA  1 
ATOM   43   C C   . GLY A 1 8   ? -15.464 16.686  -1.176  1.00 18.14 ? 29  GLY A C   1 
ATOM   44   O O   . GLY A 1 8   ? -16.412 16.007  -0.784  1.00 20.43 ? 29  GLY A O   1 
ATOM   45   N N   . GLN A 1 9   ? -15.050 16.678  -2.443  1.00 17.68 ? 30  GLN A N   1 
ATOM   46   C CA  . GLN A 1 9   ? -15.673 15.833  -3.456  1.00 17.37 ? 30  GLN A CA  1 
ATOM   47   C C   . GLN A 1 9   ? -14.777 14.692  -3.919  1.00 16.56 ? 30  GLN A C   1 
ATOM   48   O O   . GLN A 1 9   ? -15.139 13.536  -3.736  1.00 17.69 ? 30  GLN A O   1 
ATOM   49   C CB  . GLN A 1 9   ? -16.117 16.674  -4.651  1.00 17.62 ? 30  GLN A CB  1 
ATOM   50   C CG  . GLN A 1 9   ? -17.335 17.508  -4.345  1.00 19.56 ? 30  GLN A CG  1 
ATOM   51   C CD  . GLN A 1 9   ? -17.811 18.366  -5.505  1.00 20.17 ? 30  GLN A CD  1 
ATOM   52   O OE1 . GLN A 1 9   ? -18.839 19.040  -5.387  1.00 23.50 ? 30  GLN A OE1 1 
ATOM   53   N NE2 . GLN A 1 9   ? -17.067 18.375  -6.614  1.00 20.79 ? 30  GLN A NE2 1 
ATOM   54   N N   . ASN A 1 10  ? -13.634 15.002  -4.532  1.00 15.20 ? 31  ASN A N   1 
ATOM   55   C CA  . ASN A 1 10  ? -12.727 13.927  -4.990  1.00 14.84 ? 31  ASN A CA  1 
ATOM   56   C C   . ASN A 1 10  ? -11.429 13.834  -4.199  1.00 14.78 ? 31  ASN A C   1 
ATOM   57   O O   . ASN A 1 10  ? -10.656 12.901  -4.398  1.00 14.52 ? 31  ASN A O   1 
ATOM   58   C CB  . ASN A 1 10  ? -12.461 13.961  -6.505  1.00 15.12 ? 31  ASN A CB  1 
ATOM   59   C CG  . ASN A 1 10  ? -11.984 15.293  -7.007  1.00 15.06 ? 31  ASN A CG  1 
ATOM   60   O OD1 . ASN A 1 10  ? -11.626 16.190  -6.236  1.00 15.65 ? 31  ASN A OD1 1 
ATOM   61   N ND2 . ASN A 1 10  ? -11.990 15.450  -8.335  1.00 17.40 ? 31  ASN A ND2 1 
ATOM   62   N N   . TYR A 1 11  ? -11.195 14.796  -3.318  1.00 13.91 ? 32  TYR A N   1 
ATOM   63   C CA  . TYR A 1 11  ? -10.123 14.676  -2.329  1.00 13.60 ? 32  TYR A CA  1 
ATOM   64   C C   . TYR A 1 11  ? -10.486 15.450  -1.073  1.00 13.23 ? 32  TYR A C   1 
ATOM   65   O O   . TYR A 1 11  ? -11.346 16.333  -1.102  1.00 13.48 ? 32  TYR A O   1 
ATOM   66   C CB  . TYR A 1 11  ? -8.800  15.185  -2.890  1.00 14.08 ? 32  TYR A CB  1 
ATOM   67   C CG  . TYR A 1 11  ? -8.630  16.691  -2.872  1.00 13.74 ? 32  TYR A CG  1 
ATOM   68   C CD1 . TYR A 1 11  ? -7.798  17.299  -1.925  1.00 15.53 ? 32  TYR A CD1 1 
ATOM   69   C CD2 . TYR A 1 11  ? -9.250  17.515  -3.813  1.00 14.73 ? 32  TYR A CD2 1 
ATOM   70   C CE1 . TYR A 1 11  ? -7.626  18.680  -1.895  1.00 15.61 ? 32  TYR A CE1 1 
ATOM   71   C CE2 . TYR A 1 11  ? -9.064  18.893  -3.787  1.00 14.34 ? 32  TYR A CE2 1 
ATOM   72   C CZ  . TYR A 1 11  ? -8.241  19.464  -2.838  1.00 15.31 ? 32  TYR A CZ  1 
ATOM   73   O OH  . TYR A 1 11  ? -8.048  20.835  -2.802  1.00 16.29 ? 32  TYR A OH  1 
ATOM   74   N N   . THR A 1 12  ? -9.835  15.094  0.029   1.00 13.51 ? 33  THR A N   1 
ATOM   75   C CA  . THR A 1 12  ? -9.895  15.886  1.274   1.00 13.33 ? 33  THR A CA  1 
ATOM   76   C C   . THR A 1 12  ? -8.466  16.106  1.760   1.00 13.44 ? 33  THR A C   1 
ATOM   77   O O   . THR A 1 12  ? -7.532  15.450  1.292   1.00 13.08 ? 33  THR A O   1 
ATOM   78   C CB  . THR A 1 12  ? -10.722 15.179  2.360   1.00 14.43 ? 33  THR A CB  1 
ATOM   79   O OG1 . THR A 1 12  ? -10.263 13.825  2.531   1.00 14.15 ? 33  THR A OG1 1 
ATOM   80   C CG2 . THR A 1 12  ? -12.190 15.151  1.982   1.00 15.13 ? 33  THR A CG2 1 
ATOM   81   N N   . VAL A 1 13  ? -8.289  17.052  2.687   1.00 13.39 ? 34  VAL A N   1 
ATOM   82   C CA  . VAL A 1 13  ? -6.979  17.364  3.225   1.00 13.31 ? 34  VAL A CA  1 
ATOM   83   C C   . VAL A 1 13  ? -6.907  16.808  4.648   1.00 12.69 ? 34  VAL A C   1 
ATOM   84   O O   . VAL A 1 13  ? -7.788  17.061  5.475   1.00 13.14 ? 34  VAL A O   1 
ATOM   85   C CB  . VAL A 1 13  ? -6.696  18.911  3.237   1.00 13.21 ? 34  VAL A CB  1 
ATOM   86   C CG1 . VAL A 1 13  ? -5.273  19.177  3.661   1.00 14.33 ? 34  VAL A CG1 1 
ATOM   87   C CG2 . VAL A 1 13  ? -6.979  19.525  1.866   1.00 14.74 ? 34  VAL A CG2 1 
ATOM   88   N N   . LEU A 1 14  ? -5.853  16.060  4.928   1.00 12.31 ? 35  LEU A N   1 
ATOM   89   C CA  . LEU A 1 14  ? -5.660  15.497  6.265   1.00 12.60 ? 35  LEU A CA  1 
ATOM   90   C C   . LEU A 1 14  ? -5.451  16.608  7.288   1.00 12.39 ? 35  LEU A C   1 
ATOM   91   O O   . LEU A 1 14  ? -4.820  17.620  6.991   1.00 12.95 ? 35  LEU A O   1 
ATOM   92   C CB  . LEU A 1 14  ? -4.453  14.562  6.296   1.00 12.70 ? 35  LEU A CB  1 
ATOM   93   C CG  . LEU A 1 14  ? -4.530  13.266  5.481   1.00 14.20 ? 35  LEU A CG  1 
ATOM   94   C CD1 . LEU A 1 14  ? -3.319  12.380  5.815   1.00 14.25 ? 35  LEU A CD1 1 
ATOM   95   C CD2 . LEU A 1 14  ? -5.857  12.497  5.635   1.00 17.26 ? 35  LEU A CD2 1 
ATOM   96   N N   . ALA A 1 15  ? -5.932  16.394  8.513   1.00 11.93 ? 36  ALA A N   1 
ATOM   97   C CA  . ALA A 1 15  ? -5.676  17.333  9.615   1.00 12.18 ? 36  ALA A CA  1 
ATOM   98   C C   . ALA A 1 15  ? -4.207  17.310  10.010  1.00 11.78 ? 36  ALA A C   1 
ATOM   99   O O   . ALA A 1 15  ? -3.650  18.321  10.442  1.00 11.69 ? 36  ALA A O   1 
ATOM   100  C CB  . ALA A 1 15  ? -6.532  16.962  10.830  1.00 12.36 ? 36  ALA A CB  1 
ATOM   101  N N   . ASN A 1 16  ? -3.592  16.150  9.902   1.00 12.10 ? 37  ASN A N   1 
ATOM   102  C CA  . ASN A 1 16  ? -2.193  15.964  10.264  1.00 12.03 ? 37  ASN A CA  1 
ATOM   103  C C   . ASN A 1 16  ? -1.509  15.214  9.127   1.00 11.69 ? 37  ASN A C   1 
ATOM   104  O O   . ASN A 1 16  ? -1.871  14.064  8.852   1.00 10.82 ? 37  ASN A O   1 
ATOM   105  C CB  . ASN A 1 16  ? -2.109  15.149  11.557  1.00 12.92 ? 37  ASN A CB  1 
ATOM   106  C CG  . ASN A 1 16  ? -0.685  15.027  12.105  1.00 12.64 ? 37  ASN A CG  1 
ATOM   107  O OD1 . ASN A 1 16  ? 0.216   15.808  11.761  1.00 13.76 ? 37  ASN A OD1 1 
ATOM   108  N ND2 . ASN A 1 16  ? -0.491  14.051  12.992  1.00 16.39 ? 37  ASN A ND2 1 
ATOM   109  N N   . PRO A 1 17  ? -0.536  15.847  8.452   1.00 11.33 ? 38  PRO A N   1 
ATOM   110  C CA  . PRO A 1 17  ? 0.055   15.207  7.280   1.00 11.85 ? 38  PRO A CA  1 
ATOM   111  C C   . PRO A 1 17  ? 0.942   14.046  7.679   1.00 11.52 ? 38  PRO A C   1 
ATOM   112  O O   . PRO A 1 17  ? 1.543   14.069  8.744   1.00 11.15 ? 38  PRO A O   1 
ATOM   113  C CB  . PRO A 1 17  ? 0.917   16.325  6.677   1.00 11.74 ? 38  PRO A CB  1 
ATOM   114  C CG  . PRO A 1 17  ? 1.322   17.143  7.869   1.00 11.97 ? 38  PRO A CG  1 
ATOM   115  C CD  . PRO A 1 17  ? 0.121   17.138  8.757   1.00 11.13 ? 38  PRO A CD  1 
ATOM   116  N N   . ILE A 1 18  ? 1.014   13.021  6.838   1.00 11.34 ? 39  ILE A N   1 
ATOM   117  C CA  . ILE A 1 18  ? 1.892   11.889  7.057   1.00 11.85 ? 39  ILE A CA  1 
ATOM   118  C C   . ILE A 1 18  ? 3.269   12.183  6.461   1.00 11.99 ? 39  ILE A C   1 
ATOM   119  O O   . ILE A 1 18  ? 3.375   12.472  5.270   1.00 12.25 ? 39  ILE A O   1 
ATOM   120  C CB  . ILE A 1 18  ? 1.300   10.619  6.401   1.00 11.54 ? 39  ILE A CB  1 
ATOM   121  C CG1 . ILE A 1 18  ? -0.098  10.364  6.952   1.00 12.54 ? 39  ILE A CG1 1 
ATOM   122  C CG2 . ILE A 1 18  ? 2.220   9.406   6.625   1.00 12.35 ? 39  ILE A CG2 1 
ATOM   123  C CD1 . ILE A 1 18  ? -0.789  9.127   6.396   1.00 12.23 ? 39  ILE A CD1 1 
ATOM   124  N N   . PRO A 1 19  ? 4.338   12.118  7.286   1.00 12.60 ? 40  PRO A N   1 
ATOM   125  C CA  . PRO A 1 19  ? 5.668   12.359  6.725   1.00 13.08 ? 40  PRO A CA  1 
ATOM   126  C C   . PRO A 1 19  ? 5.960   11.444  5.544   1.00 13.41 ? 40  PRO A C   1 
ATOM   127  O O   . PRO A 1 19  ? 5.699   10.231  5.619   1.00 13.00 ? 40  PRO A O   1 
ATOM   128  C CB  . PRO A 1 19  ? 6.610   12.054  7.901   1.00 12.81 ? 40  PRO A CB  1 
ATOM   129  C CG  . PRO A 1 19  ? 5.803   12.355  9.093   1.00 12.87 ? 40  PRO A CG  1 
ATOM   130  C CD  . PRO A 1 19  ? 4.401   11.880  8.736   1.00 12.10 ? 40  PRO A CD  1 
ATOM   131  N N   . GLN A 1 20  ? 6.447   12.023  4.446   1.00 14.60 ? 41  GLN A N   1 
ATOM   132  C CA  . GLN A 1 20  ? 6.851   11.236  3.306   1.00 15.35 ? 41  GLN A CA  1 
ATOM   133  C C   . GLN A 1 20  ? 8.179   10.550  3.555   1.00 15.33 ? 41  GLN A C   1 
ATOM   134  O O   . GLN A 1 20  ? 9.064   11.106  4.228   1.00 16.37 ? 41  GLN A O   1 
ATOM   135  C CB  . GLN A 1 20  ? 6.999   12.095  2.060   1.00 15.28 ? 41  GLN A CB  1 
ATOM   136  C CG  . GLN A 1 20  ? 5.725   12.667  1.504   1.00 17.07 ? 41  GLN A CG  1 
ATOM   137  C CD  . GLN A 1 20  ? 5.886   13.063  0.049   1.00 17.99 ? 41  GLN A CD  1 
ATOM   138  O OE1 . GLN A 1 20  ? 4.918   13.260  -0.655  1.00 18.00 ? 41  GLN A OE1 1 
ATOM   139  N NE2 . GLN A 1 20  ? 7.148   13.123  -0.426  1.00 23.37 ? 41  GLN A NE2 1 
ATOM   140  N N   . GLN A 1 21  ? 8.350   9.382   2.947   1.00 15.78 ? 42  GLN A N   1 
ATOM   141  C CA  . GLN A 1 21  ? 9.610   8.647   3.095   1.00 16.14 ? 42  GLN A CA  1 
ATOM   142  C C   . GLN A 1 21  ? 10.776  9.314   2.383   1.00 17.04 ? 42  GLN A C   1 
ATOM   143  O O   . GLN A 1 21  ? 11.888  9.301   2.897   1.00 17.22 ? 42  GLN A O   1 
ATOM   144  C CB  . GLN A 1 21  ? 9.442   7.236   2.595   1.00 15.40 ? 42  GLN A CB  1 
ATOM   145  C CG  . GLN A 1 21  ? 8.461   6.416   3.415   1.00 15.13 ? 42  GLN A CG  1 
ATOM   146  C CD  . GLN A 1 21  ? 8.281   5.028   2.865   1.00 14.69 ? 42  GLN A CD  1 
ATOM   147  O OE1 . GLN A 1 21  ? 8.384   4.806   1.662   1.00 15.03 ? 42  GLN A OE1 1 
ATOM   148  N NE2 . GLN A 1 21  ? 8.008   4.081   3.740   1.00 17.65 ? 42  GLN A NE2 1 
ATOM   149  N N   . GLN A 1 22  ? 10.522  9.869   1.203   1.00 17.65 ? 43  GLN A N   1 
ATOM   150  C CA  . GLN A 1 22  ? 11.575  10.464  0.383   1.00 18.73 ? 43  GLN A CA  1 
ATOM   151  C C   . GLN A 1 22  ? 11.292  11.932  0.169   1.00 19.85 ? 43  GLN A C   1 
ATOM   152  O O   . GLN A 1 22  ? 10.317  12.291  -0.486  1.00 20.58 ? 43  GLN A O   1 
ATOM   153  C CB  . GLN A 1 22  ? 11.674  9.739   -0.960  1.00 18.83 ? 43  GLN A CB  1 
ATOM   154  C CG  . GLN A 1 22  ? 12.103  8.291   -0.831  1.00 19.16 ? 43  GLN A CG  1 
ATOM   155  C CD  . GLN A 1 22  ? 12.290  7.613   -2.160  1.00 19.78 ? 43  GLN A CD  1 
ATOM   156  O OE1 . GLN A 1 22  ? 13.163  7.992   -2.949  1.00 21.49 ? 43  GLN A OE1 1 
ATOM   157  N NE2 . GLN A 1 22  ? 11.489  6.581   -2.418  1.00 18.35 ? 43  GLN A NE2 1 
ATOM   158  N N   . ALA A 1 23  ? 12.164  12.784  0.693   1.00 21.21 ? 44  ALA A N   1 
ATOM   159  C CA  . ALA A 1 23  ? 11.978  14.218  0.592   1.00 21.69 ? 44  ALA A CA  1 
ATOM   160  C C   . ALA A 1 23  ? 12.198  14.663  -0.858  1.00 22.59 ? 44  ALA A C   1 
ATOM   161  O O   . ALA A 1 23  ? 13.012  14.086  -1.572  1.00 23.56 ? 44  ALA A O   1 
ATOM   162  C CB  . ALA A 1 23  ? 12.943  14.943  1.542   1.00 22.43 ? 44  ALA A CB  1 
ATOM   163  N N   . GLY A 1 24  ? 11.445  15.671  -1.297  1.00 23.31 ? 45  GLY A N   1 
ATOM   164  C CA  . GLY A 1 24  ? 11.585  16.215  -2.646  1.00 23.13 ? 45  GLY A CA  1 
ATOM   165  C C   . GLY A 1 24  ? 10.942  15.392  -3.756  1.00 23.39 ? 45  GLY A C   1 
ATOM   166  O O   . GLY A 1 24  ? 11.094  15.718  -4.938  1.00 24.74 ? 45  GLY A O   1 
ATOM   167  N N   . LYS A 1 25  ? 10.245  14.314  -3.382  1.00 22.76 ? 46  LYS A N   1 
ATOM   168  C CA  . LYS A 1 25  ? 9.501   13.484  -4.329  1.00 21.68 ? 46  LYS A CA  1 
ATOM   169  C C   . LYS A 1 25  ? 8.016   13.613  -4.021  1.00 20.39 ? 46  LYS A C   1 
ATOM   170  O O   . LYS A 1 25  ? 7.635   14.291  -3.062  1.00 20.07 ? 46  LYS A O   1 
ATOM   171  C CB  . LYS A 1 25  ? 9.937   12.029  -4.227  1.00 22.40 ? 46  LYS A CB  1 
ATOM   172  C CG  . LYS A 1 25  ? 11.272  11.732  -4.910  1.00 23.79 ? 46  LYS A CG  1 
ATOM   173  C CD  . LYS A 1 25  ? 11.618  10.266  -4.786  1.00 23.86 ? 46  LYS A CD  1 
ATOM   174  C CE  . LYS A 1 25  ? 12.626  9.816   -5.816  1.00 25.44 ? 46  LYS A CE  1 
ATOM   175  N NZ  . LYS A 1 25  ? 12.698  8.327   -5.859  1.00 25.71 ? 46  LYS A NZ  1 
ATOM   176  N N   . VAL A 1 26  ? 7.197   13.004  -4.876  1.00 18.59 ? 47  VAL A N   1 
ATOM   177  C CA  . VAL A 1 26  ? 5.752   12.976  -4.705  1.00 17.44 ? 47  VAL A CA  1 
ATOM   178  C C   . VAL A 1 26  ? 5.334   11.556  -4.328  1.00 15.54 ? 47  VAL A C   1 
ATOM   179  O O   . VAL A 1 26  ? 5.421   10.635  -5.139  1.00 14.87 ? 47  VAL A O   1 
ATOM   180  C CB  . VAL A 1 26  ? 5.023   13.392  -5.990  1.00 18.00 ? 47  VAL A CB  1 
ATOM   181  C CG1 . VAL A 1 26  ? 3.526   13.378  -5.754  1.00 19.88 ? 47  VAL A CG1 1 
ATOM   182  C CG2 . VAL A 1 26  ? 5.502   14.757  -6.457  1.00 19.90 ? 47  VAL A CG2 1 
ATOM   183  N N   . GLU A 1 27  ? 4.931   11.383  -3.076  1.00 13.64 ? 48  GLU A N   1 
ATOM   184  C CA  . GLU A 1 27  ? 4.542   10.079  -2.585  1.00 12.98 ? 48  GLU A CA  1 
ATOM   185  C C   . GLU A 1 27  ? 3.072   9.801   -2.823  1.00 11.81 ? 48  GLU A C   1 
ATOM   186  O O   . GLU A 1 27  ? 2.236   10.647  -2.580  1.00 12.91 ? 48  GLU A O   1 
ATOM   187  C CB  . GLU A 1 27  ? 4.791   10.005  -1.082  1.00 12.41 ? 48  GLU A CB  1 
ATOM   188  C CG  . GLU A 1 27  ? 4.544   8.637   -0.445  1.00 11.82 ? 48  GLU A CG  1 
ATOM   189  C CD  . GLU A 1 27  ? 4.943   8.612   1.015   1.00 12.37 ? 48  GLU A CD  1 
ATOM   190  O OE1 . GLU A 1 27  ? 6.158   8.488   1.307   1.00 13.29 ? 48  GLU A OE1 1 
ATOM   191  O OE2 . GLU A 1 27  ? 4.045   8.745   1.863   1.00 12.44 ? 48  GLU A OE2 1 
ATOM   192  N N   . VAL A 1 28  ? 2.785   8.584   -3.259  1.00 11.08 ? 49  VAL A N   1 
ATOM   193  C CA  . VAL A 1 28  ? 1.433   8.061   -3.284  1.00 10.96 ? 49  VAL A CA  1 
ATOM   194  C C   . VAL A 1 28  ? 1.418   6.904   -2.297  1.00 10.91 ? 49  VAL A C   1 
ATOM   195  O O   . VAL A 1 28  ? 2.109   5.907   -2.498  1.00 11.05 ? 49  VAL A O   1 
ATOM   196  C CB  . VAL A 1 28  ? 1.055   7.567   -4.695  1.00 11.16 ? 49  VAL A CB  1 
ATOM   197  C CG1 . VAL A 1 28  ? -0.346  6.966   -4.688  1.00 12.08 ? 49  VAL A CG1 1 
ATOM   198  C CG2 . VAL A 1 28  ? 1.185   8.694   -5.740  1.00 12.67 ? 49  VAL A CG2 1 
ATOM   199  N N   . LEU A 1 29  ? 0.662   7.064   -1.221  1.00 10.49 ? 50  LEU A N   1 
ATOM   200  C CA  . LEU A 1 29  ? 0.677   6.156   -0.093  1.00 10.79 ? 50  LEU A CA  1 
ATOM   201  C C   . LEU A 1 29  ? -0.661  5.423   -0.064  1.00 10.34 ? 50  LEU A C   1 
ATOM   202  O O   . LEU A 1 29  ? -1.698  6.060   0.006   1.00 10.15 ? 50  LEU A O   1 
ATOM   203  C CB  . LEU A 1 29  ? 0.874   6.982   1.192   1.00 11.05 ? 50  LEU A CB  1 
ATOM   204  C CG  . LEU A 1 29  ? 0.546   6.337   2.538   1.00 12.12 ? 50  LEU A CG  1 
ATOM   205  C CD1 . LEU A 1 29  ? 1.162   4.977   2.738   1.00 13.45 ? 50  LEU A CD1 1 
ATOM   206  C CD2 . LEU A 1 29  ? 0.952   7.271   3.667   1.00 12.00 ? 50  LEU A CD2 1 
ATOM   207  N N   . GLU A 1 30  ? -0.625  4.099   -0.135  1.00 10.01 ? 51  GLU A N   1 
ATOM   208  C CA  . GLU A 1 30  ? -1.828  3.273   0.025   1.00 10.09 ? 51  GLU A CA  1 
ATOM   209  C C   . GLU A 1 30  ? -1.773  2.506   1.343   1.00 9.82  ? 51  GLU A C   1 
ATOM   210  O O   . GLU A 1 30  ? -0.894  1.670   1.534   1.00 11.28 ? 51  GLU A O   1 
ATOM   211  C CB  . GLU A 1 30  ? -1.983  2.274   -1.141  1.00 10.26 ? 51  GLU A CB  1 
ATOM   212  C CG  . GLU A 1 30  ? -3.239  1.414   -1.040  1.00 10.53 ? 51  GLU A CG  1 
ATOM   213  C CD  . GLU A 1 30  ? -3.208  0.148   -1.861  1.00 11.69 ? 51  GLU A CD  1 
ATOM   214  O OE1 . GLU A 1 30  ? -2.127  -0.271  -2.313  1.00 14.53 ? 51  GLU A OE1 1 
ATOM   215  O OE2 . GLU A 1 30  ? -4.317  -0.440  -2.000  1.00 14.08 ? 51  GLU A OE2 1 
ATOM   216  N N   . PHE A 1 31  ? -2.760  2.743   2.204   1.00 9.67  ? 52  PHE A N   1 
ATOM   217  C CA  . PHE A 1 31  ? -3.042  1.847   3.333   1.00 9.50  ? 52  PHE A CA  1 
ATOM   218  C C   . PHE A 1 31  ? -4.018  0.792   2.858   1.00 9.85  ? 52  PHE A C   1 
ATOM   219  O O   . PHE A 1 31  ? -5.030  1.107   2.247   1.00 10.82 ? 52  PHE A O   1 
ATOM   220  C CB  . PHE A 1 31  ? -3.682  2.594   4.506   1.00 9.68  ? 52  PHE A CB  1 
ATOM   221  C CG  . PHE A 1 31  ? -2.756  3.532   5.206   1.00 9.57  ? 52  PHE A CG  1 
ATOM   222  C CD1 . PHE A 1 31  ? -1.889  3.070   6.183   1.00 10.05 ? 52  PHE A CD1 1 
ATOM   223  C CD2 . PHE A 1 31  ? -2.783  4.872   4.924   1.00 10.19 ? 52  PHE A CD2 1 
ATOM   224  C CE1 . PHE A 1 31  ? -1.049  3.944   6.857   1.00 12.10 ? 52  PHE A CE1 1 
ATOM   225  C CE2 . PHE A 1 31  ? -1.934  5.754   5.598   1.00 12.34 ? 52  PHE A CE2 1 
ATOM   226  C CZ  . PHE A 1 31  ? -1.077  5.279   6.562   1.00 11.34 ? 52  PHE A CZ  1 
ATOM   227  N N   . PHE A 1 32  ? -3.715  -0.455  3.187   1.00 9.05  ? 53  PHE A N   1 
ATOM   228  C CA  . PHE A 1 32  ? -4.478  -1.589  2.694   1.00 9.57  ? 53  PHE A CA  1 
ATOM   229  C C   . PHE A 1 32  ? -4.472  -2.711  3.709   1.00 9.87  ? 53  PHE A C   1 
ATOM   230  O O   . PHE A 1 32  ? -3.744  -2.677  4.685   1.00 9.99  ? 53  PHE A O   1 
ATOM   231  C CB  . PHE A 1 32  ? -3.878  -2.091  1.375   1.00 10.53 ? 53  PHE A CB  1 
ATOM   232  C CG  . PHE A 1 32  ? -2.593  -2.839  1.554   1.00 10.10 ? 53  PHE A CG  1 
ATOM   233  C CD1 . PHE A 1 32  ? -2.572  -4.229  1.572   1.00 11.49 ? 53  PHE A CD1 1 
ATOM   234  C CD2 . PHE A 1 32  ? -1.391  -2.155  1.750   1.00 10.38 ? 53  PHE A CD2 1 
ATOM   235  C CE1 . PHE A 1 32  ? -1.409  -4.916  1.796   1.00 10.57 ? 53  PHE A CE1 1 
ATOM   236  C CE2 . PHE A 1 32  ? -0.210  -2.851  1.966   1.00 10.77 ? 53  PHE A CE2 1 
ATOM   237  C CZ  . PHE A 1 32  ? -0.224  -4.246  1.972   1.00 11.52 ? 53  PHE A CZ  1 
ATOM   238  N N   . GLY A 1 33  ? -5.296  -3.729  3.439   1.00 10.33 ? 54  GLY A N   1 
ATOM   239  C CA  . GLY A 1 33  ? -5.207  -5.003  4.124   1.00 10.33 ? 54  GLY A CA  1 
ATOM   240  C C   . GLY A 1 33  ? -5.302  -6.144  3.130   1.00 10.59 ? 54  GLY A C   1 
ATOM   241  O O   . GLY A 1 33  ? -6.076  -6.064  2.178   1.00 10.80 ? 54  GLY A O   1 
ATOM   242  N N   . TYR A 1 34  ? -4.530  -7.207  3.334   1.00 10.76 ? 55  TYR A N   1 
ATOM   243  C CA  . TYR A 1 34  ? -4.526  -8.323  2.381   1.00 11.20 ? 55  TYR A CA  1 
ATOM   244  C C   . TYR A 1 34  ? -5.845  -9.120  2.387   1.00 12.11 ? 55  TYR A C   1 
ATOM   245  O O   . TYR A 1 34  ? -6.127  -9.851  1.445   1.00 12.17 ? 55  TYR A O   1 
ATOM   246  C CB  . TYR A 1 34  ? -3.347  -9.262  2.647   1.00 11.65 ? 55  TYR A CB  1 
ATOM   247  C CG  . TYR A 1 34  ? -2.005  -8.790  2.140   1.00 11.40 ? 55  TYR A CG  1 
ATOM   248  C CD1 . TYR A 1 34  ? -1.814  -8.471  0.798   1.00 11.32 ? 55  TYR A CD1 1 
ATOM   249  C CD2 . TYR A 1 34  ? -0.904  -8.724  2.992   1.00 11.66 ? 55  TYR A CD2 1 
ATOM   250  C CE1 . TYR A 1 34  ? -0.555  -8.080  0.311   1.00 11.33 ? 55  TYR A CE1 1 
ATOM   251  C CE2 . TYR A 1 34  ? 0.338   -8.322  2.535   1.00 12.52 ? 55  TYR A CE2 1 
ATOM   252  C CZ  . TYR A 1 34  ? 0.517   -7.999  1.194   1.00 11.39 ? 55  TYR A CZ  1 
ATOM   253  O OH  . TYR A 1 34  ? 1.773   -7.611  0.734   1.00 13.38 ? 55  TYR A OH  1 
ATOM   254  N N   . PHE A 1 35  ? -6.617  -8.991  3.456   1.00 12.65 ? 56  PHE A N   1 
ATOM   255  C CA  . PHE A 1 35  ? -7.924  -9.635  3.609   1.00 12.62 ? 56  PHE A CA  1 
ATOM   256  C C   . PHE A 1 35  ? -9.049  -8.895  2.900   1.00 13.48 ? 56  PHE A C   1 
ATOM   257  O O   . PHE A 1 35  ? -10.164 -9.400  2.862   1.00 13.64 ? 56  PHE A O   1 
ATOM   258  C CB  . PHE A 1 35  ? -8.263  -9.702  5.102   1.00 12.84 ? 56  PHE A CB  1 
ATOM   259  C CG  . PHE A 1 35  ? -7.988  -8.431  5.812   1.00 12.96 ? 56  PHE A CG  1 
ATOM   260  C CD1 . PHE A 1 35  ? -8.717  -7.287  5.530   1.00 13.44 ? 56  PHE A CD1 1 
ATOM   261  C CD2 . PHE A 1 35  ? -6.961  -8.354  6.734   1.00 13.80 ? 56  PHE A CD2 1 
ATOM   262  C CE1 . PHE A 1 35  ? -8.448  -6.087  6.172   1.00 12.67 ? 56  PHE A CE1 1 
ATOM   263  C CE2 . PHE A 1 35  ? -6.684  -7.163  7.375   1.00 13.65 ? 56  PHE A CE2 1 
ATOM   264  C CZ  . PHE A 1 35  ? -7.420  -6.022  7.086   1.00 13.18 ? 56  PHE A CZ  1 
ATOM   265  N N   . CYS A 1 36  ? -8.774  -7.692  2.369   1.00 14.17 ? 57  CYS A N   1 
ATOM   266  C CA  . CYS A 1 36  ? -9.819  -6.741  1.986   1.00 14.68 ? 57  CYS A CA  1 
ATOM   267  C C   . CYS A 1 36  ? -10.213 -6.913  0.518   1.00 14.23 ? 57  CYS A C   1 
ATOM   268  O O   . CYS A 1 36  ? -9.416  -6.651  -0.375  1.00 13.37 ? 57  CYS A O   1 
ATOM   269  C CB  . CYS A 1 36  ? -9.298  -5.319  2.245   1.00 15.79 ? 57  CYS A CB  1 
ATOM   270  S SG  . CYS A 1 36  ? -10.416 -3.965  1.803   1.00 22.17 ? 57  CYS A SG  1 
ATOM   271  N N   . PRO A 1 37  ? -11.456 -7.336  0.251   1.00 14.35 ? 58  PRO A N   1 
ATOM   272  C CA  . PRO A 1 37  ? -11.872 -7.472  -1.130  1.00 14.34 ? 58  PRO A CA  1 
ATOM   273  C C   . PRO A 1 37  ? -11.751 -6.204  -1.955  1.00 14.11 ? 58  PRO A C   1 
ATOM   274  O O   . PRO A 1 37  ? -11.382 -6.290  -3.129  1.00 15.03 ? 58  PRO A O   1 
ATOM   275  C CB  . PRO A 1 37  ? -13.344 -7.895  -1.015  1.00 14.70 ? 58  PRO A CB  1 
ATOM   276  C CG  . PRO A 1 37  ? -13.450 -8.495  0.289   1.00 15.08 ? 58  PRO A CG  1 
ATOM   277  C CD  . PRO A 1 37  ? -12.533 -7.737  1.179   1.00 15.08 ? 58  PRO A CD  1 
ATOM   278  N N   . HIS A 1 38  ? -12.044 -5.039  -1.369  1.00 14.00 ? 59  HIS A N   1 
ATOM   279  C CA  A HIS A 1 38  ? -11.918 -3.772  -2.105  0.50 13.99 ? 59  HIS A CA  1 
ATOM   280  C CA  B HIS A 1 38  ? -11.921 -3.782  -2.098  0.50 14.12 ? 59  HIS A CA  1 
ATOM   281  C C   . HIS A 1 38  ? -10.453 -3.474  -2.422  1.00 13.36 ? 59  HIS A C   1 
ATOM   282  O O   . HIS A 1 38  ? -10.136 -3.005  -3.507  1.00 13.34 ? 59  HIS A O   1 
ATOM   283  C CB  A HIS A 1 38  ? -12.537 -2.591  -1.345  0.50 14.59 ? 59  HIS A CB  1 
ATOM   284  C CB  B HIS A 1 38  ? -12.574 -2.664  -1.294  0.50 14.96 ? 59  HIS A CB  1 
ATOM   285  C CG  A HIS A 1 38  ? -14.001 -2.393  -1.611  0.50 15.57 ? 59  HIS A CG  1 
ATOM   286  C CG  B HIS A 1 38  ? -14.019 -2.924  -0.995  0.50 16.42 ? 59  HIS A CG  1 
ATOM   287  N ND1 A HIS A 1 38  ? -14.612 -2.814  -2.773  0.50 17.31 ? 59  HIS A ND1 1 
ATOM   288  N ND1 B HIS A 1 38  ? -15.023 -2.641  -1.894  0.50 19.40 ? 59  HIS A ND1 1 
ATOM   289  C CD2 A HIS A 1 38  ? -14.969 -1.805  -0.867  0.50 17.97 ? 59  HIS A CD2 1 
ATOM   290  C CD2 B HIS A 1 38  ? -14.625 -3.473  0.084   0.50 18.98 ? 59  HIS A CD2 1 
ATOM   291  C CE1 A HIS A 1 38  ? -15.896 -2.499  -2.729  0.50 17.04 ? 59  HIS A CE1 1 
ATOM   292  C CE1 B HIS A 1 38  ? -16.187 -2.985  -1.374  0.50 19.73 ? 59  HIS A CE1 1 
ATOM   293  N NE2 A HIS A 1 38  ? -16.137 -1.883  -1.587  0.50 16.95 ? 59  HIS A NE2 1 
ATOM   294  N NE2 B HIS A 1 38  ? -15.972 -3.495  -0.175  0.50 20.18 ? 59  HIS A NE2 1 
ATOM   295  N N   . CYS A 1 39  ? -9.555  -3.735  -1.473  1.00 12.91 ? 60  CYS A N   1 
ATOM   296  C CA  . CYS A 1 39  ? -8.120  -3.591  -1.749  1.00 13.16 ? 60  CYS A CA  1 
ATOM   297  C C   . CYS A 1 39  ? -7.689  -4.523  -2.886  1.00 12.69 ? 60  CYS A C   1 
ATOM   298  O O   . CYS A 1 39  ? -6.861  -4.140  -3.727  1.00 12.40 ? 60  CYS A O   1 
ATOM   299  C CB  . CYS A 1 39  ? -7.295  -3.889  -0.506  1.00 12.79 ? 60  CYS A CB  1 
ATOM   300  S SG  . CYS A 1 39  ? -7.560  -2.659  0.790   1.00 15.77 ? 60  CYS A SG  1 
ATOM   301  N N   . ALA A 1 40  ? -8.233  -5.743  -2.914  1.00 13.01 ? 61  ALA A N   1 
ATOM   302  C CA  . ALA A 1 40  ? -7.858  -6.724  -3.938  1.00 13.25 ? 61  ALA A CA  1 
ATOM   303  C C   . ALA A 1 40  ? -8.337  -6.265  -5.310  1.00 13.35 ? 61  ALA A C   1 
ATOM   304  O O   . ALA A 1 40  ? -7.685  -6.523  -6.316  1.00 13.32 ? 61  ALA A O   1 
ATOM   305  C CB  . ALA A 1 40  ? -8.422  -8.126  -3.601  1.00 13.34 ? 61  ALA A CB  1 
ATOM   306  N N   . HIS A 1 41  ? -9.474  -5.568  -5.345  1.00 13.04 ? 62  HIS A N   1 
ATOM   307  C CA  . HIS A 1 41  ? -9.974  -5.031  -6.607  1.00 14.07 ? 62  HIS A CA  1 
ATOM   308  C C   . HIS A 1 41  ? -9.233  -3.780  -7.053  1.00 13.84 ? 62  HIS A C   1 
ATOM   309  O O   . HIS A 1 41  ? -9.005  -3.595  -8.245  1.00 15.08 ? 62  HIS A O   1 
ATOM   310  C CB  . HIS A 1 41  ? -11.480 -4.793  -6.531  1.00 15.09 ? 62  HIS A CB  1 
ATOM   311  C CG  . HIS A 1 41  ? -12.290 -6.035  -6.748  1.00 19.97 ? 62  HIS A CG  1 
ATOM   312  N ND1 . HIS A 1 41  ? -13.149 -6.549  -5.800  1.00 26.53 ? 62  HIS A ND1 1 
ATOM   313  C CD2 . HIS A 1 41  ? -12.369 -6.864  -7.817  1.00 23.38 ? 62  HIS A CD2 1 
ATOM   314  C CE1 . HIS A 1 41  ? -13.725 -7.639  -6.276  1.00 25.19 ? 62  HIS A CE1 1 
ATOM   315  N NE2 . HIS A 1 41  ? -13.269 -7.854  -7.498  1.00 25.18 ? 62  HIS A NE2 1 
ATOM   316  N N   . LEU A 1 42  ? -8.847  -2.918  -6.114  1.00 12.77 ? 63  LEU A N   1 
ATOM   317  C CA  . LEU A 1 42  ? -8.049  -1.744  -6.459  1.00 12.97 ? 63  LEU A CA  1 
ATOM   318  C C   . LEU A 1 42  ? -6.684  -2.168  -7.008  1.00 13.20 ? 63  LEU A C   1 
ATOM   319  O O   . LEU A 1 42  ? -6.108  -1.480  -7.856  1.00 12.63 ? 63  LEU A O   1 
ATOM   320  C CB  . LEU A 1 42  ? -7.881  -0.804  -5.245  1.00 12.44 ? 63  LEU A CB  1 
ATOM   321  C CG  . LEU A 1 42  ? -6.904  0.373   -5.383  1.00 11.67 ? 63  LEU A CG  1 
ATOM   322  C CD1 . LEU A 1 42  ? -7.274  1.216   -6.557  1.00 12.41 ? 63  LEU A CD1 1 
ATOM   323  C CD2 . LEU A 1 42  ? -6.854  1.241   -4.114  1.00 13.23 ? 63  LEU A CD2 1 
ATOM   324  N N   . GLU A 1 43  ? -6.159  -3.277  -6.489  1.00 13.17 ? 64  GLU A N   1 
ATOM   325  C CA  . GLU A 1 43  ? -4.758  -3.651  -6.728  1.00 13.41 ? 64  GLU A CA  1 
ATOM   326  C C   . GLU A 1 43  ? -4.356  -3.668  -8.195  1.00 13.52 ? 64  GLU A C   1 
ATOM   327  O O   . GLU A 1 43  ? -3.357  -3.048  -8.538  1.00 13.47 ? 64  GLU A O   1 
ATOM   328  C CB  . GLU A 1 43  ? -4.405  -4.979  -6.027  1.00 13.28 ? 64  GLU A CB  1 
ATOM   329  C CG  . GLU A 1 43  ? -2.968  -5.483  -6.238  1.00 14.29 ? 64  GLU A CG  1 
ATOM   330  C CD  . GLU A 1 43  ? -1.880  -4.556  -5.708  1.00 16.49 ? 64  GLU A CD  1 
ATOM   331  O OE1 . GLU A 1 43  ? -2.143  -3.726  -4.804  1.00 17.30 ? 64  GLU A OE1 1 
ATOM   332  O OE2 . GLU A 1 43  ? -0.745  -4.664  -6.240  1.00 17.26 ? 64  GLU A OE2 1 
ATOM   333  N N   . PRO A 1 44  ? -5.083  -4.404  -9.054  1.00 13.61 ? 65  PRO A N   1 
ATOM   334  C CA  . PRO A 1 44  ? -4.668  -4.367  -10.465 1.00 13.63 ? 65  PRO A CA  1 
ATOM   335  C C   . PRO A 1 44  ? -4.746  -2.975  -11.118 1.00 13.74 ? 65  PRO A C   1 
ATOM   336  O O   . PRO A 1 44  ? -3.971  -2.673  -12.029 1.00 13.98 ? 65  PRO A O   1 
ATOM   337  C CB  . PRO A 1 44  ? -5.653  -5.336  -11.144 1.00 14.28 ? 65  PRO A CB  1 
ATOM   338  C CG  . PRO A 1 44  ? -6.763  -5.453  -10.241 1.00 14.94 ? 65  PRO A CG  1 
ATOM   339  C CD  . PRO A 1 44  ? -6.232  -5.302  -8.862  1.00 14.04 ? 65  PRO A CD  1 
ATOM   340  N N   . VAL A 1 45  ? -5.688  -2.145  -10.673 1.00 13.09 ? 66  VAL A N   1 
ATOM   341  C CA  . VAL A 1 45  ? -5.861  -0.819  -11.261 1.00 13.05 ? 66  VAL A CA  1 
ATOM   342  C C   . VAL A 1 45  ? -4.694  0.071   -10.836 1.00 13.16 ? 66  VAL A C   1 
ATOM   343  O O   . VAL A 1 45  ? -4.056  0.743   -11.648 1.00 13.35 ? 66  VAL A O   1 
ATOM   344  C CB  . VAL A 1 45  ? -7.212  -0.196  -10.825 1.00 12.93 ? 66  VAL A CB  1 
ATOM   345  C CG1 . VAL A 1 45  ? -7.357  1.224   -11.322 1.00 13.98 ? 66  VAL A CG1 1 
ATOM   346  C CG2 . VAL A 1 45  ? -8.383  -1.061  -11.309 1.00 13.03 ? 66  VAL A CG2 1 
ATOM   347  N N   . LEU A 1 46  ? -4.396  0.038   -9.539  1.00 12.38 ? 67  LEU A N   1 
ATOM   348  C CA  . LEU A 1 46  ? -3.325  0.854   -8.991  1.00 13.18 ? 67  LEU A CA  1 
ATOM   349  C C   . LEU A 1 46  ? -1.959  0.389   -9.479  1.00 13.02 ? 67  LEU A C   1 
ATOM   350  O O   . LEU A 1 46  ? -1.101  1.215   -9.817  1.00 12.75 ? 67  LEU A O   1 
ATOM   351  C CB  . LEU A 1 46  ? -3.396  0.832   -7.462  1.00 13.17 ? 67  LEU A CB  1 
ATOM   352  C CG  . LEU A 1 46  ? -2.377  1.687   -6.715  1.00 13.08 ? 67  LEU A CG  1 
ATOM   353  C CD1 . LEU A 1 46  ? -2.425  3.164   -7.102  1.00 15.85 ? 67  LEU A CD1 1 
ATOM   354  C CD2 . LEU A 1 46  ? -2.574  1.482   -5.203  1.00 14.50 ? 67  LEU A CD2 1 
ATOM   355  N N   . SER A 1 47  ? -1.737  -0.927  -9.508  1.00 12.98 ? 68  SER A N   1 
ATOM   356  C CA  . SER A 1 47  ? -0.434  -1.437  -9.962  1.00 13.83 ? 68  SER A CA  1 
ATOM   357  C C   . SER A 1 47  ? -0.201  -1.084  -11.446 1.00 13.61 ? 68  SER A C   1 
ATOM   358  O O   . SER A 1 47  ? 0.914   -0.697  -11.834 1.00 14.39 ? 68  SER A O   1 
ATOM   359  C CB  . SER A 1 47  ? -0.293  -2.952  -9.727  1.00 14.36 ? 68  SER A CB  1 
ATOM   360  O OG  . SER A 1 47  ? -1.254  -3.701  -10.439 1.00 18.64 ? 68  SER A OG  1 
ATOM   361  N N   . LYS A 1 48  ? -1.235  -1.207  -12.270 1.00 13.77 ? 69  LYS A N   1 
ATOM   362  C CA  . LYS A 1 48  ? -1.117  -0.783  -13.670 1.00 14.24 ? 69  LYS A CA  1 
ATOM   363  C C   . LYS A 1 48  ? -0.781  0.703   -13.747 1.00 14.24 ? 69  LYS A C   1 
ATOM   364  O O   . LYS A 1 48  ? 0.131   1.118   -14.467 1.00 15.13 ? 69  LYS A O   1 
ATOM   365  C CB  . LYS A 1 48  ? -2.403  -1.064  -14.453 1.00 14.66 ? 69  LYS A CB  1 
ATOM   366  C CG  . LYS A 1 48  ? -2.352  -0.575  -15.905 1.00 15.27 ? 69  LYS A CG  1 
ATOM   367  C CD  . LYS A 1 48  ? -3.585  -1.019  -16.680 1.00 16.01 ? 69  LYS A CD  1 
ATOM   368  C CE  . LYS A 1 48  ? -3.427  -0.803  -18.182 1.00 18.04 ? 69  LYS A CE  1 
ATOM   369  N NZ  . LYS A 1 48  ? -4.621  -1.290  -18.931 1.00 20.43 ? 69  LYS A NZ  1 
ATOM   370  N N   . HIS A 1 49  ? -1.542  1.504   -13.015 1.00 14.52 ? 70  HIS A N   1 
ATOM   371  C CA  . HIS A 1 49  ? -1.353  2.947   -13.039 1.00 14.88 ? 70  HIS A CA  1 
ATOM   372  C C   . HIS A 1 49  ? 0.035   3.348   -12.577 1.00 15.24 ? 70  HIS A C   1 
ATOM   373  O O   . HIS A 1 49  ? 0.625   4.259   -13.129 1.00 15.17 ? 70  HIS A O   1 
ATOM   374  C CB  . HIS A 1 49  ? -2.415  3.656   -12.204 1.00 15.15 ? 70  HIS A CB  1 
ATOM   375  C CG  . HIS A 1 49  ? -2.513  5.113   -12.505 1.00 15.25 ? 70  HIS A CG  1 
ATOM   376  N ND1 . HIS A 1 49  ? -2.925  5.580   -13.736 1.00 17.61 ? 70  HIS A ND1 1 
ATOM   377  C CD2 . HIS A 1 49  ? -2.210  6.201   -11.764 1.00 16.32 ? 70  HIS A CD2 1 
ATOM   378  C CE1 . HIS A 1 49  ? -2.882  6.901   -13.730 1.00 17.61 ? 70  HIS A CE1 1 
ATOM   379  N NE2 . HIS A 1 49  ? -2.454  7.302   -12.546 1.00 15.41 ? 70  HIS A NE2 1 
ATOM   380  N N   . ALA A 1 50  ? 0.570   2.668   -11.567 1.00 15.26 ? 71  ALA A N   1 
ATOM   381  C CA  . ALA A 1 50  ? 1.880   3.049   -11.027 1.00 16.13 ? 71  ALA A CA  1 
ATOM   382  C C   . ALA A 1 50  ? 3.013   2.903   -12.056 1.00 16.44 ? 71  ALA A C   1 
ATOM   383  O O   . ALA A 1 50  ? 4.037   3.548   -11.943 1.00 16.35 ? 71  ALA A O   1 
ATOM   384  C CB  . ALA A 1 50  ? 2.189   2.274   -9.754  1.00 16.20 ? 71  ALA A CB  1 
ATOM   385  N N   . LYS A 1 51  ? 2.809   2.083   -13.074 1.00 17.49 ? 72  LYS A N   1 
ATOM   386  C CA  . LYS A 1 51  ? 3.801   2.005   -14.169 1.00 18.75 ? 72  LYS A CA  1 
ATOM   387  C C   . LYS A 1 51  ? 3.940   3.301   -14.950 1.00 19.66 ? 72  LYS A C   1 
ATOM   388  O O   . LYS A 1 51  ? 4.981   3.523   -15.568 1.00 20.92 ? 72  LYS A O   1 
ATOM   389  C CB  . LYS A 1 51  ? 3.458   0.877   -15.134 1.00 19.90 ? 72  LYS A CB  1 
ATOM   390  C CG  . LYS A 1 51  ? 3.327   -0.459  -14.465 1.00 20.47 ? 72  LYS A CG  1 
ATOM   391  C CD  . LYS A 1 51  ? 4.534   -0.814  -13.636 1.00 22.07 ? 72  LYS A CD  1 
ATOM   392  C CE  . LYS A 1 51  ? 4.395   -2.189  -13.026 1.00 24.93 ? 72  LYS A CE  1 
ATOM   393  N NZ  . LYS A 1 51  ? 3.617   -3.143  -13.863 1.00 28.30 ? 72  LYS A NZ  1 
ATOM   394  N N   . SER A 1 52  ? 2.924   4.156   -14.928 1.00 19.14 ? 73  SER A N   1 
ATOM   395  C CA  . SER A 1 52  ? 2.952   5.440   -15.634 1.00 19.64 ? 73  SER A CA  1 
ATOM   396  C C   . SER A 1 52  ? 3.564   6.549   -14.793 1.00 19.49 ? 73  SER A C   1 
ATOM   397  O O   . SER A 1 52  ? 3.690   7.679   -15.255 1.00 19.93 ? 73  SER A O   1 
ATOM   398  C CB  . SER A 1 52  ? 1.527   5.840   -16.076 1.00 20.25 ? 73  SER A CB  1 
ATOM   399  O OG  . SER A 1 52  ? 0.712   6.332   -15.006 1.00 21.83 ? 73  SER A OG  1 
ATOM   400  N N   . PHE A 1 53  ? 3.903   6.242   -13.538 1.00 19.24 ? 74  PHE A N   1 
ATOM   401  C CA  . PHE A 1 53  ? 4.465   7.258   -12.645 1.00 19.47 ? 74  PHE A CA  1 
ATOM   402  C C   . PHE A 1 53  ? 5.787   7.767   -13.204 1.00 20.26 ? 74  PHE A C   1 
ATOM   403  O O   . PHE A 1 53  ? 6.600   7.006   -13.734 1.00 20.30 ? 74  PHE A O   1 
ATOM   404  C CB  . PHE A 1 53  ? 4.758   6.678   -11.262 1.00 18.60 ? 74  PHE A CB  1 
ATOM   405  C CG  . PHE A 1 53  ? 3.553   6.501   -10.368 1.00 18.13 ? 74  PHE A CG  1 
ATOM   406  C CD1 . PHE A 1 53  ? 2.251   6.698   -10.804 1.00 17.02 ? 74  PHE A CD1 1 
ATOM   407  C CD2 . PHE A 1 53  ? 3.752   6.109   -9.067  1.00 16.36 ? 74  PHE A CD2 1 
ATOM   408  C CE1 . PHE A 1 53  ? 1.180   6.517   -9.941  1.00 17.31 ? 74  PHE A CE1 1 
ATOM   409  C CE2 . PHE A 1 53  ? 2.687   5.916   -8.213  1.00 17.69 ? 74  PHE A CE2 1 
ATOM   410  C CZ  . PHE A 1 53  ? 1.409   6.118   -8.649  1.00 16.58 ? 74  PHE A CZ  1 
ATOM   411  N N   . LYS A 1 54  ? 6.013   9.050   -12.998 1.00 21.37 ? 75  LYS A N   1 
ATOM   412  C CA  . LYS A 1 54  ? 7.282   9.680   -13.318 1.00 22.06 ? 75  LYS A CA  1 
ATOM   413  C C   . LYS A 1 54  ? 8.371   9.269   -12.335 1.00 22.80 ? 75  LYS A C   1 
ATOM   414  O O   . LYS A 1 54  ? 8.096   8.711   -11.276 1.00 22.68 ? 75  LYS A O   1 
ATOM   415  C CB  . LYS A 1 54  ? 7.120   11.194  -13.271 1.00 22.85 ? 75  LYS A CB  1 
ATOM   416  C CG  . LYS A 1 54  ? 6.003   11.734  -14.170 1.00 24.07 ? 75  LYS A CG  1 
ATOM   417  C CD  . LYS A 1 54  ? 6.205   11.275  -15.599 1.00 25.69 ? 75  LYS A CD  1 
ATOM   418  C CE  . LYS A 1 54  ? 5.321   12.009  -16.590 1.00 26.34 ? 75  LYS A CE  1 
ATOM   419  N NZ  . LYS A 1 54  ? 5.419   11.327  -17.909 1.00 26.81 ? 75  LYS A NZ  1 
ATOM   420  N N   . ASP A 1 55  ? 9.615   9.580   -12.678 1.00 23.15 ? 76  ASP A N   1 
ATOM   421  C CA  . ASP A 1 55  ? 10.769  9.148   -11.882 1.00 23.33 ? 76  ASP A CA  1 
ATOM   422  C C   . ASP A 1 55  ? 10.853  9.806   -10.502 1.00 23.16 ? 76  ASP A C   1 
ATOM   423  O O   . ASP A 1 55  ? 11.563  9.295   -9.625  1.00 23.77 ? 76  ASP A O   1 
ATOM   424  C CB  . ASP A 1 55  ? 12.071  9.378   -12.666 1.00 23.96 ? 76  ASP A CB  1 
ATOM   425  C CG  . ASP A 1 55  ? 12.212  8.448   -13.868 1.00 26.29 ? 76  ASP A CG  1 
ATOM   426  O OD1 . ASP A 1 55  ? 13.109  8.698   -14.707 1.00 29.07 ? 76  ASP A OD1 1 
ATOM   427  O OD2 . ASP A 1 55  ? 11.449  7.458   -13.981 1.00 28.91 ? 76  ASP A OD2 1 
ATOM   428  N N   . ASP A 1 56  ? 10.133  10.911  -10.310 1.00 22.64 ? 77  ASP A N   1 
ATOM   429  C CA  . ASP A 1 56  ? 10.039  11.571  -8.997  1.00 22.48 ? 77  ASP A CA  1 
ATOM   430  C C   . ASP A 1 56  ? 8.811   11.167  -8.174  1.00 22.15 ? 77  ASP A C   1 
ATOM   431  O O   . ASP A 1 56  ? 8.541   11.754  -7.126  1.00 21.91 ? 77  ASP A O   1 
ATOM   432  C CB  . ASP A 1 56  ? 10.071  13.093  -9.145  1.00 23.01 ? 77  ASP A CB  1 
ATOM   433  C CG  . ASP A 1 56  ? 8.766   13.669  -9.657  1.00 24.45 ? 77  ASP A CG  1 
ATOM   434  O OD1 . ASP A 1 56  ? 8.032   12.964  -10.390 1.00 23.08 ? 77  ASP A OD1 1 
ATOM   435  O OD2 . ASP A 1 56  ? 8.475   14.843  -9.334  1.00 26.17 ? 77  ASP A OD2 1 
ATOM   436  N N   . MET A 1 57  ? 8.061   10.181  -8.651  1.00 20.99 ? 78  MET A N   1 
ATOM   437  C CA  . MET A 1 57  ? 6.911   9.665   -7.919  1.00 20.74 ? 78  MET A CA  1 
ATOM   438  C C   . MET A 1 57  ? 7.187   8.246   -7.503  1.00 19.51 ? 78  MET A C   1 
ATOM   439  O O   . MET A 1 57  ? 7.947   7.536   -8.159  1.00 20.35 ? 78  MET A O   1 
ATOM   440  C CB  . MET A 1 57  ? 5.684   9.655   -8.809  1.00 20.87 ? 78  MET A CB  1 
ATOM   441  C CG  . MET A 1 57  ? 5.127   10.987  -9.119  1.00 21.78 ? 78  MET A CG  1 
ATOM   442  S SD  . MET A 1 57  ? 3.851   10.795  -10.364 1.00 24.20 ? 78  MET A SD  1 
ATOM   443  C CE  . MET A 1 57  ? 2.516   10.113  -9.390  1.00 21.92 ? 78  MET A CE  1 
ATOM   444  N N   . TYR A 1 58  ? 6.549   7.818   -6.416  1.00 17.60 ? 79  TYR A N   1 
ATOM   445  C CA  . TYR A 1 58  ? 6.660   6.439   -5.993  1.00 16.42 ? 79  TYR A CA  1 
ATOM   446  C C   . TYR A 1 58  ? 5.418   6.015   -5.234  1.00 15.05 ? 79  TYR A C   1 
ATOM   447  O O   . TYR A 1 58  ? 4.734   6.837   -4.632  1.00 14.41 ? 79  TYR A O   1 
ATOM   448  C CB  . TYR A 1 58  ? 7.932   6.217   -5.152  1.00 16.25 ? 79  TYR A CB  1 
ATOM   449  C CG  . TYR A 1 58  ? 7.977   7.000   -3.845  1.00 15.69 ? 79  TYR A CG  1 
ATOM   450  C CD1 . TYR A 1 58  ? 7.768   6.362   -2.613  1.00 15.32 ? 79  TYR A CD1 1 
ATOM   451  C CD2 . TYR A 1 58  ? 8.222   8.376   -3.826  1.00 16.60 ? 79  TYR A CD2 1 
ATOM   452  C CE1 . TYR A 1 58  ? 7.779   7.080   -1.418  1.00 16.27 ? 79  TYR A CE1 1 
ATOM   453  C CE2 . TYR A 1 58  ? 8.243   9.100   -2.623  1.00 16.24 ? 79  TYR A CE2 1 
ATOM   454  C CZ  . TYR A 1 58  ? 8.037   8.446   -1.427  1.00 15.86 ? 79  TYR A CZ  1 
ATOM   455  O OH  . TYR A 1 58  ? 8.052   9.173   -0.263  1.00 15.77 ? 79  TYR A OH  1 
ATOM   456  N N   . LEU A 1 59  ? 5.145   4.719   -5.285  1.00 14.41 ? 80  LEU A N   1 
ATOM   457  C CA  . LEU A 1 59  ? 4.041   4.124   -4.562  1.00 13.74 ? 80  LEU A CA  1 
ATOM   458  C C   . LEU A 1 59  ? 4.585   3.478   -3.294  1.00 13.23 ? 80  LEU A C   1 
ATOM   459  O O   . LEU A 1 59  ? 5.379   2.541   -3.362  1.00 13.89 ? 80  LEU A O   1 
ATOM   460  C CB  . LEU A 1 59  ? 3.354   3.061   -5.420  1.00 14.34 ? 80  LEU A CB  1 
ATOM   461  C CG  . LEU A 1 59  ? 2.195   2.328   -4.746  1.00 13.91 ? 80  LEU A CG  1 
ATOM   462  C CD1 . LEU A 1 59  ? 1.069   3.276   -4.354  1.00 15.90 ? 80  LEU A CD1 1 
ATOM   463  C CD2 . LEU A 1 59  ? 1.668   1.251   -5.664  1.00 14.18 ? 80  LEU A CD2 1 
ATOM   464  N N   . ARG A 1 60  ? 4.147   4.004   -2.150  1.00 11.13 ? 81  ARG A N   1 
ATOM   465  C CA  . ARG A 1 60  ? 4.399   3.446   -0.818  1.00 10.56 ? 81  ARG A CA  1 
ATOM   466  C C   . ARG A 1 60  ? 3.156   2.722   -0.352  1.00 10.66 ? 81  ARG A C   1 
ATOM   467  O O   . ARG A 1 60  ? 2.055   3.260   -0.479  1.00 11.73 ? 81  ARG A O   1 
ATOM   468  C CB  . ARG A 1 60  ? 4.691   4.613   0.131   1.00 10.36 ? 81  ARG A CB  1 
ATOM   469  C CG  . ARG A 1 60  ? 4.755   4.302   1.606   1.00 10.38 ? 81  ARG A CG  1 
ATOM   470  C CD  . ARG A 1 60  ? 4.830   5.586   2.408   1.00 9.71  ? 81  ARG A CD  1 
ATOM   471  N NE  . ARG A 1 60  ? 4.904   5.374   3.841   1.00 9.69  ? 81  ARG A NE  1 
ATOM   472  C CZ  . ARG A 1 60  ? 5.011   6.356   4.724   1.00 11.52 ? 81  ARG A CZ  1 
ATOM   473  N NH1 . ARG A 1 60  ? 5.040   7.619   4.352   1.00 11.82 ? 81  ARG A NH1 1 
ATOM   474  N NH2 . ARG A 1 60  ? 5.115   6.053   6.001   1.00 12.43 ? 81  ARG A NH2 1 
ATOM   475  N N   . THR A 1 61  ? 3.343   1.546   0.236   1.00 11.47 ? 82  THR A N   1 
ATOM   476  C CA  . THR A 1 61  ? 2.211   0.794   0.767   1.00 11.24 ? 82  THR A CA  1 
ATOM   477  C C   . THR A 1 61  ? 2.444   0.494   2.239   1.00 11.83 ? 82  THR A C   1 
ATOM   478  O O   . THR A 1 61  ? 3.578   0.307   2.679   1.00 13.23 ? 82  THR A O   1 
ATOM   479  C CB  . THR A 1 61  ? 1.919   -0.481  -0.027  1.00 12.73 ? 82  THR A CB  1 
ATOM   480  O OG1 . THR A 1 61  ? 3.030   -1.374  0.071   1.00 14.90 ? 82  THR A OG1 1 
ATOM   481  C CG2 . THR A 1 61  ? 1.642   -0.134  -1.501  1.00 12.69 ? 82  THR A CG2 1 
ATOM   482  N N   . GLU A 1 62  ? 1.359   0.527   3.011   1.00 10.20 ? 83  GLU A N   1 
ATOM   483  C CA  . GLU A 1 62  ? 1.399   0.201   4.439   1.00 10.10 ? 83  GLU A CA  1 
ATOM   484  C C   . GLU A 1 62  ? 0.170   -0.643  4.757   1.00 9.97  ? 83  GLU A C   1 
ATOM   485  O O   . GLU A 1 62  ? -0.951  -0.257  4.416   1.00 11.36 ? 83  GLU A O   1 
ATOM   486  C CB  . GLU A 1 62  ? 1.392   1.463   5.289   1.00 10.31 ? 83  GLU A CB  1 
ATOM   487  C CG  . GLU A 1 62  ? 2.476   2.473   4.937   1.00 11.18 ? 83  GLU A CG  1 
ATOM   488  C CD  . GLU A 1 62  ? 3.895   2.092   5.375   1.00 14.42 ? 83  GLU A CD  1 
ATOM   489  O OE1 . GLU A 1 62  ? 4.082   1.110   6.118   1.00 14.24 ? 83  GLU A OE1 1 
ATOM   490  O OE2 . GLU A 1 62  ? 4.845   2.821   4.988   1.00 15.07 ? 83  GLU A OE2 1 
ATOM   491  N N   . HIS A 1 63  ? 0.382   -1.764  5.445   1.00 9.76  ? 84  HIS A N   1 
ATOM   492  C CA  . HIS A 1 63  ? -0.730  -2.605  5.862   1.00 9.45  ? 84  HIS A CA  1 
ATOM   493  C C   . HIS A 1 63  ? -1.271  -2.054  7.177   1.00 10.19 ? 84  HIS A C   1 
ATOM   494  O O   . HIS A 1 63  ? -0.514  -1.803  8.101   1.00 10.98 ? 84  HIS A O   1 
ATOM   495  C CB  . HIS A 1 63  ? -0.236  -4.044  6.083   1.00 9.86  ? 84  HIS A CB  1 
ATOM   496  C CG  . HIS A 1 63  ? -1.323  -5.079  6.070   1.00 9.24  ? 84  HIS A CG  1 
ATOM   497  N ND1 . HIS A 1 63  ? -2.282  -5.189  7.059   1.00 10.16 ? 84  HIS A ND1 1 
ATOM   498  C CD2 . HIS A 1 63  ? -1.582  -6.068  5.183   1.00 11.18 ? 84  HIS A CD2 1 
ATOM   499  C CE1 . HIS A 1 63  ? -3.085  -6.199  6.767   1.00 10.45 ? 84  HIS A CE1 1 
ATOM   500  N NE2 . HIS A 1 63  ? -2.685  -6.747  5.639   1.00 9.86  ? 84  HIS A NE2 1 
ATOM   501  N N   . VAL A 1 64  ? -2.592  -1.905  7.284   1.00 9.67  ? 85  VAL A N   1 
ATOM   502  C CA  . VAL A 1 64  ? -3.179  -1.459  8.538   1.00 9.25  ? 85  VAL A CA  1 
ATOM   503  C C   . VAL A 1 64  ? -2.985  -2.521  9.613   1.00 9.53  ? 85  VAL A C   1 
ATOM   504  O O   . VAL A 1 64  ? -2.880  -3.704  9.297   1.00 10.52 ? 85  VAL A O   1 
ATOM   505  C CB  . VAL A 1 64  ? -4.698  -1.149  8.416   1.00 8.49  ? 85  VAL A CB  1 
ATOM   506  C CG1 . VAL A 1 64  ? -4.912  0.043   7.502   1.00 10.37 ? 85  VAL A CG1 1 
ATOM   507  C CG2 . VAL A 1 64  ? -5.483  -2.368  7.890   1.00 9.70  ? 85  VAL A CG2 1 
ATOM   508  N N   . VAL A 1 65  ? -2.947  -2.087  10.872  1.00 9.71  ? 86  VAL A N   1 
ATOM   509  C CA  . VAL A 1 65  ? -2.909  -2.981  12.001  1.00 10.18 ? 86  VAL A CA  1 
ATOM   510  C C   . VAL A 1 65  ? -4.006  -2.547  12.981  1.00 10.97 ? 86  VAL A C   1 
ATOM   511  O O   . VAL A 1 65  ? -3.861  -1.552  13.679  1.00 11.22 ? 86  VAL A O   1 
ATOM   512  C CB  . VAL A 1 65  ? -1.539  -2.990  12.714  1.00 10.62 ? 86  VAL A CB  1 
ATOM   513  C CG1 . VAL A 1 65  ? -1.567  -3.995  13.834  1.00 10.75 ? 86  VAL A CG1 1 
ATOM   514  C CG2 . VAL A 1 65  ? -0.419  -3.315  11.754  1.00 11.79 ? 86  VAL A CG2 1 
ATOM   515  N N   . TRP A 1 66  ? -5.120  -3.281  12.965  1.00 10.97 ? 87  TRP A N   1 
ATOM   516  C CA  . TRP A 1 66  ? -6.302  -2.958  13.751  1.00 11.02 ? 87  TRP A CA  1 
ATOM   517  C C   . TRP A 1 66  ? -6.498  -3.860  14.963  1.00 11.38 ? 87  TRP A C   1 
ATOM   518  O O   . TRP A 1 66  ? -7.425  -3.643  15.739  1.00 13.14 ? 87  TRP A O   1 
ATOM   519  C CB  . TRP A 1 66  ? -7.535  -3.002  12.863  1.00 10.73 ? 87  TRP A CB  1 
ATOM   520  C CG  . TRP A 1 66  ? -7.629  -1.878  11.901  1.00 10.75 ? 87  TRP A CG  1 
ATOM   521  C CD1 . TRP A 1 66  ? -7.204  -0.600  12.095  1.00 11.25 ? 87  TRP A CD1 1 
ATOM   522  C CD2 . TRP A 1 66  ? -8.224  -1.912  10.601  1.00 10.46 ? 87  TRP A CD2 1 
ATOM   523  N NE1 . TRP A 1 66  ? -7.469  0.152   10.982  1.00 11.41 ? 87  TRP A NE1 1 
ATOM   524  C CE2 . TRP A 1 66  ? -8.129  -0.622  10.063  1.00 11.14 ? 87  TRP A CE2 1 
ATOM   525  C CE3 . TRP A 1 66  ? -8.842  -2.913  9.842   1.00 9.63  ? 87  TRP A CE3 1 
ATOM   526  C CZ2 . TRP A 1 66  ? -8.611  -0.310  8.790   1.00 10.95 ? 87  TRP A CZ2 1 
ATOM   527  C CZ3 . TRP A 1 66  ? -9.320  -2.603  8.588   1.00 11.37 ? 87  TRP A CZ3 1 
ATOM   528  C CH2 . TRP A 1 66  ? -9.225  -1.316  8.078   1.00 11.32 ? 87  TRP A CH2 1 
ATOM   529  N N   . GLN A 1 67  ? -5.663  -4.877  15.079  1.00 11.00 ? 88  GLN A N   1 
ATOM   530  C CA  . GLN A 1 67  ? -5.664  -5.787  16.218  1.00 11.48 ? 88  GLN A CA  1 
ATOM   531  C C   . GLN A 1 67  ? -4.327  -6.529  16.232  1.00 11.82 ? 88  GLN A C   1 
ATOM   532  O O   . GLN A 1 67  ? -3.631  -6.597  15.208  1.00 11.97 ? 88  GLN A O   1 
ATOM   533  C CB  . GLN A 1 67  ? -6.840  -6.769  16.128  1.00 11.84 ? 88  GLN A CB  1 
ATOM   534  C CG  . GLN A 1 67  ? -6.793  -7.728  14.939  1.00 11.77 ? 88  GLN A CG  1 
ATOM   535  C CD  . GLN A 1 67  ? -8.023  -8.607  14.780  1.00 11.86 ? 88  GLN A CD  1 
ATOM   536  O OE1 . GLN A 1 67  ? -9.027  -8.439  15.484  1.00 12.02 ? 88  GLN A OE1 1 
ATOM   537  N NE2 . GLN A 1 67  ? -7.960  -9.524  13.815  1.00 13.01 ? 88  GLN A NE2 1 
ATOM   538  N N   . LYS A 1 68  ? -3.963  -7.103  17.378  1.00 12.61 ? 89  LYS A N   1 
ATOM   539  C CA  . LYS A 1 68  ? -2.652  -7.724  17.519  1.00 13.82 ? 89  LYS A CA  1 
ATOM   540  C C   . LYS A 1 68  ? -2.411  -8.824  16.508  1.00 13.10 ? 89  LYS A C   1 
ATOM   541  O O   . LYS A 1 68  ? -1.292  -9.034  16.064  1.00 13.25 ? 89  LYS A O   1 
ATOM   542  C CB  . LYS A 1 68  ? -2.442  -8.271  18.935  1.00 14.91 ? 89  LYS A CB  1 
ATOM   543  C CG  . LYS A 1 68  ? -3.336  -9.429  19.330  1.00 17.30 ? 89  LYS A CG  1 
ATOM   544  C CD  . LYS A 1 68  ? -2.991  -9.914  20.754  1.00 17.84 ? 89  LYS A CD  1 
ATOM   545  C CE  . LYS A 1 68  ? -3.670  -11.247 21.113  1.00 20.40 ? 89  LYS A CE  1 
ATOM   546  N NZ  . LYS A 1 68  ? -3.236  -11.737 22.483  1.00 23.97 ? 89  LYS A NZ  1 
ATOM   547  N N   . GLU A 1 69  ? -3.465  -9.541  16.141  1.00 13.23 ? 90  GLU A N   1 
ATOM   548  C CA  . GLU A 1 69  ? -3.338  -10.674 15.253  1.00 12.72 ? 90  GLU A CA  1 
ATOM   549  C C   . GLU A 1 69  ? -2.958  -10.215 13.832  1.00 12.28 ? 90  GLU A C   1 
ATOM   550  O O   . GLU A 1 69  ? -2.421  -10.985 13.032  1.00 13.99 ? 90  GLU A O   1 
ATOM   551  C CB  . GLU A 1 69  ? -4.643  -11.458 15.200  1.00 12.95 ? 90  GLU A CB  1 
ATOM   552  C CG  . GLU A 1 69  ? -5.005  -12.184 16.502  1.00 14.35 ? 90  GLU A CG  1 
ATOM   553  C CD  . GLU A 1 69  ? -5.762  -11.327 17.536  1.00 15.35 ? 90  GLU A CD  1 
ATOM   554  O OE1 . GLU A 1 69  ? -6.011  -10.123 17.310  1.00 14.25 ? 90  GLU A OE1 1 
ATOM   555  O OE2 . GLU A 1 69  ? -6.121  -11.870 18.615  1.00 18.03 ? 90  GLU A OE2 1 
ATOM   556  N N   . MET A 1 70  ? -3.228  -8.953  13.540  1.00 11.48 ? 91  MET A N   1 
ATOM   557  C CA  . MET A 1 70  ? -2.992  -8.421  12.204  1.00 11.71 ? 91  MET A CA  1 
ATOM   558  C C   . MET A 1 70  ? -1.509  -8.065  11.963  1.00 11.98 ? 91  MET A C   1 
ATOM   559  O O   . MET A 1 70  ? -1.110  -7.823  10.833  1.00 11.24 ? 91  MET A O   1 
ATOM   560  C CB  . MET A 1 70  ? -3.886  -7.194  11.994  1.00 11.45 ? 91  MET A CB  1 
ATOM   561  C CG  . MET A 1 70  ? -4.022  -6.746  10.582  1.00 11.40 ? 91  MET A CG  1 
ATOM   562  S SD  . MET A 1 70  ? -5.292  -5.490  10.327  1.00 11.27 ? 91  MET A SD  1 
ATOM   563  C CE  . MET A 1 70  ? -6.791  -6.400  10.758  1.00 11.58 ? 91  MET A CE  1 
ATOM   564  N N   . LEU A 1 71  ? -0.701  -8.041  13.024  1.00 12.16 ? 92  LEU A N   1 
ATOM   565  C CA  . LEU A 1 71  ? 0.738   -7.755  12.902  1.00 12.40 ? 92  LEU A CA  1 
ATOM   566  C C   . LEU A 1 71  ? 1.421   -8.770  11.992  1.00 12.40 ? 92  LEU A C   1 
ATOM   567  O O   . LEU A 1 71  ? 2.376   -8.446  11.306  1.00 12.46 ? 92  LEU A O   1 
ATOM   568  C CB  . LEU A 1 71  ? 1.424   -7.711  14.271  1.00 12.75 ? 92  LEU A CB  1 
ATOM   569  C CG  . LEU A 1 71  ? 1.294   -6.394  15.033  1.00 13.89 ? 92  LEU A CG  1 
ATOM   570  C CD1 . LEU A 1 71  ? 1.744   -6.606  16.475  1.00 15.16 ? 92  LEU A CD1 1 
ATOM   571  C CD2 . LEU A 1 71  ? 2.110   -5.260  14.382  1.00 12.46 ? 92  LEU A CD2 1 
ATOM   572  N N   . THR A 1 72  ? 0.936   -10.002 11.987  1.00 12.39 ? 93  THR A N   1 
ATOM   573  C CA  . THR A 1 72  ? 1.493   -11.024 11.095  1.00 12.36 ? 93  THR A CA  1 
ATOM   574  C C   . THR A 1 72  ? 1.347   -10.648 9.621   1.00 11.88 ? 93  THR A C   1 
ATOM   575  O O   . THR A 1 72  ? 2.282   -10.808 8.828   1.00 12.18 ? 93  THR A O   1 
ATOM   576  C CB  . THR A 1 72  ? 0.830   -12.390 11.348  1.00 12.98 ? 93  THR A CB  1 
ATOM   577  O OG1 . THR A 1 72  ? 1.099   -12.773 12.708  1.00 16.50 ? 93  THR A OG1 1 
ATOM   578  C CG2 . THR A 1 72  ? 1.367   -13.425 10.387  1.00 14.55 ? 93  THR A CG2 1 
ATOM   579  N N   . LEU A 1 73  ? 0.169   -10.134 9.254   1.00 11.15 ? 94  LEU A N   1 
ATOM   580  C CA  . LEU A 1 73  ? -0.070  -9.693  7.883   1.00 11.48 ? 94  LEU A CA  1 
ATOM   581  C C   . LEU A 1 73  ? 0.753   -8.453  7.583   1.00 11.21 ? 94  LEU A C   1 
ATOM   582  O O   . LEU A 1 73  ? 1.249   -8.311  6.467   1.00 12.04 ? 94  LEU A O   1 
ATOM   583  C CB  . LEU A 1 73  ? -1.547  -9.402  7.634   1.00 11.36 ? 94  LEU A CB  1 
ATOM   584  C CG  . LEU A 1 73  ? -2.450  -10.628 7.755   1.00 12.86 ? 94  LEU A CG  1 
ATOM   585  C CD1 . LEU A 1 73  ? -3.888  -10.211 7.648   1.00 12.80 ? 94  LEU A CD1 1 
ATOM   586  C CD2 . LEU A 1 73  ? -2.070  -11.652 6.686   1.00 15.06 ? 94  LEU A CD2 1 
ATOM   587  N N   . ALA A 1 74  ? 0.879   -7.546  8.552   1.00 10.88 ? 95  ALA A N   1 
ATOM   588  C CA  . ALA A 1 74  ? 1.772   -6.407  8.377   1.00 10.49 ? 95  ALA A CA  1 
ATOM   589  C C   . ALA A 1 74  ? 3.229   -6.807  8.155   1.00 10.93 ? 95  ALA A C   1 
ATOM   590  O O   . ALA A 1 74  ? 3.926   -6.195  7.333   1.00 11.24 ? 95  ALA A O   1 
ATOM   591  C CB  . ALA A 1 74  ? 1.660   -5.451  9.554   1.00 10.81 ? 95  ALA A CB  1 
ATOM   592  N N   . ARG A 1 75  ? 3.685   -7.821  8.891   1.00 11.04 ? 96  ARG A N   1 
ATOM   593  C CA  . ARG A 1 75  ? 5.039   -8.312  8.731   1.00 11.03 ? 96  ARG A CA  1 
ATOM   594  C C   . ARG A 1 75  ? 5.212   -8.978  7.353   1.00 11.19 ? 96  ARG A C   1 
ATOM   595  O O   . ARG A 1 75  ? 6.276   -8.854  6.727   1.00 10.99 ? 96  ARG A O   1 
ATOM   596  C CB  . ARG A 1 75  ? 5.383   -9.273  9.853   1.00 11.37 ? 96  ARG A CB  1 
ATOM   597  C CG  . ARG A 1 75  ? 6.819   -9.672  9.915   1.00 12.53 ? 96  ARG A CG  1 
ATOM   598  C CD  . ARG A 1 75  ? 7.167   -10.413 11.220  1.00 12.95 ? 96  ARG A CD  1 
ATOM   599  N NE  . ARG A 1 75  ? 8.610   -10.590 11.254  1.00 16.84 ? 96  ARG A NE  1 
ATOM   600  C CZ  . ARG A 1 75  ? 9.350   -10.860 12.326  1.00 18.65 ? 96  ARG A CZ  1 
ATOM   601  N NH1 . ARG A 1 75  ? 8.796   -11.017 13.521  1.00 19.35 ? 96  ARG A NH1 1 
ATOM   602  N NH2 . ARG A 1 75  ? 10.683  -10.939 12.190  1.00 17.87 ? 96  ARG A NH2 1 
ATOM   603  N N   . LEU A 1 76  ? 4.185   -9.679  6.874   1.00 11.43 ? 97  LEU A N   1 
ATOM   604  C CA  . LEU A 1 76  ? 4.187   -10.164 5.495   1.00 11.04 ? 97  LEU A CA  1 
ATOM   605  C C   . LEU A 1 76  ? 4.303   -9.024  4.476   1.00 11.46 ? 97  LEU A C   1 
ATOM   606  O O   . LEU A 1 76  ? 5.103   -9.076  3.543   1.00 11.98 ? 97  LEU A O   1 
ATOM   607  C CB  . LEU A 1 76  ? 2.936   -10.992 5.194   1.00 11.58 ? 97  LEU A CB  1 
ATOM   608  C CG  . LEU A 1 76  ? 2.713   -11.431 3.739   1.00 11.52 ? 97  LEU A CG  1 
ATOM   609  C CD1 . LEU A 1 76  ? 3.890   -12.292 3.233   1.00 13.49 ? 97  LEU A CD1 1 
ATOM   610  C CD2 . LEU A 1 76  ? 1.399   -12.213 3.597   1.00 12.60 ? 97  LEU A CD2 1 
ATOM   611  N N   . ALA A 1 77  ? 3.527   -7.967  4.688   1.00 10.61 ? 98  ALA A N   1 
ATOM   612  C CA  . ALA A 1 77  ? 3.568   -6.825  3.786   1.00 11.22 ? 98  ALA A CA  1 
ATOM   613  C C   . ALA A 1 77  ? 4.969   -6.237  3.788   1.00 11.24 ? 98  ALA A C   1 
ATOM   614  O O   . ALA A 1 77  ? 5.511   -5.905  2.729   1.00 11.72 ? 98  ALA A O   1 
ATOM   615  C CB  . ALA A 1 77  ? 2.526   -5.759  4.214   1.00 11.58 ? 98  ALA A CB  1 
ATOM   616  N N   . ALA A 1 78  ? 5.552   -6.104  4.977   1.00 10.96 ? 99  ALA A N   1 
ATOM   617  C CA  . ALA A 1 78  ? 6.927   -5.599  5.120   1.00 11.44 ? 99  ALA A CA  1 
ATOM   618  C C   . ALA A 1 78  ? 7.917   -6.466  4.348   1.00 11.48 ? 99  ALA A C   1 
ATOM   619  O O   . ALA A 1 78  ? 8.759   -5.954  3.616   1.00 12.09 ? 99  ALA A O   1 
ATOM   620  C CB  . ALA A 1 78  ? 7.317   -5.536  6.583   1.00 11.40 ? 99  ALA A CB  1 
ATOM   621  N N   . ALA A 1 79  ? 7.791   -7.779  4.509   1.00 11.36 ? 100 ALA A N   1 
ATOM   622  C CA  . ALA A 1 79  ? 8.696   -8.726  3.854   1.00 11.09 ? 100 ALA A CA  1 
ATOM   623  C C   . ALA A 1 79  ? 8.607   -8.629  2.326   1.00 11.40 ? 100 ALA A C   1 
ATOM   624  O O   . ALA A 1 79  ? 9.627   -8.687  1.632   1.00 11.45 ? 100 ALA A O   1 
ATOM   625  C CB  . ALA A 1 79  ? 8.409   -10.134 4.331   1.00 12.05 ? 100 ALA A CB  1 
ATOM   626  N N   . VAL A 1 80  ? 7.398   -8.481  1.797   1.00 11.89 ? 101 VAL A N   1 
ATOM   627  C CA  . VAL A 1 80  ? 7.214   -8.298  0.360   1.00 12.67 ? 101 VAL A CA  1 
ATOM   628  C C   . VAL A 1 80  ? 7.890   -7.028  -0.103  1.00 13.30 ? 101 VAL A C   1 
ATOM   629  O O   . VAL A 1 80  ? 8.603   -7.010  -1.099  1.00 13.08 ? 101 VAL A O   1 
ATOM   630  C CB  . VAL A 1 80  ? 5.709   -8.283  0.001   1.00 13.07 ? 101 VAL A CB  1 
ATOM   631  C CG1 . VAL A 1 80  ? 5.483   -7.827  -1.431  1.00 13.83 ? 101 VAL A CG1 1 
ATOM   632  C CG2 . VAL A 1 80  ? 5.117   -9.655  0.221   1.00 14.16 ? 101 VAL A CG2 1 
ATOM   633  N N   . ASP A 1 81  ? 7.670   -5.948  0.629   1.00 13.07 ? 102 ASP A N   1 
ATOM   634  C CA  . ASP A 1 81  ? 8.256   -4.675  0.239   1.00 14.70 ? 102 ASP A CA  1 
ATOM   635  C C   . ASP A 1 81  ? 9.789   -4.724  0.305   1.00 14.42 ? 102 ASP A C   1 
ATOM   636  O O   . ASP A 1 81  ? 10.488  -4.115  -0.523  1.00 15.91 ? 102 ASP A O   1 
ATOM   637  C CB  . ASP A 1 81  ? 7.749   -3.564  1.146   1.00 15.49 ? 102 ASP A CB  1 
ATOM   638  C CG  . ASP A 1 81  ? 7.507   -2.281  0.414   1.00 18.94 ? 102 ASP A CG  1 
ATOM   639  O OD1 . ASP A 1 81  ? 7.615   -2.247  -0.834  1.00 21.28 ? 102 ASP A OD1 1 
ATOM   640  O OD2 . ASP A 1 81  ? 7.205   -1.294  1.120   1.00 24.92 ? 102 ASP A OD2 1 
ATOM   641  N N   . MET A 1 82  ? 10.312  -5.432  1.305   1.00 14.33 ? 103 MET A N   1 
ATOM   642  C CA  . MET A 1 82  ? 11.758  -5.631  1.436   1.00 13.93 ? 103 MET A CA  1 
ATOM   643  C C   . MET A 1 82  ? 12.352  -6.377  0.252   1.00 14.68 ? 103 MET A C   1 
ATOM   644  O O   . MET A 1 82  ? 13.276  -5.879  -0.409  1.00 14.77 ? 103 MET A O   1 
ATOM   645  C CB  . MET A 1 82  ? 12.088  -6.372  2.743   1.00 13.61 ? 103 MET A CB  1 
ATOM   646  C CG  . MET A 1 82  ? 11.852  -5.524  3.967   1.00 13.63 ? 103 MET A CG  1 
ATOM   647  S SD  . MET A 1 82  ? 11.634  -6.491  5.476   1.00 14.23 ? 103 MET A SD  1 
ATOM   648  C CE  . MET A 1 82  ? 13.281  -7.167  5.670   1.00 15.24 ? 103 MET A CE  1 
ATOM   649  N N   . ALA A 1 83  ? 11.830  -7.566  -0.033  1.00 13.94 ? 104 ALA A N   1 
ATOM   650  C CA  . ALA A 1 83  ? 12.586  -8.542  -0.835  1.00 14.72 ? 104 ALA A CA  1 
ATOM   651  C C   . ALA A 1 83  ? 11.954  -8.992  -2.147  1.00 14.79 ? 104 ALA A C   1 
ATOM   652  O O   . ALA A 1 83  ? 12.619  -9.698  -2.915  1.00 14.95 ? 104 ALA A O   1 
ATOM   653  C CB  . ALA A 1 83  ? 12.914  -9.752  0.012   1.00 15.08 ? 104 ALA A CB  1 
ATOM   654  N N   . ALA A 1 84  ? 10.695  -8.635  -2.427  1.00 15.24 ? 105 ALA A N   1 
ATOM   655  C CA  . ALA A 1 84  ? 10.045  -9.154  -3.645  1.00 16.15 ? 105 ALA A CA  1 
ATOM   656  C C   . ALA A 1 84  ? 10.551  -8.470  -4.916  1.00 17.05 ? 105 ALA A C   1 
ATOM   657  O O   . ALA A 1 84  ? 10.413  -9.006  -6.010  1.00 17.73 ? 105 ALA A O   1 
ATOM   658  C CB  . ALA A 1 84  ? 8.531   -9.077  -3.555  1.00 15.70 ? 105 ALA A CB  1 
ATOM   659  N N   . ALA A 1 85  ? 11.162  -7.299  -4.752  1.00 18.44 ? 106 ALA A N   1 
ATOM   660  C CA  . ALA A 1 85  ? 11.862  -6.604  -5.838  1.00 19.16 ? 106 ALA A CA  1 
ATOM   661  C C   . ALA A 1 85  ? 10.993  -6.448  -7.093  1.00 19.97 ? 106 ALA A C   1 
ATOM   662  O O   . ALA A 1 85  ? 9.880   -5.926  -7.011  1.00 21.36 ? 106 ALA A O   1 
ATOM   663  C CB  . ALA A 1 85  ? 13.176  -7.315  -6.140  1.00 19.45 ? 106 ALA A CB  1 
ATOM   664  N N   . ASP A 1 86  ? 11.468  -6.919  -8.249  1.00 20.92 ? 107 ASP A N   1 
ATOM   665  C CA  . ASP A 1 86  ? 10.763  -6.666  -9.506  1.00 20.82 ? 107 ASP A CA  1 
ATOM   666  C C   . ASP A 1 86  ? 9.515   -7.537  -9.671  1.00 20.67 ? 107 ASP A C   1 
ATOM   667  O O   . ASP A 1 86  ? 8.816   -7.435  -10.693 1.00 22.24 ? 107 ASP A O   1 
ATOM   668  C CB  . ASP A 1 86  ? 11.701  -6.830  -10.707 1.00 21.83 ? 107 ASP A CB  1 
ATOM   669  C CG  . ASP A 1 86  ? 12.811  -5.795  -10.718 1.00 24.22 ? 107 ASP A CG  1 
ATOM   670  O OD1 . ASP A 1 86  ? 12.575  -4.665  -10.237 1.00 28.25 ? 107 ASP A OD1 1 
ATOM   671  O OD2 . ASP A 1 86  ? 13.919  -6.113  -11.209 1.00 30.04 ? 107 ASP A OD2 1 
ATOM   672  N N   . SER A 1 87  ? 9.230   -8.374  -8.670  1.00 19.72 ? 108 SER A N   1 
ATOM   673  C CA  . SER A 1 87  ? 8.013   -9.190  -8.646  1.00 18.95 ? 108 SER A CA  1 
ATOM   674  C C   . SER A 1 87  ? 7.042   -8.820  -7.503  1.00 18.10 ? 108 SER A C   1 
ATOM   675  O O   . SER A 1 87  ? 6.220   -9.655  -7.123  1.00 18.16 ? 108 SER A O   1 
ATOM   676  C CB  . SER A 1 87  ? 8.395   -10.669 -8.557  1.00 19.23 ? 108 SER A CB  1 
ATOM   677  O OG  . SER A 1 87  ? 9.186   -11.056 -9.670  1.00 22.44 ? 108 SER A OG  1 
ATOM   678  N N   . LYS A 1 88  ? 7.117   -7.601  -6.962  1.00 17.28 ? 109 LYS A N   1 
ATOM   679  C CA  A LYS A 1 88  ? 6.239   -7.205  -5.858  0.50 17.19 ? 109 LYS A CA  1 
ATOM   680  C CA  B LYS A 1 88  ? 6.228   -7.182  -5.863  0.50 17.02 ? 109 LYS A CA  1 
ATOM   681  C C   . LYS A 1 88  ? 4.771   -7.208  -6.302  1.00 16.47 ? 109 LYS A C   1 
ATOM   682  O O   . LYS A 1 88  ? 3.906   -7.656  -5.555  1.00 16.22 ? 109 LYS A O   1 
ATOM   683  C CB  A LYS A 1 88  ? 6.652   -5.846  -5.263  0.50 17.43 ? 109 LYS A CB  1 
ATOM   684  C CB  B LYS A 1 88  ? 6.583   -5.786  -5.313  0.50 17.14 ? 109 LYS A CB  1 
ATOM   685  C CG  A LYS A 1 88  ? 7.981   -5.878  -4.469  0.50 17.84 ? 109 LYS A CG  1 
ATOM   686  C CG  B LYS A 1 88  ? 5.601   -5.269  -4.238  0.50 17.07 ? 109 LYS A CG  1 
ATOM   687  C CD  A LYS A 1 88  ? 8.402   -4.481  -3.966  0.50 17.99 ? 109 LYS A CD  1 
ATOM   688  C CD  B LYS A 1 88  ? 6.019   -3.929  -3.594  0.50 17.35 ? 109 LYS A CD  1 
ATOM   689  C CE  A LYS A 1 88  ? 9.919   -4.197  -4.115  0.50 19.30 ? 109 LYS A CE  1 
ATOM   690  C CE  B LYS A 1 88  ? 4.923   -3.418  -2.644  0.50 17.66 ? 109 LYS A CE  1 
ATOM   691  N NZ  A LYS A 1 88  ? 10.846  -4.859  -3.126  0.50 19.20 ? 109 LYS A NZ  1 
ATOM   692  N NZ  B LYS A 1 88  ? 5.141   -2.055  -2.024  0.50 16.65 ? 109 LYS A NZ  1 
ATOM   693  N N   . ASP A 1 89  ? 4.488   -6.740  -7.523  1.00 15.97 ? 110 ASP A N   1 
ATOM   694  C CA  . ASP A 1 89  ? 3.095   -6.774  -8.016  1.00 15.52 ? 110 ASP A CA  1 
ATOM   695  C C   . ASP A 1 89  ? 2.547   -8.202  -8.069  1.00 15.05 ? 110 ASP A C   1 
ATOM   696  O O   . ASP A 1 89  ? 1.413   -8.451  -7.662  1.00 15.18 ? 110 ASP A O   1 
ATOM   697  C CB  . ASP A 1 89  ? 2.971   -6.136  -9.393  1.00 15.26 ? 110 ASP A CB  1 
ATOM   698  C CG  . ASP A 1 89  ? 3.148   -4.645  -9.365  1.00 17.71 ? 110 ASP A CG  1 
ATOM   699  O OD1 . ASP A 1 89  ? 3.242   -4.042  -8.256  1.00 19.53 ? 110 ASP A OD1 1 
ATOM   700  O OD2 . ASP A 1 89  ? 3.176   -4.060  -10.472 1.00 18.75 ? 110 ASP A OD2 1 
ATOM   701  N N   . VAL A 1 90  ? 3.349   -9.133  -8.563  1.00 14.97 ? 111 VAL A N   1 
ATOM   702  C CA  A VAL A 1 90  ? 2.977   -10.558 -8.597  0.50 14.42 ? 111 VAL A CA  1 
ATOM   703  C CA  B VAL A 1 90  ? 2.875   -10.514 -8.600  0.50 14.82 ? 111 VAL A CA  1 
ATOM   704  C C   . VAL A 1 90  ? 2.727   -11.081 -7.181  1.00 14.77 ? 111 VAL A C   1 
ATOM   705  O O   . VAL A 1 90  ? 1.763   -11.795 -6.906  1.00 14.81 ? 111 VAL A O   1 
ATOM   706  C CB  A VAL A 1 90  ? 4.091   -11.424 -9.253  0.50 14.46 ? 111 VAL A CB  1 
ATOM   707  C CB  B VAL A 1 90  ? 3.714   -11.443 -9.509  0.50 15.27 ? 111 VAL A CB  1 
ATOM   708  C CG1 A VAL A 1 90  ? 3.770   -12.929 -9.138  0.50 12.28 ? 111 VAL A CG1 1 
ATOM   709  C CG1 B VAL A 1 90  ? 3.430   -11.152 -10.976 0.50 15.25 ? 111 VAL A CG1 1 
ATOM   710  C CG2 A VAL A 1 90  ? 4.280   -11.039 -10.716 0.50 14.83 ? 111 VAL A CG2 1 
ATOM   711  C CG2 B VAL A 1 90  ? 5.177   -11.334 -9.214  0.50 15.94 ? 111 VAL A CG2 1 
ATOM   712  N N   . ALA A 1 91  ? 3.616   -10.725 -6.268  1.00 14.37 ? 112 ALA A N   1 
ATOM   713  C CA  . ALA A 1 91  ? 3.474   -11.174 -4.872  1.00 14.20 ? 112 ALA A CA  1 
ATOM   714  C C   . ALA A 1 91  ? 2.160   -10.688 -4.262  1.00 14.32 ? 112 ALA A C   1 
ATOM   715  O O   . ALA A 1 91  ? 1.402   -11.457 -3.665  1.00 14.11 ? 112 ALA A O   1 
ATOM   716  C CB  . ALA A 1 91  ? 4.652   -10.683 -4.034  1.00 14.10 ? 112 ALA A CB  1 
ATOM   717  N N   . ASN A 1 92  ? 1.891   -9.400  -4.392  1.00 14.14 ? 113 ASN A N   1 
ATOM   718  C CA  . ASN A 1 92  ? 0.679   -8.858  -3.805  1.00 14.54 ? 113 ASN A CA  1 
ATOM   719  C C   . ASN A 1 92  ? -0.558  -9.489  -4.421  1.00 14.89 ? 113 ASN A C   1 
ATOM   720  O O   . ASN A 1 92  ? -1.500  -9.817  -3.704  1.00 14.63 ? 113 ASN A O   1 
ATOM   721  C CB  . ASN A 1 92  ? 0.652   -7.334  -3.902  1.00 15.14 ? 113 ASN A CB  1 
ATOM   722  C CG  . ASN A 1 92  ? 1.670   -6.698  -2.991  1.00 14.88 ? 113 ASN A CG  1 
ATOM   723  O OD1 . ASN A 1 92  ? 1.886   -7.168  -1.874  1.00 15.66 ? 113 ASN A OD1 1 
ATOM   724  N ND2 . ASN A 1 92  ? 2.320   -5.651  -3.463  1.00 19.66 ? 113 ASN A ND2 1 
ATOM   725  N N   . SER A 1 93  ? -0.534  -9.696  -5.729  1.00 15.39 ? 114 SER A N   1 
ATOM   726  C CA  . SER A 1 93  ? -1.642  -10.367 -6.414  1.00 16.27 ? 114 SER A CA  1 
ATOM   727  C C   . SER A 1 93  ? -1.873  -11.778 -5.868  1.00 15.72 ? 114 SER A C   1 
ATOM   728  O O   . SER A 1 93  ? -3.027  -12.149 -5.582  1.00 16.51 ? 114 SER A O   1 
ATOM   729  C CB  . SER A 1 93  ? -1.389  -10.418 -7.927  1.00 17.01 ? 114 SER A CB  1 
ATOM   730  O OG  . SER A 1 93  ? -2.473  -11.039 -8.615  1.00 21.89 ? 114 SER A OG  1 
ATOM   731  N N   . HIS A 1 94  ? -0.793  -12.555 -5.707  1.00 15.35 ? 115 HIS A N   1 
ATOM   732  C CA  . HIS A 1 94  ? -0.854  -13.930 -5.141  1.00 14.89 ? 115 HIS A CA  1 
ATOM   733  C C   . HIS A 1 94  ? -1.481  -13.879 -3.730  1.00 14.05 ? 115 HIS A C   1 
ATOM   734  O O   . HIS A 1 94  ? -2.331  -14.705 -3.382  1.00 13.57 ? 115 HIS A O   1 
ATOM   735  C CB  . HIS A 1 94  ? 0.547   -14.598 -5.022  1.00 15.19 ? 115 HIS A CB  1 
ATOM   736  C CG  . HIS A 1 94  ? 1.071   -15.252 -6.277  1.00 15.71 ? 115 HIS A CG  1 
ATOM   737  N ND1 . HIS A 1 94  ? 2.007   -16.276 -6.261  1.00 16.46 ? 115 HIS A ND1 1 
ATOM   738  C CD2 . HIS A 1 94  ? 0.808   -15.012 -7.583  1.00 15.76 ? 115 HIS A CD2 1 
ATOM   739  C CE1 . HIS A 1 94  ? 2.294   -16.624 -7.504  1.00 16.66 ? 115 HIS A CE1 1 
ATOM   740  N NE2 . HIS A 1 94  ? 1.567   -15.884 -8.325  1.00 18.91 ? 115 HIS A NE2 1 
ATOM   741  N N   . ILE A 1 95  ? -1.048  -12.903 -2.914  1.00 13.37 ? 116 ILE A N   1 
ATOM   742  C CA  . ILE A 1 95  ? -1.467  -12.844 -1.515  1.00 13.03 ? 116 ILE A CA  1 
ATOM   743  C C   . ILE A 1 95  ? -2.929  -12.456 -1.403  1.00 12.70 ? 116 ILE A C   1 
ATOM   744  O O   . ILE A 1 95  ? -3.676  -13.068 -0.637  1.00 12.98 ? 116 ILE A O   1 
ATOM   745  C CB  . ILE A 1 95  ? -0.595  -11.866 -0.686  1.00 11.84 ? 116 ILE A CB  1 
ATOM   746  C CG1 . ILE A 1 95  ? 0.859   -12.359 -0.634  1.00 12.76 ? 116 ILE A CG1 1 
ATOM   747  C CG2 . ILE A 1 95  ? -1.127  -11.697 0.718   1.00 13.15 ? 116 ILE A CG2 1 
ATOM   748  C CD1 . ILE A 1 95  ? 1.830   -11.274 -0.177  1.00 14.03 ? 116 ILE A CD1 1 
ATOM   749  N N   . PHE A 1 96  ? -3.336  -11.425 -2.139  1.00 13.10 ? 117 PHE A N   1 
ATOM   750  C CA  . PHE A 1 96  ? -4.739  -11.024 -2.155  1.00 13.00 ? 117 PHE A CA  1 
ATOM   751  C C   . PHE A 1 96  ? -5.606  -12.216 -2.573  1.00 13.52 ? 117 PHE A C   1 
ATOM   752  O O   . PHE A 1 96  ? -6.652  -12.475 -1.972  1.00 14.53 ? 117 PHE A O   1 
ATOM   753  C CB  . PHE A 1 96  ? -5.010  -9.863  -3.118  1.00 13.12 ? 117 PHE A CB  1 
ATOM   754  C CG  . PHE A 1 96  ? -4.694  -8.498  -2.558  1.00 12.87 ? 117 PHE A CG  1 
ATOM   755  C CD1 . PHE A 1 96  ? -5.370  -8.010  -1.442  1.00 12.88 ? 117 PHE A CD1 1 
ATOM   756  C CD2 . PHE A 1 96  ? -3.756  -7.689  -3.176  1.00 12.95 ? 117 PHE A CD2 1 
ATOM   757  C CE1 . PHE A 1 96  ? -5.084  -6.750  -0.943  1.00 12.99 ? 117 PHE A CE1 1 
ATOM   758  C CE2 . PHE A 1 96  ? -3.469  -6.429  -2.670  1.00 13.50 ? 117 PHE A CE2 1 
ATOM   759  C CZ  . PHE A 1 96  ? -4.131  -5.969  -1.562  1.00 13.01 ? 117 PHE A CZ  1 
ATOM   760  N N   . ASP A 1 97  ? -5.186  -12.934 -3.611  1.00 13.86 ? 118 ASP A N   1 
ATOM   761  C CA  . ASP A 1 97  ? -6.036  -14.042 -4.079  1.00 14.22 ? 118 ASP A CA  1 
ATOM   762  C C   . ASP A 1 97  ? -6.060  -15.187 -3.074  1.00 14.34 ? 118 ASP A C   1 
ATOM   763  O O   . ASP A 1 97  ? -7.098  -15.803 -2.884  1.00 14.14 ? 118 ASP A O   1 
ATOM   764  C CB  . ASP A 1 97  ? -5.635  -14.578 -5.430  1.00 14.85 ? 118 ASP A CB  1 
ATOM   765  C CG  . ASP A 1 97  ? -6.771  -15.359 -6.079  1.00 16.63 ? 118 ASP A CG  1 
ATOM   766  O OD1 . ASP A 1 97  ? -6.694  -16.591 -6.172  1.00 20.85 ? 118 ASP A OD1 1 
ATOM   767  O OD2 . ASP A 1 97  ? -7.788  -14.719 -6.424  1.00 22.24 ? 118 ASP A OD2 1 
ATOM   768  N N   . ALA A 1 98  ? -4.925  -15.455 -2.437  1.00 13.92 ? 119 ALA A N   1 
ATOM   769  C CA  . ALA A 1 98  ? -4.835  -16.452 -1.375  1.00 14.32 ? 119 ALA A CA  1 
ATOM   770  C C   . ALA A 1 98  ? -5.855  -16.161 -0.279  1.00 14.22 ? 119 ALA A C   1 
ATOM   771  O O   . ALA A 1 98  ? -6.585  -17.046 0.160   1.00 14.57 ? 119 ALA A O   1 
ATOM   772  C CB  . ALA A 1 98  ? -3.427  -16.490 -0.794  1.00 14.58 ? 119 ALA A CB  1 
ATOM   773  N N   . MET A 1 99  ? -5.916  -14.913 0.171   1.00 14.41 ? 120 MET A N   1 
ATOM   774  C CA  . MET A 1 99  ? -6.778  -14.576 1.303   1.00 15.23 ? 120 MET A CA  1 
ATOM   775  C C   . MET A 1 99  ? -8.228  -14.403 0.914   1.00 15.44 ? 120 MET A C   1 
ATOM   776  O O   . MET A 1 99  ? -9.107  -14.970 1.562   1.00 16.91 ? 120 MET A O   1 
ATOM   777  C CB  . MET A 1 99  ? -6.276  -13.313 2.001   1.00 14.86 ? 120 MET A CB  1 
ATOM   778  C CG  . MET A 1 99  ? -4.902  -13.498 2.606   1.00 15.77 ? 120 MET A CG  1 
ATOM   779  S SD  . MET A 1 99  ? -4.566  -12.436 4.035   1.00 17.92 ? 120 MET A SD  1 
ATOM   780  C CE  . MET A 1 99  ? -5.697  -13.121 5.249   1.00 19.95 ? 120 MET A CE  1 
ATOM   781  N N   . VAL A 1 100 ? -8.464  -13.631 -0.146  1.00 15.52 ? 121 VAL A N   1 
ATOM   782  C CA  . VAL A 1 100 ? -9.818  -13.238 -0.530  1.00 16.73 ? 121 VAL A CA  1 
ATOM   783  C C   . VAL A 1 100 ? -10.568 -14.345 -1.267  1.00 17.08 ? 121 VAL A C   1 
ATOM   784  O O   . VAL A 1 100 ? -11.748 -14.531 -1.026  1.00 18.01 ? 121 VAL A O   1 
ATOM   785  C CB  . VAL A 1 100 ? -9.801  -11.928 -1.345  1.00 16.57 ? 121 VAL A CB  1 
ATOM   786  C CG1 . VAL A 1 100 ? -11.190 -11.596 -1.885  1.00 18.55 ? 121 VAL A CG1 1 
ATOM   787  C CG2 . VAL A 1 100 ? -9.268  -10.793 -0.465  1.00 17.19 ? 121 VAL A CG2 1 
ATOM   788  N N   . ASN A 1 101 ? -9.895  -15.108 -2.127  1.00 17.43 ? 122 ASN A N   1 
ATOM   789  C CA  . ASN A 1 101 ? -10.587 -16.130 -2.920  1.00 18.04 ? 122 ASN A CA  1 
ATOM   790  C C   . ASN A 1 101 ? -10.332 -17.573 -2.490  1.00 18.17 ? 122 ASN A C   1 
ATOM   791  O O   . ASN A 1 101 ? -11.215 -18.426 -2.619  1.00 18.65 ? 122 ASN A O   1 
ATOM   792  C CB  . ASN A 1 101 ? -10.239 -15.945 -4.391  1.00 18.83 ? 122 ASN A CB  1 
ATOM   793  C CG  . ASN A 1 101 ? -10.837 -14.688 -4.953  1.00 21.35 ? 122 ASN A CG  1 
ATOM   794  O OD1 . ASN A 1 101 ? -11.944 -14.310 -4.575  1.00 27.55 ? 122 ASN A OD1 1 
ATOM   795  N ND2 . ASN A 1 101 ? -10.122 -14.022 -5.843  1.00 26.04 ? 122 ASN A ND2 1 
ATOM   796  N N   . GLN A 1 102 ? -9.146  -17.863 -1.984  1.00 17.65 ? 123 GLN A N   1 
ATOM   797  C CA  . GLN A 1 102 ? -8.808  -19.235 -1.603  1.00 17.40 ? 123 GLN A CA  1 
ATOM   798  C C   . GLN A 1 102 ? -8.985  -19.506 -0.117  1.00 17.90 ? 123 GLN A C   1 
ATOM   799  O O   . GLN A 1 102 ? -8.844  -20.649 0.330   1.00 18.06 ? 123 GLN A O   1 
ATOM   800  C CB  . GLN A 1 102 ? -7.368  -19.527 -2.012  1.00 16.69 ? 123 GLN A CB  1 
ATOM   801  C CG  . GLN A 1 102 ? -7.142  -19.456 -3.502  1.00 15.62 ? 123 GLN A CG  1 
ATOM   802  C CD  . GLN A 1 102 ? -5.662  -19.383 -3.855  1.00 15.57 ? 123 GLN A CD  1 
ATOM   803  O OE1 . GLN A 1 102 ? -4.859  -20.142 -3.330  1.00 16.33 ? 123 GLN A OE1 1 
ATOM   804  N NE2 . GLN A 1 102 ? -5.311  -18.480 -4.746  1.00 16.14 ? 123 GLN A NE2 1 
ATOM   805  N N   . LYS A 1 103 ? -9.246  -18.437 0.650   1.00 17.95 ? 124 LYS A N   1 
ATOM   806  C CA  . LYS A 1 103 ? -9.517  -18.503 2.082   1.00 19.14 ? 124 LYS A CA  1 
ATOM   807  C C   . LYS A 1 103 ? -8.345  -19.036 2.897   1.00 18.76 ? 124 LYS A C   1 
ATOM   808  O O   . LYS A 1 103 ? -8.523  -19.593 3.985   1.00 19.50 ? 124 LYS A O   1 
ATOM   809  C CB  . LYS A 1 103 ? -10.817 -19.294 2.337   1.00 20.32 ? 124 LYS A CB  1 
ATOM   810  C CG  . LYS A 1 103 ? -12.119 -18.483 2.182   1.00 23.30 ? 124 LYS A CG  1 
ATOM   811  C CD  . LYS A 1 103 ? -12.091 -17.417 1.092   1.00 25.08 ? 124 LYS A CD  1 
ATOM   812  C CE  . LYS A 1 103 ? -13.483 -16.851 0.747   1.00 24.64 ? 124 LYS A CE  1 
ATOM   813  N NZ  . LYS A 1 103 ? -13.610 -16.522 -0.704  1.00 26.35 ? 124 LYS A NZ  1 
ATOM   814  N N   . ILE A 1 104 ? -7.130  -18.809 2.400   1.00 17.80 ? 125 ILE A N   1 
ATOM   815  C CA  . ILE A 1 104 ? -5.924  -19.271 3.093   1.00 17.77 ? 125 ILE A CA  1 
ATOM   816  C C   . ILE A 1 104 ? -5.625  -18.360 4.283   1.00 17.49 ? 125 ILE A C   1 
ATOM   817  O O   . ILE A 1 104 ? -5.695  -17.132 4.169   1.00 17.17 ? 125 ILE A O   1 
ATOM   818  C CB  . ILE A 1 104 ? -4.719  -19.336 2.143   1.00 17.44 ? 125 ILE A CB  1 
ATOM   819  C CG1 . ILE A 1 104 ? -4.992  -20.367 1.035   1.00 16.79 ? 125 ILE A CG1 1 
ATOM   820  C CG2 . ILE A 1 104 ? -3.441  -19.698 2.919   1.00 17.97 ? 125 ILE A CG2 1 
ATOM   821  C CD1 . ILE A 1 104 ? -4.043  -20.270 -0.164  1.00 18.15 ? 125 ILE A CD1 1 
ATOM   822  N N   . LYS A 1 105 ? -5.327  -18.962 5.428   1.00 17.52 ? 126 LYS A N   1 
ATOM   823  C CA  . LYS A 1 105 ? -5.167  -18.208 6.662   1.00 17.59 ? 126 LYS A CA  1 
ATOM   824  C C   . LYS A 1 105 ? -3.729  -17.741 6.818   1.00 16.65 ? 126 LYS A C   1 
ATOM   825  O O   . LYS A 1 105 ? -3.005  -18.189 7.698   1.00 16.06 ? 126 LYS A O   1 
ATOM   826  C CB  . LYS A 1 105 ? -5.607  -19.035 7.869   1.00 18.68 ? 126 LYS A CB  1 
ATOM   827  C CG  . LYS A 1 105 ? -7.087  -19.378 7.837   1.00 19.96 ? 126 LYS A CG  1 
ATOM   828  C CD  . LYS A 1 105 ? -7.508  -20.212 9.031   1.00 21.84 ? 126 LYS A CD  1 
ATOM   829  C CE  . LYS A 1 105 ? -8.972  -20.580 8.945   1.00 23.86 ? 126 LYS A CE  1 
ATOM   830  N NZ  . LYS A 1 105 ? -9.853  -19.420 9.289   1.00 27.28 ? 126 LYS A NZ  1 
ATOM   831  N N   . LEU A 1 106 ? -3.345  -16.797 5.962   1.00 15.86 ? 127 LEU A N   1 
ATOM   832  C CA  . LEU A 1 106 ? -1.978  -16.260 6.000   1.00 15.72 ? 127 LEU A CA  1 
ATOM   833  C C   . LEU A 1 106 ? -1.681  -15.428 7.252   1.00 15.60 ? 127 LEU A C   1 
ATOM   834  O O   . LEU A 1 106 ? -0.528  -15.093 7.510   1.00 16.35 ? 127 LEU A O   1 
ATOM   835  C CB  . LEU A 1 106 ? -1.687  -15.436 4.737   1.00 15.03 ? 127 LEU A CB  1 
ATOM   836  C CG  . LEU A 1 106 ? -1.671  -16.211 3.419   1.00 14.43 ? 127 LEU A CG  1 
ATOM   837  C CD1 . LEU A 1 106 ? -1.370  -15.291 2.252   1.00 14.38 ? 127 LEU A CD1 1 
ATOM   838  C CD2 . LEU A 1 106 ? -0.647  -17.343 3.494   1.00 14.72 ? 127 LEU A CD2 1 
ATOM   839  N N   . GLN A 1 107 ? -2.715  -15.104 8.031   1.00 16.25 ? 128 GLN A N   1 
ATOM   840  C CA  . GLN A 1 107 ? -2.518  -14.430 9.307   1.00 16.74 ? 128 GLN A CA  1 
ATOM   841  C C   . GLN A 1 107 ? -1.910  -15.367 10.355  1.00 16.79 ? 128 GLN A C   1 
ATOM   842  O O   . GLN A 1 107 ? -1.456  -14.918 11.405  1.00 18.10 ? 128 GLN A O   1 
ATOM   843  C CB  . GLN A 1 107 ? -3.822  -13.817 9.834   1.00 16.93 ? 128 GLN A CB  1 
ATOM   844  C CG  . GLN A 1 107 ? -4.877  -14.822 10.280  1.00 17.98 ? 128 GLN A CG  1 
ATOM   845  C CD  . GLN A 1 107 ? -5.826  -15.229 9.181   1.00 17.36 ? 128 GLN A CD  1 
ATOM   846  O OE1 . GLN A 1 107 ? -5.505  -15.170 7.999   1.00 17.49 ? 128 GLN A OE1 1 
ATOM   847  N NE2 . GLN A 1 107 ? -7.030  -15.640 9.575   1.00 18.31 ? 128 GLN A NE2 1 
ATOM   848  N N   . ASN A 1 108 ? -1.903  -16.674 10.066  1.00 17.24 ? 129 ASN A N   1 
ATOM   849  C CA  . ASN A 1 108 ? -1.271  -17.672 10.947  1.00 17.49 ? 129 ASN A CA  1 
ATOM   850  C C   . ASN A 1 108 ? 0.169   -17.880 10.525  1.00 17.23 ? 129 ASN A C   1 
ATOM   851  O O   . ASN A 1 108 ? 0.409   -18.388 9.442   1.00 17.24 ? 129 ASN A O   1 
ATOM   852  C CB  . ASN A 1 108 ? -2.042  -18.994 10.866  1.00 18.12 ? 129 ASN A CB  1 
ATOM   853  C CG  . ASN A 1 108 ? -1.415  -20.121 11.705  1.00 19.42 ? 129 ASN A CG  1 
ATOM   854  O OD1 . ASN A 1 108 ? -0.275  -20.039 12.175  1.00 22.27 ? 129 ASN A OD1 1 
ATOM   855  N ND2 . ASN A 1 108 ? -2.187  -21.183 11.899  1.00 23.06 ? 129 ASN A ND2 1 
ATOM   856  N N   . PRO A 1 109 ? 1.141   -17.452 11.348  1.00 17.32 ? 130 PRO A N   1 
ATOM   857  C CA  . PRO A 1 109 ? 2.532   -17.559 10.921  1.00 17.48 ? 130 PRO A CA  1 
ATOM   858  C C   . PRO A 1 109 ? 2.947   -18.933 10.399  1.00 17.50 ? 130 PRO A C   1 
ATOM   859  O O   . PRO A 1 109 ? 3.767   -19.005 9.490   1.00 17.21 ? 130 PRO A O   1 
ATOM   860  C CB  . PRO A 1 109 ? 3.309   -17.209 12.193  1.00 17.45 ? 130 PRO A CB  1 
ATOM   861  C CG  . PRO A 1 109 ? 2.423   -16.272 12.900  1.00 18.13 ? 130 PRO A CG  1 
ATOM   862  C CD  . PRO A 1 109 ? 1.033   -16.812 12.673  1.00 17.55 ? 130 PRO A CD  1 
ATOM   863  N N   . GLU A 1 110 ? 2.391   -19.999 10.967  1.00 17.58 ? 131 GLU A N   1 
ATOM   864  C CA  . GLU A 1 110 ? 2.742   -21.344 10.519  1.00 17.96 ? 131 GLU A CA  1 
ATOM   865  C C   . GLU A 1 110 ? 2.269   -21.624 9.093   1.00 17.83 ? 131 GLU A C   1 
ATOM   866  O O   . GLU A 1 110 ? 2.985   -22.254 8.306   1.00 18.63 ? 131 GLU A O   1 
ATOM   867  C CB  . GLU A 1 110 ? 2.174   -22.375 11.485  1.00 18.16 ? 131 GLU A CB  1 
ATOM   868  C CG  . GLU A 1 110 ? 2.927   -22.432 12.787  1.00 20.87 ? 131 GLU A CG  1 
ATOM   869  C CD  . GLU A 1 110 ? 4.393   -22.706 12.575  1.00 24.73 ? 131 GLU A CD  1 
ATOM   870  O OE1 . GLU A 1 110 ? 5.219   -21.800 12.837  1.00 29.60 ? 131 GLU A OE1 1 
ATOM   871  O OE2 . GLU A 1 110 ? 4.720   -23.821 12.100  1.00 29.28 ? 131 GLU A OE2 1 
ATOM   872  N N   . VAL A 1 111 ? 1.078   -21.150 8.760   1.00 17.35 ? 132 VAL A N   1 
ATOM   873  C CA  . VAL A 1 111 ? 0.562   -21.248 7.394   1.00 17.11 ? 132 VAL A CA  1 
ATOM   874  C C   . VAL A 1 111 ? 1.384   -20.335 6.478   1.00 17.00 ? 132 VAL A C   1 
ATOM   875  O O   . VAL A 1 111 ? 1.789   -20.722 5.376   1.00 17.27 ? 132 VAL A O   1 
ATOM   876  C CB  . VAL A 1 111 ? -0.931  -20.872 7.327   1.00 17.04 ? 132 VAL A CB  1 
ATOM   877  C CG1 . VAL A 1 111 ? -1.421  -20.790 5.890   1.00 17.86 ? 132 VAL A CG1 1 
ATOM   878  C CG2 . VAL A 1 111 ? -1.776  -21.878 8.120   1.00 18.20 ? 132 VAL A CG2 1 
ATOM   879  N N   . LEU A 1 112 ? 1.662   -19.128 6.959   1.00 16.33 ? 133 LEU A N   1 
ATOM   880  C CA  . LEU A 1 112 ? 2.342   -18.140 6.139   1.00 16.36 ? 133 LEU A CA  1 
ATOM   881  C C   . LEU A 1 112 ? 3.748   -18.571 5.722   1.00 16.09 ? 133 LEU A C   1 
ATOM   882  O O   . LEU A 1 112 ? 4.134   -18.424 4.561   1.00 15.31 ? 133 LEU A O   1 
ATOM   883  C CB  . LEU A 1 112 ? 2.388   -16.796 6.878   1.00 16.47 ? 133 LEU A CB  1 
ATOM   884  C CG  . LEU A 1 112 ? 3.129   -15.680 6.148   1.00 16.54 ? 133 LEU A CG  1 
ATOM   885  C CD1 . LEU A 1 112 ? 2.575   -15.493 4.731   1.00 16.83 ? 133 LEU A CD1 1 
ATOM   886  C CD2 . LEU A 1 112 ? 3.048   -14.388 6.945   1.00 16.95 ? 133 LEU A CD2 1 
ATOM   887  N N   . LYS A 1 113 ? 4.515   -19.097 6.669   1.00 15.33 ? 134 LYS A N   1 
ATOM   888  C CA  . LYS A 1 113 ? 5.909   -19.441 6.384   1.00 16.42 ? 134 LYS A CA  1 
ATOM   889  C C   . LYS A 1 113 ? 5.966   -20.581 5.359   1.00 16.44 ? 134 LYS A C   1 
ATOM   890  O O   . LYS A 1 113 ? 6.772   -20.542 4.425   1.00 15.31 ? 134 LYS A O   1 
ATOM   891  C CB  . LYS A 1 113 ? 6.688   -19.750 7.670   1.00 16.73 ? 134 LYS A CB  1 
ATOM   892  C CG  . LYS A 1 113 ? 7.016   -18.484 8.471   1.00 18.24 ? 134 LYS A CG  1 
ATOM   893  C CD  . LYS A 1 113 ? 7.785   -18.773 9.760   1.00 19.50 ? 134 LYS A CD  1 
ATOM   894  C CE  . LYS A 1 113 ? 6.936   -19.484 10.778  1.00 23.54 ? 134 LYS A CE  1 
ATOM   895  N NZ  . LYS A 1 113 ? 7.587   -19.456 12.131  1.00 24.70 ? 134 LYS A NZ  1 
ATOM   896  N N   . LYS A 1 114 ? 5.089   -21.570 5.527   1.00 16.92 ? 135 LYS A N   1 
ATOM   897  C CA  . LYS A 1 114 ? 5.002   -22.704 4.598   1.00 16.88 ? 135 LYS A CA  1 
ATOM   898  C C   . LYS A 1 114 ? 4.661   -22.184 3.206   1.00 15.86 ? 135 LYS A C   1 
ATOM   899  O O   . LYS A 1 114 ? 5.291   -22.546 2.221   1.00 15.23 ? 135 LYS A O   1 
ATOM   900  C CB  . LYS A 1 114 ? 3.920   -23.703 5.050   1.00 17.84 ? 135 LYS A CB  1 
ATOM   901  C CG  . LYS A 1 114 ? 3.746   -24.941 4.121   1.00 19.39 ? 135 LYS A CG  1 
ATOM   902  C CD  . LYS A 1 114 ? 2.357   -25.610 4.285   1.00 20.32 ? 135 LYS A CD  1 
ATOM   903  C CE  . LYS A 1 114 ? 2.103   -26.818 3.343   1.00 22.74 ? 135 LYS A CE  1 
ATOM   904  N NZ  . LYS A 1 114 ? 1.549   -26.480 1.983   1.00 25.62 ? 135 LYS A NZ  1 
ATOM   905  N N   . TRP A 1 115 ? 3.647   -21.322 3.151   1.00 14.90 ? 136 TRP A N   1 
ATOM   906  C CA  . TRP A 1 115 ? 3.142   -20.759 1.899   1.00 14.28 ? 136 TRP A CA  1 
ATOM   907  C C   . TRP A 1 115 ? 4.219   -19.923 1.197   1.00 13.79 ? 136 TRP A C   1 
ATOM   908  O O   . TRP A 1 115 ? 4.434   -20.059 -0.016  1.00 13.10 ? 136 TRP A O   1 
ATOM   909  C CB  . TRP A 1 115 ? 1.895   -19.922 2.182   1.00 14.02 ? 136 TRP A CB  1 
ATOM   910  C CG  . TRP A 1 115 ? 1.181   -19.370 0.999   1.00 14.36 ? 136 TRP A CG  1 
ATOM   911  C CD1 . TRP A 1 115 ? 0.162   -19.968 0.304   1.00 14.56 ? 136 TRP A CD1 1 
ATOM   912  C CD2 . TRP A 1 115 ? 1.389   -18.085 0.372   1.00 12.07 ? 136 TRP A CD2 1 
ATOM   913  N NE1 . TRP A 1 115 ? -0.251  -19.156 -0.719  1.00 13.26 ? 136 TRP A NE1 1 
ATOM   914  C CE2 . TRP A 1 115 ? 0.468   -17.987 -0.683  1.00 13.43 ? 136 TRP A CE2 1 
ATOM   915  C CE3 . TRP A 1 115 ? 2.258   -17.004 0.612   1.00 13.05 ? 136 TRP A CE3 1 
ATOM   916  C CZ2 . TRP A 1 115 ? 0.407   -16.876 -1.526  1.00 12.43 ? 136 TRP A CZ2 1 
ATOM   917  C CZ3 . TRP A 1 115 ? 2.191   -15.910 -0.222  1.00 14.19 ? 136 TRP A CZ3 1 
ATOM   918  C CH2 . TRP A 1 115 ? 1.287   -15.850 -1.278  1.00 13.74 ? 136 TRP A CH2 1 
ATOM   919  N N   . LEU A 1 116 ? 4.923   -19.066 1.945   1.00 13.52 ? 137 LEU A N   1 
ATOM   920  C CA  . LEU A 1 116 ? 6.031   -18.299 1.336   1.00 13.83 ? 137 LEU A CA  1 
ATOM   921  C C   . LEU A 1 116 ? 7.109   -19.194 0.742   1.00 14.09 ? 137 LEU A C   1 
ATOM   922  O O   . LEU A 1 116 ? 7.599   -18.932 -0.346  1.00 13.73 ? 137 LEU A O   1 
ATOM   923  C CB  . LEU A 1 116 ? 6.686   -17.334 2.330   1.00 14.10 ? 137 LEU A CB  1 
ATOM   924  C CG  . LEU A 1 116 ? 5.943   -16.034 2.648   1.00 14.30 ? 137 LEU A CG  1 
ATOM   925  C CD1 . LEU A 1 116 ? 6.726   -15.243 3.683   1.00 14.33 ? 137 LEU A CD1 1 
ATOM   926  C CD2 . LEU A 1 116 ? 5.728   -15.191 1.394   1.00 13.50 ? 137 LEU A CD2 1 
ATOM   927  N N   . GLY A 1 117 ? 7.470   -20.252 1.458   1.00 13.65 ? 138 GLY A N   1 
ATOM   928  C CA  . GLY A 1 117 ? 8.521   -21.154 1.002   1.00 13.85 ? 138 GLY A CA  1 
ATOM   929  C C   . GLY A 1 117 ? 8.171   -21.820 -0.316  1.00 14.22 ? 138 GLY A C   1 
ATOM   930  O O   . GLY A 1 117 ? 9.055   -22.205 -1.057  1.00 15.03 ? 138 GLY A O   1 
ATOM   931  N N   . GLU A 1 118 ? 6.875   -21.944 -0.581  1.00 14.59 ? 139 GLU A N   1 
ATOM   932  C CA  . GLU A 1 118 ? 6.360   -22.525 -1.818  1.00 15.55 ? 139 GLU A CA  1 
ATOM   933  C C   . GLU A 1 118 ? 6.316   -21.581 -3.024  1.00 16.38 ? 139 GLU A C   1 
ATOM   934  O O   . GLU A 1 118 ? 5.973   -22.030 -4.116  1.00 16.80 ? 139 GLU A O   1 
ATOM   935  C CB  . GLU A 1 118 ? 4.965   -23.099 -1.563  1.00 14.94 ? 139 GLU A CB  1 
ATOM   936  C CG  . GLU A 1 118 ? 4.998   -24.293 -0.612  1.00 15.48 ? 139 GLU A CG  1 
ATOM   937  C CD  . GLU A 1 118 ? 3.679   -24.621 0.082   1.00 17.25 ? 139 GLU A CD  1 
ATOM   938  O OE1 . GLU A 1 118 ? 2.631   -23.965 -0.162  1.00 18.81 ? 139 GLU A OE1 1 
ATOM   939  O OE2 . GLU A 1 118 ? 3.689   -25.578 0.880   1.00 17.75 ? 139 GLU A OE2 1 
ATOM   940  N N   . GLN A 1 119 ? 6.684   -20.300 -2.853  1.00 17.30 ? 140 GLN A N   1 
ATOM   941  C CA  . GLN A 1 119 ? 6.564   -19.323 -3.964  1.00 17.78 ? 140 GLN A CA  1 
ATOM   942  C C   . GLN A 1 119 ? 7.825   -19.157 -4.819  1.00 18.15 ? 140 GLN A C   1 
ATOM   943  O O   . GLN A 1 119 ? 8.939   -18.948 -4.286  1.00 19.91 ? 140 GLN A O   1 
ATOM   944  C CB  . GLN A 1 119 ? 6.168   -17.936 -3.409  1.00 18.12 ? 140 GLN A CB  1 
ATOM   945  C CG  . GLN A 1 119 ? 4.954   -17.922 -2.529  1.00 17.46 ? 140 GLN A CG  1 
ATOM   946  C CD  . GLN A 1 119 ? 3.718   -18.396 -3.206  1.00 18.10 ? 140 GLN A CD  1 
ATOM   947  O OE1 . GLN A 1 119 ? 2.923   -19.130 -2.614  1.00 19.83 ? 140 GLN A OE1 1 
ATOM   948  N NE2 . GLN A 1 119 ? 3.507   -17.955 -4.448  1.00 15.70 ? 140 GLN A NE2 1 
ATOM   949  N N   A THR A 1 120 ? 7.656   -19.217 -6.144  0.50 19.38 ? 141 THR A N   1 
ATOM   950  N N   B THR A 1 120 ? 7.627   -19.209 -6.139  0.50 18.94 ? 141 THR A N   1 
ATOM   951  C CA  A THR A 1 120 ? 8.756   -19.004 -7.099  0.50 19.22 ? 141 THR A CA  1 
ATOM   952  C CA  B THR A 1 120 ? 8.698   -19.077 -7.130  0.50 18.63 ? 141 THR A CA  1 
ATOM   953  C C   A THR A 1 120 ? 8.426   -17.994 -8.218  0.50 19.33 ? 141 THR A C   1 
ATOM   954  C C   B THR A 1 120 ? 8.423   -17.991 -8.182  0.50 19.00 ? 141 THR A C   1 
ATOM   955  O O   A THR A 1 120 ? 9.335   -17.520 -8.907  0.50 19.63 ? 141 THR A O   1 
ATOM   956  O O   B THR A 1 120 ? 9.364   -17.469 -8.787  0.50 19.27 ? 141 THR A O   1 
ATOM   957  C CB  A THR A 1 120 ? 9.245   -20.359 -7.703  0.50 19.63 ? 141 THR A CB  1 
ATOM   958  C CB  B THR A 1 120 ? 8.935   -20.426 -7.851  0.50 18.77 ? 141 THR A CB  1 
ATOM   959  O OG1 A THR A 1 120 ? 9.809   -21.175 -6.664  0.50 20.73 ? 141 THR A OG1 1 
ATOM   960  O OG1 B THR A 1 120 ? 7.740   -20.822 -8.523  0.50 17.11 ? 141 THR A OG1 1 
ATOM   961  C CG2 A THR A 1 120 ? 10.302  -20.138 -8.784  0.50 20.14 ? 141 THR A CG2 1 
ATOM   962  C CG2 B THR A 1 120 ? 9.330   -21.515 -6.852  0.50 18.99 ? 141 THR A CG2 1 
ATOM   963  N N   . ALA A 1 121 ? 7.147   -17.651 -8.381  1.00 18.85 ? 142 ALA A N   1 
ATOM   964  C CA  . ALA A 1 121 ? 6.738   -16.538 -9.270  1.00 18.70 ? 142 ALA A CA  1 
ATOM   965  C C   . ALA A 1 121 ? 7.261   -15.204 -8.765  1.00 18.88 ? 142 ALA A C   1 
ATOM   966  O O   . ALA A 1 121 ? 7.517   -14.293 -9.548  1.00 20.13 ? 142 ALA A O   1 
ATOM   967  C CB  . ALA A 1 121 ? 5.225   -16.477 -9.391  1.00 18.45 ? 142 ALA A CB  1 
ATOM   968  N N   . PHE A 1 122 ? 7.332   -15.070 -7.446  1.00 17.78 ? 143 PHE A N   1 
ATOM   969  C CA  . PHE A 1 122 ? 8.203   -14.110 -6.838  1.00 18.48 ? 143 PHE A CA  1 
ATOM   970  C C   . PHE A 1 122 ? 9.137   -14.924 -5.966  1.00 18.52 ? 143 PHE A C   1 
ATOM   971  O O   . PHE A 1 122 ? 8.913   -16.132 -5.758  1.00 19.76 ? 143 PHE A O   1 
ATOM   972  C CB  . PHE A 1 122 ? 7.412   -13.050 -6.063  1.00 17.17 ? 143 PHE A CB  1 
ATOM   973  C CG  . PHE A 1 122 ? 6.663   -13.566 -4.855  1.00 16.57 ? 143 PHE A CG  1 
ATOM   974  C CD1 . PHE A 1 122 ? 5.371   -14.080 -4.977  1.00 15.01 ? 143 PHE A CD1 1 
ATOM   975  C CD2 . PHE A 1 122 ? 7.216   -13.450 -3.584  1.00 14.85 ? 143 PHE A CD2 1 
ATOM   976  C CE1 . PHE A 1 122 ? 4.668   -14.502 -3.867  1.00 14.92 ? 143 PHE A CE1 1 
ATOM   977  C CE2 . PHE A 1 122 ? 6.516   -13.872 -2.475  1.00 15.08 ? 143 PHE A CE2 1 
ATOM   978  C CZ  . PHE A 1 122 ? 5.243   -14.393 -2.613  1.00 14.80 ? 143 PHE A CZ  1 
ATOM   979  N N   . ASP A 1 123 ? 10.200  -14.301 -5.482  1.00 19.51 ? 144 ASP A N   1 
ATOM   980  C CA  . ASP A 1 123 ? 11.193  -15.056 -4.743  1.00 19.25 ? 144 ASP A CA  1 
ATOM   981  C C   . ASP A 1 123 ? 10.712  -15.295 -3.301  1.00 19.14 ? 144 ASP A C   1 
ATOM   982  O O   . ASP A 1 123 ? 11.084  -14.578 -2.368  1.00 18.31 ? 144 ASP A O   1 
ATOM   983  C CB  . ASP A 1 123 ? 12.546  -14.355 -4.813  1.00 20.06 ? 144 ASP A CB  1 
ATOM   984  C CG  . ASP A 1 123 ? 13.692  -15.268 -4.479  1.00 21.25 ? 144 ASP A CG  1 
ATOM   985  O OD1 . ASP A 1 123 ? 13.469  -16.306 -3.802  1.00 24.80 ? 144 ASP A OD1 1 
ATOM   986  O OD2 . ASP A 1 123 ? 14.832  -14.924 -4.869  1.00 25.21 ? 144 ASP A OD2 1 
ATOM   987  N N   . GLY A 1 124 ? 9.883   -16.328 -3.153  1.00 18.73 ? 145 GLY A N   1 
ATOM   988  C CA  . GLY A 1 124 ? 9.298   -16.726 -1.867  1.00 18.82 ? 145 GLY A CA  1 
ATOM   989  C C   . GLY A 1 124 ? 10.317  -16.924 -0.773  1.00 18.62 ? 145 GLY A C   1 
ATOM   990  O O   . GLY A 1 124 ? 10.086  -16.538 0.369   1.00 17.75 ? 145 GLY A O   1 
ATOM   991  N N   . LYS A 1 125 ? 11.460  -17.511 -1.117  1.00 18.23 ? 146 LYS A N   1 
ATOM   992  C CA  . LYS A 1 125 ? 12.475  -17.819 -0.119  1.00 19.24 ? 146 LYS A CA  1 
ATOM   993  C C   . LYS A 1 125 ? 13.163  -16.561 0.408   1.00 18.24 ? 146 LYS A C   1 
ATOM   994  O O   . LYS A 1 125 ? 13.485  -16.491 1.594   1.00 19.14 ? 146 LYS A O   1 
ATOM   995  C CB  . LYS A 1 125 ? 13.504  -18.808 -0.675  1.00 19.66 ? 146 LYS A CB  1 
ATOM   996  C CG  . LYS A 1 125 ? 12.944  -20.209 -0.828  1.00 21.84 ? 146 LYS A CG  1 
ATOM   997  C CD  . LYS A 1 125 ? 14.016  -21.197 -1.302  1.00 22.51 ? 146 LYS A CD  1 
ATOM   998  C CE  . LYS A 1 125 ? 14.197  -21.165 -2.806  1.00 25.48 ? 146 LYS A CE  1 
ATOM   999  N NZ  . LYS A 1 125 ? 13.052  -21.777 -3.559  1.00 27.02 ? 146 LYS A NZ  1 
ATOM   1000 N N   . LYS A 1 126 ? 13.382  -15.569 -0.460  1.00 18.08 ? 147 LYS A N   1 
ATOM   1001 C CA  . LYS A 1 126 ? 14.012  -14.321 -0.024  1.00 17.73 ? 147 LYS A CA  1 
ATOM   1002 C C   . LYS A 1 126 ? 13.000  -13.478 0.739   1.00 16.74 ? 147 LYS A C   1 
ATOM   1003 O O   . LYS A 1 126 ? 13.380  -12.775 1.667   1.00 16.26 ? 147 LYS A O   1 
ATOM   1004 C CB  . LYS A 1 126 ? 14.591  -13.534 -1.203  1.00 18.55 ? 147 LYS A CB  1 
ATOM   1005 C CG  . LYS A 1 126 ? 15.639  -14.289 -2.010  1.00 22.24 ? 147 LYS A CG  1 
ATOM   1006 C CD  . LYS A 1 126 ? 16.842  -14.709 -1.200  1.00 24.89 ? 147 LYS A CD  1 
ATOM   1007 C CE  . LYS A 1 126 ? 17.852  -15.531 -2.056  1.00 24.91 ? 147 LYS A CE  1 
ATOM   1008 N NZ  . LYS A 1 126 ? 17.607  -17.002 -2.144  1.00 28.61 ? 147 LYS A NZ  1 
ATOM   1009 N N   . VAL A 1 127 ? 11.730  -13.553 0.356   1.00 15.57 ? 148 VAL A N   1 
ATOM   1010 C CA  . VAL A 1 127 ? 10.683  -12.880 1.121   1.00 15.10 ? 148 VAL A CA  1 
ATOM   1011 C C   . VAL A 1 127 ? 10.534  -13.542 2.501   1.00 13.89 ? 148 VAL A C   1 
ATOM   1012 O O   . VAL A 1 127 ? 10.318  -12.863 3.503   1.00 12.20 ? 148 VAL A O   1 
ATOM   1013 C CB  . VAL A 1 127 ? 9.339   -12.820 0.371   1.00 14.59 ? 148 VAL A CB  1 
ATOM   1014 C CG1 . VAL A 1 127 ? 8.250   -12.245 1.258   1.00 14.03 ? 148 VAL A CG1 1 
ATOM   1015 C CG2 . VAL A 1 127 ? 9.493   -11.956 -0.900  1.00 15.50 ? 148 VAL A CG2 1 
ATOM   1016 N N   . LEU A 1 128 ? 10.658  -14.866 2.554   1.00 13.95 ? 149 LEU A N   1 
ATOM   1017 C CA  . LEU A 1 128 ? 10.703  -15.579 3.834   1.00 14.22 ? 149 LEU A CA  1 
ATOM   1018 C C   . LEU A 1 128 ? 11.899  -15.144 4.669   1.00 14.68 ? 149 LEU A C   1 
ATOM   1019 O O   . LEU A 1 128 ? 11.753  -14.882 5.863   1.00 14.45 ? 149 LEU A O   1 
ATOM   1020 C CB  . LEU A 1 128 ? 10.719  -17.096 3.597   1.00 13.94 ? 149 LEU A CB  1 
ATOM   1021 C CG  . LEU A 1 128 ? 10.731  -18.001 4.816   1.00 15.08 ? 149 LEU A CG  1 
ATOM   1022 C CD1 . LEU A 1 128 ? 9.559   -17.743 5.735   1.00 16.96 ? 149 LEU A CD1 1 
ATOM   1023 C CD2 . LEU A 1 128 ? 10.736  -19.475 4.363   1.00 15.27 ? 149 LEU A CD2 1 
ATOM   1024 N N   . ALA A 1 129 ? 13.071  -15.039 4.050   1.00 14.80 ? 150 ALA A N   1 
ATOM   1025 C CA  . ALA A 1 129 ? 14.235  -14.480 4.735   1.00 14.46 ? 150 ALA A CA  1 
ATOM   1026 C C   . ALA A 1 129 ? 13.911  -13.100 5.325   1.00 14.40 ? 150 ALA A C   1 
ATOM   1027 O O   . ALA A 1 129 ? 14.331  -12.770 6.444   1.00 14.73 ? 150 ALA A O   1 
ATOM   1028 C CB  . ALA A 1 129 ? 15.472  -14.397 3.801   1.00 15.08 ? 150 ALA A CB  1 
ATOM   1029 N N   . ALA A 1 130 ? 13.220  -12.272 4.539   1.00 13.94 ? 151 ALA A N   1 
ATOM   1030 C CA  . ALA A 1 130 ? 12.845  -10.924 4.995   1.00 13.92 ? 151 ALA A CA  1 
ATOM   1031 C C   . ALA A 1 130 ? 11.866  -11.014 6.169   1.00 14.25 ? 151 ALA A C   1 
ATOM   1032 O O   . ALA A 1 130 ? 11.967  -10.274 7.145   1.00 13.91 ? 151 ALA A O   1 
ATOM   1033 C CB  . ALA A 1 130 ? 12.247  -10.131 3.839   1.00 13.64 ? 151 ALA A CB  1 
ATOM   1034 N N   . TYR A 1 131 ? 10.902  -11.926 6.061   1.00 14.17 ? 152 TYR A N   1 
ATOM   1035 C CA  . TYR A 1 131 ? 9.947   -12.147 7.132   1.00 14.70 ? 152 TYR A CA  1 
ATOM   1036 C C   . TYR A 1 131 ? 10.658  -12.563 8.419   1.00 14.94 ? 152 TYR A C   1 
ATOM   1037 O O   . TYR A 1 131 ? 10.326  -12.090 9.495   1.00 15.46 ? 152 TYR A O   1 
ATOM   1038 C CB  . TYR A 1 131 ? 8.925   -13.211 6.729   1.00 14.75 ? 152 TYR A CB  1 
ATOM   1039 C CG  . TYR A 1 131 ? 7.863   -13.393 7.778   1.00 14.80 ? 152 TYR A CG  1 
ATOM   1040 C CD1 . TYR A 1 131 ? 6.689   -12.642 7.748   1.00 15.44 ? 152 TYR A CD1 1 
ATOM   1041 C CD2 . TYR A 1 131 ? 8.032   -14.294 8.832   1.00 15.25 ? 152 TYR A CD2 1 
ATOM   1042 C CE1 . TYR A 1 131 ? 5.726   -12.787 8.716   1.00 15.31 ? 152 TYR A CE1 1 
ATOM   1043 C CE2 . TYR A 1 131 ? 7.053   -14.439 9.816   1.00 15.74 ? 152 TYR A CE2 1 
ATOM   1044 C CZ  . TYR A 1 131 ? 5.905   -13.672 9.746   1.00 15.31 ? 152 TYR A CZ  1 
ATOM   1045 O OH  . TYR A 1 131 ? 4.930   -13.807 10.709  1.00 18.33 ? 152 TYR A OH  1 
ATOM   1046 N N   . GLU A 1 132 ? 11.675  -13.409 8.303   1.00 15.61 ? 153 GLU A N   1 
ATOM   1047 C CA  . GLU A 1 132 ? 12.376  -13.890 9.496   1.00 16.70 ? 153 GLU A CA  1 
ATOM   1048 C C   . GLU A 1 132 ? 13.353  -12.853 10.097  1.00 17.37 ? 153 GLU A C   1 
ATOM   1049 O O   . GLU A 1 132 ? 13.786  -12.987 11.256  1.00 18.56 ? 153 GLU A O   1 
ATOM   1050 C CB  . GLU A 1 132 ? 13.092  -15.205 9.179   1.00 17.63 ? 153 GLU A CB  1 
ATOM   1051 C CG  . GLU A 1 132 ? 12.129  -16.351 8.933   1.00 20.32 ? 153 GLU A CG  1 
ATOM   1052 C CD  . GLU A 1 132 ? 12.131  -17.408 10.033  1.00 27.24 ? 153 GLU A CD  1 
ATOM   1053 O OE1 . GLU A 1 132 ? 11.442  -18.443 9.849   1.00 30.91 ? 153 GLU A OE1 1 
ATOM   1054 O OE2 . GLU A 1 132 ? 12.822  -17.229 11.064  1.00 30.96 ? 153 GLU A OE2 1 
ATOM   1055 N N   . SER A 1 133 ? 13.704  -11.827 9.330   1.00 16.61 ? 154 SER A N   1 
ATOM   1056 C CA  . SER A 1 133 ? 14.654  -10.825 9.806   1.00 17.00 ? 154 SER A CA  1 
ATOM   1057 C C   . SER A 1 133 ? 14.012  -9.825  10.753  1.00 16.50 ? 154 SER A C   1 
ATOM   1058 O O   . SER A 1 133 ? 12.812  -9.545  10.645  1.00 16.20 ? 154 SER A O   1 
ATOM   1059 C CB  . SER A 1 133 ? 15.218  -10.047 8.639   1.00 17.23 ? 154 SER A CB  1 
ATOM   1060 O OG  . SER A 1 133 ? 14.237  -9.150  8.180   1.00 19.46 ? 154 SER A OG  1 
ATOM   1061 N N   . PRO A 1 134 ? 14.818  -9.226  11.650  1.00 15.94 ? 155 PRO A N   1 
ATOM   1062 C CA  . PRO A 1 134 ? 14.312  -8.199  12.575  1.00 15.79 ? 155 PRO A CA  1 
ATOM   1063 C C   . PRO A 1 134 ? 13.671  -6.996  11.883  1.00 15.54 ? 155 PRO A C   1 
ATOM   1064 O O   . PRO A 1 134 ? 12.731  -6.419  12.427  1.00 15.51 ? 155 PRO A O   1 
ATOM   1065 C CB  . PRO A 1 134 ? 15.568  -7.752  13.340  1.00 15.75 ? 155 PRO A CB  1 
ATOM   1066 C CG  . PRO A 1 134 ? 16.547  -8.798  13.133  1.00 17.15 ? 155 PRO A CG  1 
ATOM   1067 C CD  . PRO A 1 134 ? 16.257  -9.491  11.855  1.00 16.04 ? 155 PRO A CD  1 
ATOM   1068 N N   . GLU A 1 135 ? 14.160  -6.639  10.698  1.00 15.07 ? 156 GLU A N   1 
ATOM   1069 C CA  . GLU A 1 135 ? 13.627  -5.479  9.977   1.00 14.87 ? 156 GLU A CA  1 
ATOM   1070 C C   . GLU A 1 135 ? 12.117  -5.581  9.725   1.00 14.70 ? 156 GLU A C   1 
ATOM   1071 O O   . GLU A 1 135 ? 11.411  -4.588  9.820   1.00 14.34 ? 156 GLU A O   1 
ATOM   1072 C CB  . GLU A 1 135 ? 14.401  -5.251  8.672   1.00 14.84 ? 156 GLU A CB  1 
ATOM   1073 C CG  . GLU A 1 135 ? 13.878  -4.088  7.801   1.00 15.16 ? 156 GLU A CG  1 
ATOM   1074 C CD  . GLU A 1 135 ? 14.592  -3.927  6.439   1.00 15.73 ? 156 GLU A CD  1 
ATOM   1075 O OE1 . GLU A 1 135 ? 15.710  -4.458  6.188   1.00 17.37 ? 156 GLU A OE1 1 
ATOM   1076 O OE2 . GLU A 1 135 ? 14.028  -3.233  5.578   1.00 18.50 ? 156 GLU A OE2 1 
ATOM   1077 N N   . SER A 1 136 ? 11.606  -6.762  9.386   1.00 14.08 ? 157 SER A N   1 
ATOM   1078 C CA  . SER A 1 136 ? 10.177  -6.850  9.091   1.00 14.33 ? 157 SER A CA  1 
ATOM   1079 C C   . SER A 1 136 ? 9.328   -6.662  10.346  1.00 14.13 ? 157 SER A C   1 
ATOM   1080 O O   . SER A 1 136 ? 8.204   -6.161  10.281  1.00 13.86 ? 157 SER A O   1 
ATOM   1081 C CB  . SER A 1 136 ? 9.839   -8.152  8.360   1.00 14.01 ? 157 SER A CB  1 
ATOM   1082 O OG  . SER A 1 136 ? 10.175  -9.268  9.147   1.00 15.05 ? 157 SER A OG  1 
ATOM   1083 N N   . GLN A 1 137 ? 9.870   -7.051  11.500  1.00 14.48 ? 158 GLN A N   1 
ATOM   1084 C CA  . GLN A 1 137 ? 9.195   -6.817  12.778  1.00 15.00 ? 158 GLN A CA  1 
ATOM   1085 C C   . GLN A 1 137 ? 9.098   -5.312  13.039  1.00 14.66 ? 158 GLN A C   1 
ATOM   1086 O O   . GLN A 1 137 ? 8.049   -4.803  13.422  1.00 15.06 ? 158 GLN A O   1 
ATOM   1087 C CB  . GLN A 1 137 ? 9.955   -7.514  13.923  1.00 15.86 ? 158 GLN A CB  1 
ATOM   1088 C CG  . GLN A 1 137 ? 9.239   -7.569  15.261  1.00 16.77 ? 158 GLN A CG  1 
ATOM   1089 C CD  . GLN A 1 137 ? 9.988   -8.377  16.324  1.00 18.34 ? 158 GLN A CD  1 
ATOM   1090 O OE1 . GLN A 1 137 ? 10.574  -9.419  16.037  1.00 19.79 ? 158 GLN A OE1 1 
ATOM   1091 N NE2 . GLN A 1 137 ? 9.943   -7.896  17.572  1.00 21.71 ? 158 GLN A NE2 1 
ATOM   1092 N N   . ALA A 1 138 ? 10.201  -4.605  12.818  1.00 15.00 ? 159 ALA A N   1 
ATOM   1093 C CA  . ALA A 1 138 ? 10.237  -3.170  13.003  1.00 14.74 ? 159 ALA A CA  1 
ATOM   1094 C C   . ALA A 1 138 ? 9.273   -2.462  12.043  1.00 14.66 ? 159 ALA A C   1 
ATOM   1095 O O   . ALA A 1 138 ? 8.554   -1.532  12.459  1.00 14.82 ? 159 ALA A O   1 
ATOM   1096 C CB  . ALA A 1 138 ? 11.668  -2.663  12.825  1.00 15.53 ? 159 ALA A CB  1 
ATOM   1097 N N   . ARG A 1 139 ? 9.268   -2.866  10.774  1.00 14.09 ? 160 ARG A N   1 
ATOM   1098 C CA  . ARG A 1 139 ? 8.364   -2.283  9.778   1.00 13.79 ? 160 ARG A CA  1 
ATOM   1099 C C   . ARG A 1 139 ? 6.896   -2.516  10.171  1.00 13.43 ? 160 ARG A C   1 
ATOM   1100 O O   . ARG A 1 139 ? 6.077   -1.602  10.079  1.00 12.73 ? 160 ARG A O   1 
ATOM   1101 C CB  . ARG A 1 139 ? 8.616   -2.841  8.371   1.00 14.06 ? 160 ARG A CB  1 
ATOM   1102 C CG  . ARG A 1 139 ? 9.871   -2.313  7.633   1.00 15.19 ? 160 ARG A CG  1 
ATOM   1103 C CD  . ARG A 1 139 ? 10.168  -3.147  6.367   1.00 15.80 ? 160 ARG A CD  1 
ATOM   1104 N NE  . ARG A 1 139 ? 11.314  -2.703  5.553   1.00 16.44 ? 160 ARG A NE  1 
ATOM   1105 C CZ  . ARG A 1 139 ? 11.227  -2.197  4.324   1.00 17.04 ? 160 ARG A CZ  1 
ATOM   1106 N NH1 . ARG A 1 139 ? 10.053  -1.962  3.762   1.00 16.53 ? 160 ARG A NH1 1 
ATOM   1107 N NH2 . ARG A 1 139 ? 12.336  -1.906  3.642   1.00 18.75 ? 160 ARG A NH2 1 
ATOM   1108 N N   . ALA A 1 140 ? 6.555   -3.721  10.630  1.00 12.65 ? 161 ALA A N   1 
ATOM   1109 C CA  . ALA A 1 140 ? 5.181   -4.014  11.062  1.00 13.33 ? 161 ALA A CA  1 
ATOM   1110 C C   . ALA A 1 140 ? 4.756   -3.128  12.236  1.00 13.76 ? 161 ALA A C   1 
ATOM   1111 O O   . ALA A 1 140 ? 3.622   -2.652  12.284  1.00 13.27 ? 161 ALA A O   1 
ATOM   1112 C CB  . ALA A 1 140 ? 5.045   -5.483  11.430  1.00 13.09 ? 161 ALA A CB  1 
ATOM   1113 N N   . ASP A 1 141 ? 5.667   -2.909  13.188  1.00 14.10 ? 162 ASP A N   1 
ATOM   1114 C CA  . ASP A 1 141 ? 5.384   -2.057  14.329  1.00 14.38 ? 162 ASP A CA  1 
ATOM   1115 C C   . ASP A 1 141 ? 5.160   -0.612  13.873  1.00 14.12 ? 162 ASP A C   1 
ATOM   1116 O O   . ASP A 1 141 ? 4.272   0.066   14.378  1.00 13.76 ? 162 ASP A O   1 
ATOM   1117 C CB  . ASP A 1 141 ? 6.530   -2.107  15.364  1.00 15.42 ? 162 ASP A CB  1 
ATOM   1118 C CG  . ASP A 1 141 ? 6.655   -3.456  16.060  1.00 19.51 ? 162 ASP A CG  1 
ATOM   1119 O OD1 . ASP A 1 141 ? 5.638   -4.178  16.201  1.00 24.20 ? 162 ASP A OD1 1 
ATOM   1120 O OD2 . ASP A 1 141 ? 7.793   -3.782  16.497  1.00 24.30 ? 162 ASP A OD2 1 
ATOM   1121 N N   . LYS A 1 142 ? 5.970   -0.151  12.915  1.00 13.21 ? 163 LYS A N   1 
ATOM   1122 C CA  . LYS A 1 142 ? 5.765   1.185   12.337  1.00 12.93 ? 163 LYS A CA  1 
ATOM   1123 C C   . LYS A 1 142 ? 4.377   1.280   11.660  1.00 11.89 ? 163 LYS A C   1 
ATOM   1124 O O   . LYS A 1 142 ? 3.678   2.315   11.764  1.00 11.27 ? 163 LYS A O   1 
ATOM   1125 C CB  . LYS A 1 142 ? 6.898   1.574   11.382  1.00 13.90 ? 163 LYS A CB  1 
ATOM   1126 C CG  . LYS A 1 142 ? 6.717   2.919   10.711  1.00 14.28 ? 163 LYS A CG  1 
ATOM   1127 C CD  . LYS A 1 142 ? 6.775   4.091   11.664  1.00 15.50 ? 163 LYS A CD  1 
ATOM   1128 C CE  . LYS A 1 142 ? 6.712   5.419   10.891  1.00 15.27 ? 163 LYS A CE  1 
ATOM   1129 N NZ  . LYS A 1 142 ? 6.786   6.603   11.790  1.00 18.12 ? 163 LYS A NZ  1 
ATOM   1130 N N   . MET A 1 143 ? 3.967   0.210   10.979  1.00 11.07 ? 164 MET A N   1 
ATOM   1131 C CA  . MET A 1 143 ? 2.631   0.191   10.354  1.00 11.26 ? 164 MET A CA  1 
ATOM   1132 C C   . MET A 1 143 ? 1.538   0.379   11.381  1.00 11.42 ? 164 MET A C   1 
ATOM   1133 O O   . MET A 1 143 ? 0.573   1.113   11.162  1.00 11.38 ? 164 MET A O   1 
ATOM   1134 C CB  . MET A 1 143 ? 2.409   -1.094  9.561   1.00 11.33 ? 164 MET A CB  1 
ATOM   1135 C CG  . MET A 1 143 ? 3.231   -1.128  8.298   1.00 11.90 ? 164 MET A CG  1 
ATOM   1136 S SD  . MET A 1 143 ? 3.078   -2.654  7.373   1.00 10.90 ? 164 MET A SD  1 
ATOM   1137 C CE  . MET A 1 143 ? 4.481   -2.592  6.262   1.00 14.22 ? 164 MET A CE  1 
ATOM   1138 N N   . GLN A 1 144 ? 1.681   -0.300  12.510  1.00 11.53 ? 165 GLN A N   1 
ATOM   1139 C CA  . GLN A 1 144 ? 0.718   -0.119  13.570  1.00 12.28 ? 165 GLN A CA  1 
ATOM   1140 C C   . GLN A 1 144 ? 0.725   1.320   14.090  1.00 12.09 ? 165 GLN A C   1 
ATOM   1141 O O   . GLN A 1 144 ? -0.327  1.891   14.317  1.00 11.91 ? 165 GLN A O   1 
ATOM   1142 C CB  . GLN A 1 144 ? 0.959   -1.092  14.710  1.00 12.49 ? 165 GLN A CB  1 
ATOM   1143 C CG  . GLN A 1 144 ? -0.131  -1.035  15.743  1.00 12.65 ? 165 GLN A CG  1 
ATOM   1144 C CD  . GLN A 1 144 ? 0.125   -1.981  16.891  1.00 13.66 ? 165 GLN A CD  1 
ATOM   1145 O OE1 . GLN A 1 144 ? 0.822   -2.994  16.746  1.00 16.76 ? 165 GLN A OE1 1 
ATOM   1146 N NE2 . GLN A 1 144 ? -0.426  -1.652  18.043  1.00 17.28 ? 165 GLN A NE2 1 
ATOM   1147 N N   . GLU A 1 145 ? 1.909   1.889   14.286  1.00 12.74 ? 166 GLU A N   1 
ATOM   1148 C CA  . GLU A 1 145 ? 2.022   3.276   14.754  1.00 13.01 ? 166 GLU A CA  1 
ATOM   1149 C C   . GLU A 1 145 ? 1.302   4.228   13.799  1.00 12.12 ? 166 GLU A C   1 
ATOM   1150 O O   . GLU A 1 145 ? 0.570   5.114   14.213  1.00 12.87 ? 166 GLU A O   1 
ATOM   1151 C CB  . GLU A 1 145 ? 3.500   3.628   14.887  1.00 13.17 ? 166 GLU A CB  1 
ATOM   1152 C CG  . GLU A 1 145 ? 3.856   5.019   15.353  1.00 15.56 ? 166 GLU A CG  1 
ATOM   1153 C CD  . GLU A 1 145 ? 5.307   5.347   15.011  1.00 18.95 ? 166 GLU A CD  1 
ATOM   1154 O OE1 . GLU A 1 145 ? 6.223   4.642   15.519  1.00 24.79 ? 166 GLU A OE1 1 
ATOM   1155 O OE2 . GLU A 1 145 ? 5.517   6.275   14.186  1.00 23.39 ? 166 GLU A OE2 1 
ATOM   1156 N N   . LEU A 1 146 ? 1.510   4.059   12.503  1.00 11.68 ? 167 LEU A N   1 
ATOM   1157 C CA  . LEU A 1 146 ? 0.862   4.906   11.518  1.00 11.39 ? 167 LEU A CA  1 
ATOM   1158 C C   . LEU A 1 146 ? -0.649  4.759   11.548  1.00 11.21 ? 167 LEU A C   1 
ATOM   1159 O O   . LEU A 1 146 ? -1.377  5.740   11.505  1.00 11.39 ? 167 LEU A O   1 
ATOM   1160 C CB  . LEU A 1 146 ? 1.361   4.587   10.115  1.00 11.66 ? 167 LEU A CB  1 
ATOM   1161 C CG  . LEU A 1 146 ? 2.815   4.919   9.790   1.00 12.04 ? 167 LEU A CG  1 
ATOM   1162 C CD1 . LEU A 1 146 ? 3.193   4.351   8.426   1.00 14.64 ? 167 LEU A CD1 1 
ATOM   1163 C CD2 . LEU A 1 146 ? 3.041   6.416   9.816   1.00 13.65 ? 167 LEU A CD2 1 
ATOM   1164 N N   . THR A 1 147 ? -1.118  3.512   11.613  1.00 11.33 ? 168 THR A N   1 
ATOM   1165 C CA  . THR A 1 147 ? -2.554  3.251   11.713  1.00 11.64 ? 168 THR A CA  1 
ATOM   1166 C C   . THR A 1 147 ? -3.193  4.019   12.871  1.00 12.02 ? 168 THR A C   1 
ATOM   1167 O O   . THR A 1 147 ? -4.239  4.650   12.709  1.00 12.30 ? 168 THR A O   1 
ATOM   1168 C CB  . THR A 1 147 ? -2.844  1.744   11.883  1.00 11.65 ? 168 THR A CB  1 
ATOM   1169 O OG1 . THR A 1 147 ? -2.324  1.003   10.763  1.00 12.11 ? 168 THR A OG1 1 
ATOM   1170 C CG2 . THR A 1 147 ? -4.339  1.491   12.009  1.00 11.91 ? 168 THR A CG2 1 
ATOM   1171 N N   . GLU A 1 148 ? -2.538  3.952   14.028  1.00 12.30 ? 169 GLU A N   1 
ATOM   1172 C CA  . GLU A 1 148 ? -3.061  4.561   15.251  1.00 13.06 ? 169 GLU A CA  1 
ATOM   1173 C C   . GLU A 1 148 ? -2.891  6.092   15.261  1.00 12.80 ? 169 GLU A C   1 
ATOM   1174 O O   . GLU A 1 148 ? -3.821  6.831   15.583  1.00 13.63 ? 169 GLU A O   1 
ATOM   1175 C CB  . GLU A 1 148 ? -2.397  3.885   16.467  1.00 13.63 ? 169 GLU A CB  1 
ATOM   1176 C CG  . GLU A 1 148 ? -2.754  2.398   16.529  1.00 14.61 ? 169 GLU A CG  1 
ATOM   1177 C CD  . GLU A 1 148 ? -2.133  1.630   17.680  1.00 16.84 ? 169 GLU A CD  1 
ATOM   1178 O OE1 . GLU A 1 148 ? -1.325  2.221   18.426  1.00 23.57 ? 169 GLU A OE1 1 
ATOM   1179 O OE2 . GLU A 1 148 ? -2.452  0.423   17.812  1.00 19.79 ? 169 GLU A OE2 1 
ATOM   1180 N N   . THR A 1 149 ? -1.718  6.569   14.878  1.00 12.83 ? 170 THR A N   1 
ATOM   1181 C CA  . THR A 1 149 ? -1.450  8.011   14.895  1.00 12.86 ? 170 THR A CA  1 
ATOM   1182 C C   . THR A 1 149 ? -2.379  8.758   13.954  1.00 12.88 ? 170 THR A C   1 
ATOM   1183 O O   . THR A 1 149 ? -2.921  9.809   14.303  1.00 12.99 ? 170 THR A O   1 
ATOM   1184 C CB  . THR A 1 149 ? 0.011   8.310   14.499  1.00 12.69 ? 170 THR A CB  1 
ATOM   1185 O OG1 . THR A 1 149 ? 0.882   7.766   15.491  1.00 15.15 ? 170 THR A OG1 1 
ATOM   1186 C CG2 . THR A 1 149 ? 0.274   9.813   14.382  1.00 13.97 ? 170 THR A CG2 1 
ATOM   1187 N N   . PHE A 1 150 ? -2.562  8.220   12.756  1.00 12.53 ? 171 PHE A N   1 
ATOM   1188 C CA  . PHE A 1 150 ? -3.343  8.894   11.720  1.00 11.84 ? 171 PHE A CA  1 
ATOM   1189 C C   . PHE A 1 150 ? -4.780  8.374   11.640  1.00 11.83 ? 171 PHE A C   1 
ATOM   1190 O O   . PHE A 1 150 ? -5.542  8.803   10.788  1.00 11.62 ? 171 PHE A O   1 
ATOM   1191 C CB  . PHE A 1 150 ? -2.617  8.822   10.381  1.00 12.16 ? 171 PHE A CB  1 
ATOM   1192 C CG  . PHE A 1 150 ? -1.316  9.546   10.415  1.00 10.66 ? 171 PHE A CG  1 
ATOM   1193 C CD1 . PHE A 1 150 ? -1.288  10.937  10.411  1.00 11.52 ? 171 PHE A CD1 1 
ATOM   1194 C CD2 . PHE A 1 150 ? -0.115  8.849   10.531  1.00 11.28 ? 171 PHE A CD2 1 
ATOM   1195 C CE1 . PHE A 1 150 ? -0.073  11.613  10.515  1.00 12.20 ? 171 PHE A CE1 1 
ATOM   1196 C CE2 . PHE A 1 150 ? 1.094   9.521   10.625  1.00 12.76 ? 171 PHE A CE2 1 
ATOM   1197 C CZ  . PHE A 1 150 ? 1.108   10.909  10.631  1.00 12.52 ? 171 PHE A CZ  1 
ATOM   1198 N N   . GLN A 1 151 ? -5.134  7.489   12.572  1.00 12.21 ? 172 GLN A N   1 
ATOM   1199 C CA  . GLN A 1 151 ? -6.500  6.967   12.693  1.00 13.83 ? 172 GLN A CA  1 
ATOM   1200 C C   . GLN A 1 151 ? -7.045  6.482   11.360  1.00 13.48 ? 172 GLN A C   1 
ATOM   1201 O O   . GLN A 1 151 ? -8.134  6.863   10.910  1.00 14.52 ? 172 GLN A O   1 
ATOM   1202 C CB  . GLN A 1 151 ? -7.420  8.012   13.314  1.00 14.63 ? 172 GLN A CB  1 
ATOM   1203 C CG  . GLN A 1 151 ? -6.967  8.412   14.709  1.00 16.56 ? 172 GLN A CG  1 
ATOM   1204 C CD  . GLN A 1 151 ? -7.982  9.251   15.426  1.00 18.52 ? 172 GLN A CD  1 
ATOM   1205 O OE1 . GLN A 1 151 ? -8.234  10.391  15.041  1.00 23.37 ? 172 GLN A OE1 1 
ATOM   1206 N NE2 . GLN A 1 151 ? -8.582  8.689   16.462  1.00 24.44 ? 172 GLN A NE2 1 
ATOM   1207 N N   . ILE A 1 152 ? -6.261  5.621   10.723  1.00 12.79 ? 173 ILE A N   1 
ATOM   1208 C CA  . ILE A 1 152 ? -6.682  5.016   9.473   1.00 13.24 ? 173 ILE A CA  1 
ATOM   1209 C C   . ILE A 1 152 ? -7.723  3.952   9.804   1.00 13.84 ? 173 ILE A C   1 
ATOM   1210 O O   . ILE A 1 152 ? -7.386  2.922   10.382  1.00 14.91 ? 173 ILE A O   1 
ATOM   1211 C CB  . ILE A 1 152 ? -5.494  4.381   8.733   1.00 11.68 ? 173 ILE A CB  1 
ATOM   1212 C CG1 . ILE A 1 152 ? -4.343  5.387   8.606   1.00 12.04 ? 173 ILE A CG1 1 
ATOM   1213 C CG2 . ILE A 1 152 ? -5.961  3.877   7.378   1.00 12.64 ? 173 ILE A CG2 1 
ATOM   1214 C CD1 . ILE A 1 152 ? -4.741  6.643   7.861   1.00 12.50 ? 173 ILE A CD1 1 
ATOM   1215 N N   . ASP A 1 153 ? -8.984  4.232   9.482   1.00 14.07 ? 174 ASP A N   1 
ATOM   1216 C CA  . ASP A 1 153 ? -10.106 3.367   9.884   1.00 14.72 ? 174 ASP A CA  1 
ATOM   1217 C C   . ASP A 1 153 ? -10.814 2.710   8.717   1.00 15.19 ? 174 ASP A C   1 
ATOM   1218 O O   . ASP A 1 153 ? -11.873 2.103   8.897   1.00 17.18 ? 174 ASP A O   1 
ATOM   1219 C CB  . ASP A 1 153 ? -11.118 4.150   10.739  1.00 15.69 ? 174 ASP A CB  1 
ATOM   1220 C CG  . ASP A 1 153 ? -11.685 5.372   10.040  1.00 19.25 ? 174 ASP A CG  1 
ATOM   1221 O OD1 . ASP A 1 153 ? -11.451 5.599   8.836   1.00 21.96 ? 174 ASP A OD1 1 
ATOM   1222 O OD2 . ASP A 1 153 ? -12.397 6.147   10.722  1.00 25.84 ? 174 ASP A OD2 1 
ATOM   1223 N N   . GLY A 1 154 ? -10.251 2.825   7.519   1.00 14.19 ? 175 GLY A N   1 
ATOM   1224 C CA  . GLY A 1 154 ? -10.818 2.175   6.343   1.00 14.02 ? 175 GLY A CA  1 
ATOM   1225 C C   . GLY A 1 154 ? -9.747  1.860   5.318   1.00 13.37 ? 175 GLY A C   1 
ATOM   1226 O O   . GLY A 1 154 ? -8.715  2.521   5.258   1.00 13.84 ? 175 GLY A O   1 
ATOM   1227 N N   . THR A 1 155 ? -9.992  0.819   4.539   1.00 13.06 ? 176 THR A N   1 
ATOM   1228 C CA  . THR A 1 155 ? -9.090  0.412   3.466   1.00 14.01 ? 176 THR A CA  1 
ATOM   1229 C C   . THR A 1 155 ? -9.904  0.162   2.213   1.00 13.86 ? 176 THR A C   1 
ATOM   1230 O O   . THR A 1 155 ? -11.052 -0.338  2.312   1.00 14.62 ? 176 THR A O   1 
ATOM   1231 C CB  . THR A 1 155 ? -8.329  -0.868  3.800   1.00 14.54 ? 176 THR A CB  1 
ATOM   1232 O OG1 . THR A 1 155 ? -9.257  -1.916  4.105   1.00 16.26 ? 176 THR A OG1 1 
ATOM   1233 C CG2 . THR A 1 155 ? -7.351  -0.622  4.955   1.00 16.10 ? 176 THR A CG2 1 
ATOM   1234 N N   . PRO A 1 156 ? -9.337  0.482   1.038   1.00 12.79 ? 177 PRO A N   1 
ATOM   1235 C CA  . PRO A 1 156 ? -8.064  1.171   0.848   1.00 13.19 ? 177 PRO A CA  1 
ATOM   1236 C C   . PRO A 1 156 ? -8.196  2.644   1.173   1.00 13.16 ? 177 PRO A C   1 
ATOM   1237 O O   . PRO A 1 156 ? -9.274  3.210   0.992   1.00 14.43 ? 177 PRO A O   1 
ATOM   1238 C CB  . PRO A 1 156 ? -7.797  1.017   -0.651  1.00 13.61 ? 177 PRO A CB  1 
ATOM   1239 C CG  . PRO A 1 156 ? -9.150  0.909   -1.246  1.00 14.10 ? 177 PRO A CG  1 
ATOM   1240 C CD  . PRO A 1 156 ? -9.982  0.169   -0.256  1.00 13.80 ? 177 PRO A CD  1 
ATOM   1241 N N   . THR A 1 157 ? -7.111  3.231   1.680   1.00 12.17 ? 178 THR A N   1 
ATOM   1242 C CA  . THR A 1 157 ? -6.988  4.674   1.849   1.00 12.47 ? 178 THR A CA  1 
ATOM   1243 C C   . THR A 1 157 ? -5.749  5.101   1.080   1.00 11.30 ? 178 THR A C   1 
ATOM   1244 O O   . THR A 1 157 ? -4.671  4.537   1.291   1.00 12.73 ? 178 THR A O   1 
ATOM   1245 C CB  . THR A 1 157 ? -6.844  5.078   3.315   1.00 12.39 ? 178 THR A CB  1 
ATOM   1246 O OG1 . THR A 1 157 ? -8.079  4.801   4.000   1.00 14.26 ? 178 THR A OG1 1 
ATOM   1247 C CG2 . THR A 1 157 ? -6.518  6.558   3.458   1.00 12.29 ? 178 THR A CG2 1 
ATOM   1248 N N   . VAL A 1 158 ? -5.909  6.042   0.147   1.00 10.48 ? 179 VAL A N   1 
ATOM   1249 C CA  . VAL A 1 158 ? -4.788  6.527   -0.656  1.00 10.94 ? 179 VAL A CA  1 
ATOM   1250 C C   . VAL A 1 158 ? -4.567  8.015   -0.373  1.00 10.68 ? 179 VAL A C   1 
ATOM   1251 O O   . VAL A 1 158 ? -5.494  8.819   -0.485  1.00 10.44 ? 179 VAL A O   1 
ATOM   1252 C CB  . VAL A 1 158 ? -5.014  6.294   -2.162  1.00 11.01 ? 179 VAL A CB  1 
ATOM   1253 C CG1 . VAL A 1 158 ? -3.849  6.887   -2.975  1.00 11.08 ? 179 VAL A CG1 1 
ATOM   1254 C CG2 . VAL A 1 158 ? -5.149  4.817   -2.425  1.00 11.58 ? 179 VAL A CG2 1 
ATOM   1255 N N   . ILE A 1 159 ? -3.328  8.349   -0.003  1.00 10.72 ? 180 ILE A N   1 
ATOM   1256 C CA  A ILE A 1 159 ? -2.927  9.704   0.351   0.50 11.46 ? 180 ILE A CA  1 
ATOM   1257 C CA  B ILE A 1 159 ? -2.919  9.713   0.356   0.50 11.24 ? 180 ILE A CA  1 
ATOM   1258 C C   . ILE A 1 159 ? -1.771  10.138  -0.546  1.00 11.48 ? 180 ILE A C   1 
ATOM   1259 O O   . ILE A 1 159 ? -0.760  9.410   -0.666  1.00 11.94 ? 180 ILE A O   1 
ATOM   1260 C CB  A ILE A 1 159 ? -2.507  9.747   1.827   0.50 11.04 ? 180 ILE A CB  1 
ATOM   1261 C CB  B ILE A 1 159 ? -2.406  9.828   1.814   0.50 10.67 ? 180 ILE A CB  1 
ATOM   1262 C CG1 A ILE A 1 159 ? -3.746  9.539   2.712   0.50 12.07 ? 180 ILE A CG1 1 
ATOM   1263 C CG1 B ILE A 1 159 ? -3.357  9.144   2.803   0.50 10.85 ? 180 ILE A CG1 1 
ATOM   1264 C CG2 A ILE A 1 159 ? -1.803  11.064  2.164   0.50 10.81 ? 180 ILE A CG2 1 
ATOM   1265 C CG2 B ILE A 1 159 ? -2.222  11.306  2.196   0.50 10.53 ? 180 ILE A CG2 1 
ATOM   1266 C CD1 A ILE A 1 159 ? -3.439  8.994   4.072   0.50 12.09 ? 180 ILE A CD1 1 
ATOM   1267 C CD1 B ILE A 1 159 ? -4.733  9.792   2.873   0.50 11.28 ? 180 ILE A CD1 1 
ATOM   1268 N N   . VAL A 1 160 ? -1.908  11.306  -1.182  1.00 11.43 ? 181 VAL A N   1 
ATOM   1269 C CA  . VAL A 1 160 ? -0.878  11.825  -2.079  1.00 11.77 ? 181 VAL A CA  1 
ATOM   1270 C C   . VAL A 1 160 ? -0.163  13.007  -1.416  1.00 11.28 ? 181 VAL A C   1 
ATOM   1271 O O   . VAL A 1 160 ? -0.811  13.886  -0.845  1.00 11.59 ? 181 VAL A O   1 
ATOM   1272 C CB  . VAL A 1 160 ? -1.488  12.244  -3.417  1.00 11.45 ? 181 VAL A CB  1 
ATOM   1273 C CG1 . VAL A 1 160 ? -0.428  12.666  -4.391  1.00 13.49 ? 181 VAL A CG1 1 
ATOM   1274 C CG2 . VAL A 1 160 ? -2.268  11.070  -4.013  1.00 11.91 ? 181 VAL A CG2 1 
ATOM   1275 N N   . GLY A 1 161 ? 1.167   13.008  -1.446  1.00 11.47 ? 182 GLY A N   1 
ATOM   1276 C CA  . GLY A 1 161 ? 1.941   14.134  -0.940  1.00 12.22 ? 182 GLY A CA  1 
ATOM   1277 C C   . GLY A 1 161 ? 1.843   14.291  0.566   1.00 12.18 ? 182 GLY A C   1 
ATOM   1278 O O   . GLY A 1 161 ? 2.077   15.393  1.095   1.00 13.21 ? 182 GLY A O   1 
ATOM   1279 N N   . GLY A 1 162 ? 1.506   13.203  1.250   1.00 11.73 ? 183 GLY A N   1 
ATOM   1280 C CA  . GLY A 1 162 ? 1.326   13.206  2.687   1.00 11.67 ? 183 GLY A CA  1 
ATOM   1281 C C   . GLY A 1 162 ? 0.064   13.871  3.208   1.00 11.94 ? 183 GLY A C   1 
ATOM   1282 O O   . GLY A 1 162 ? -0.248  13.765  4.378   1.00 12.07 ? 183 GLY A O   1 
ATOM   1283 N N   . LYS A 1 163 ? -0.675  14.572  2.368   1.00 11.90 ? 184 LYS A N   1 
ATOM   1284 C CA  . LYS A 1 163 ? -1.749  15.410  2.880   1.00 11.90 ? 184 LYS A CA  1 
ATOM   1285 C C   . LYS A 1 163 ? -3.084  15.310  2.162   1.00 11.73 ? 184 LYS A C   1 
ATOM   1286 O O   . LYS A 1 163 ? -4.083  15.749  2.705   1.00 12.28 ? 184 LYS A O   1 
ATOM   1287 C CB  . LYS A 1 163 ? -1.285  16.866  2.911   1.00 12.49 ? 184 LYS A CB  1 
ATOM   1288 C CG  . LYS A 1 163 ? -1.130  17.511  1.545   1.00 13.37 ? 184 LYS A CG  1 
ATOM   1289 C CD  . LYS A 1 163 ? -0.478  18.885  1.644   1.00 13.87 ? 184 LYS A CD  1 
ATOM   1290 C CE  . LYS A 1 163 ? -1.393  19.887  2.300   1.00 15.51 ? 184 LYS A CE  1 
ATOM   1291 N NZ  . LYS A 1 163 ? -0.917  21.310  2.203   1.00 17.10 ? 184 LYS A NZ  1 
ATOM   1292 N N   . TYR A 1 164 ? -3.102  14.772  0.943   1.00 11.90 ? 185 TYR A N   1 
ATOM   1293 C CA  . TYR A 1 164 ? -4.330  14.760  0.155   1.00 11.62 ? 185 TYR A CA  1 
ATOM   1294 C C   . TYR A 1 164 ? -4.911  13.358  0.053   1.00 10.86 ? 185 TYR A C   1 
ATOM   1295 O O   . TYR A 1 164 ? -4.320  12.477  -0.572  1.00 11.67 ? 185 TYR A O   1 
ATOM   1296 C CB  . TYR A 1 164 ? -4.083  15.340  -1.249  1.00 12.66 ? 185 TYR A CB  1 
ATOM   1297 C CG  . TYR A 1 164 ? -3.580  16.766  -1.217  1.00 13.90 ? 185 TYR A CG  1 
ATOM   1298 C CD1 . TYR A 1 164 ? -4.298  17.756  -0.575  1.00 14.50 ? 185 TYR A CD1 1 
ATOM   1299 C CD2 . TYR A 1 164 ? -2.353  17.098  -1.786  1.00 15.57 ? 185 TYR A CD2 1 
ATOM   1300 C CE1 . TYR A 1 164 ? -3.815  19.084  -0.534  1.00 14.37 ? 185 TYR A CE1 1 
ATOM   1301 C CE2 . TYR A 1 164 ? -1.869  18.407  -1.751  1.00 15.73 ? 185 TYR A CE2 1 
ATOM   1302 C CZ  . TYR A 1 164 ? -2.609  19.383  -1.115  1.00 15.47 ? 185 TYR A CZ  1 
ATOM   1303 O OH  . TYR A 1 164 ? -2.137  20.681  -1.039  1.00 18.55 ? 185 TYR A OH  1 
ATOM   1304 N N   . LYS A 1 165 ? -6.060  13.148  0.681   1.00 10.70 ? 186 LYS A N   1 
ATOM   1305 C CA  . LYS A 1 165 ? -6.735  11.854  0.627   1.00 11.09 ? 186 LYS A CA  1 
ATOM   1306 C C   . LYS A 1 165 ? -7.626  11.774  -0.603  1.00 10.86 ? 186 LYS A C   1 
ATOM   1307 O O   . LYS A 1 165 ? -8.463  12.640  -0.820  1.00 11.66 ? 186 LYS A O   1 
ATOM   1308 C CB  . LYS A 1 165 ? -7.569  11.618  1.893   1.00 11.28 ? 186 LYS A CB  1 
ATOM   1309 C CG  . LYS A 1 165 ? -8.380  10.312  1.887   1.00 11.49 ? 186 LYS A CG  1 
ATOM   1310 C CD  . LYS A 1 165 ? -9.094  10.074  3.175   1.00 13.65 ? 186 LYS A CD  1 
ATOM   1311 C CE  . LYS A 1 165 ? -10.028 8.908   3.081   1.00 15.07 ? 186 LYS A CE  1 
ATOM   1312 N NZ  . LYS A 1 165 ? -10.821 8.700   4.342   1.00 18.50 ? 186 LYS A NZ  1 
ATOM   1313 N N   . VAL A 1 166 ? -7.468  10.704  -1.381  1.00 10.76 ? 187 VAL A N   1 
ATOM   1314 C CA  . VAL A 1 166 ? -8.319  10.465  -2.531  1.00 11.44 ? 187 VAL A CA  1 
ATOM   1315 C C   . VAL A 1 166 ? -9.700  9.999   -2.047  1.00 11.43 ? 187 VAL A C   1 
ATOM   1316 O O   . VAL A 1 166 ? -9.800  9.102   -1.222  1.00 11.96 ? 187 VAL A O   1 
ATOM   1317 C CB  . VAL A 1 166 ? -7.726  9.387   -3.460  1.00 11.50 ? 187 VAL A CB  1 
ATOM   1318 C CG1 . VAL A 1 166 ? -8.670  9.101   -4.612  1.00 11.98 ? 187 VAL A CG1 1 
ATOM   1319 C CG2 . VAL A 1 166 ? -6.383  9.812   -4.008  1.00 12.31 ? 187 VAL A CG2 1 
ATOM   1320 N N   . GLU A 1 167 ? -10.755 10.643  -2.541  1.00 11.80 ? 188 GLU A N   1 
ATOM   1321 C CA  . GLU A 1 167 ? -12.115 10.236  -2.225  1.00 12.32 ? 188 GLU A CA  1 
ATOM   1322 C C   . GLU A 1 167 ? -12.602 9.514   -3.476  1.00 13.03 ? 188 GLU A C   1 
ATOM   1323 O O   . GLU A 1 167 ? -12.908 10.168  -4.483  1.00 13.60 ? 188 GLU A O   1 
ATOM   1324 C CB  . GLU A 1 167 ? -12.987 11.441  -1.874  1.00 13.06 ? 188 GLU A CB  1 
ATOM   1325 C CG  . GLU A 1 167 ? -12.517 12.224  -0.661  1.00 13.45 ? 188 GLU A CG  1 
ATOM   1326 C CD  . GLU A 1 167 ? -12.657 11.490  0.654   1.00 17.29 ? 188 GLU A CD  1 
ATOM   1327 O OE1 . GLU A 1 167 ? -13.478 10.544  0.739   1.00 19.34 ? 188 GLU A OE1 1 
ATOM   1328 O OE2 . GLU A 1 167 ? -11.948 11.875  1.619   1.00 16.37 ? 188 GLU A OE2 1 
ATOM   1329 N N   . PHE A 1 168 ? -12.611 8.178   -3.422  1.00 13.24 ? 189 PHE A N   1 
ATOM   1330 C CA  . PHE A 1 168 ? -12.878 7.356   -4.619  1.00 13.62 ? 189 PHE A CA  1 
ATOM   1331 C C   . PHE A 1 168 ? -14.365 7.296   -4.980  1.00 14.37 ? 189 PHE A C   1 
ATOM   1332 O O   . PHE A 1 168 ? -15.192 6.957   -4.138  1.00 15.70 ? 189 PHE A O   1 
ATOM   1333 C CB  . PHE A 1 168 ? -12.396 5.919   -4.444  1.00 13.60 ? 189 PHE A CB  1 
ATOM   1334 C CG  . PHE A 1 168 ? -10.903 5.746   -4.508  1.00 13.48 ? 189 PHE A CG  1 
ATOM   1335 C CD1 . PHE A 1 168 ? -10.264 5.551   -5.721  1.00 14.39 ? 189 PHE A CD1 1 
ATOM   1336 C CD2 . PHE A 1 168 ? -10.143 5.763   -3.350  1.00 12.86 ? 189 PHE A CD2 1 
ATOM   1337 C CE1 . PHE A 1 168 ? -8.888  5.386   -5.786  1.00 12.76 ? 189 PHE A CE1 1 
ATOM   1338 C CE2 . PHE A 1 168 ? -8.747  5.596   -3.401  1.00 13.55 ? 189 PHE A CE2 1 
ATOM   1339 C CZ  . PHE A 1 168 ? -8.121  5.397   -4.620  1.00 15.15 ? 189 PHE A CZ  1 
ATOM   1340 N N   . ALA A 1 169 ? -14.687 7.627   -6.226  1.00 14.72 ? 190 ALA A N   1 
ATOM   1341 C CA  . ALA A 1 169 ? -16.007 7.293   -6.825  1.00 14.91 ? 190 ALA A CA  1 
ATOM   1342 C C   . ALA A 1 169 ? -15.978 5.863   -7.373  1.00 15.57 ? 190 ALA A C   1 
ATOM   1343 O O   . ALA A 1 169 ? -16.922 5.100   -7.214  1.00 17.07 ? 190 ALA A O   1 
ATOM   1344 C CB  . ALA A 1 169 ? -16.343 8.254   -7.910  1.00 15.86 ? 190 ALA A CB  1 
ATOM   1345 N N   . ASP A 1 170 ? -14.904 5.549   -8.087  1.00 15.32 ? 191 ASP A N   1 
ATOM   1346 C CA  . ASP A 1 170 ? -14.540 4.190   -8.467  1.00 15.23 ? 191 ASP A CA  1 
ATOM   1347 C C   . ASP A 1 170 ? -13.022 4.164   -8.652  1.00 14.51 ? 191 ASP A C   1 
ATOM   1348 O O   . ASP A 1 170 ? -12.369 5.199   -8.512  1.00 14.80 ? 191 ASP A O   1 
ATOM   1349 C CB  . ASP A 1 170 ? -15.325 3.679   -9.692  1.00 15.38 ? 191 ASP A CB  1 
ATOM   1350 C CG  . ASP A 1 170 ? -15.015 4.412   -10.981 1.00 17.11 ? 191 ASP A CG  1 
ATOM   1351 O OD1 . ASP A 1 170 ? -14.022 5.154   -11.072 1.00 18.62 ? 191 ASP A OD1 1 
ATOM   1352 O OD2 . ASP A 1 170 ? -15.778 4.216   -11.963 1.00 21.08 ? 191 ASP A OD2 1 
ATOM   1353 N N   . TRP A 1 171 ? -12.443 3.006   -8.940  1.00 14.38 ? 192 TRP A N   1 
ATOM   1354 C CA  . TRP A 1 171 ? -10.985 2.898   -8.866  1.00 14.51 ? 192 TRP A CA  1 
ATOM   1355 C C   . TRP A 1 171 ? -10.343 3.600   -10.034 1.00 14.61 ? 192 TRP A C   1 
ATOM   1356 O O   . TRP A 1 171 ? -9.333  4.288   -9.882  1.00 13.59 ? 192 TRP A O   1 
ATOM   1357 C CB  . TRP A 1 171 ? -10.512 1.438   -8.805  1.00 14.36 ? 192 TRP A CB  1 
ATOM   1358 C CG  . TRP A 1 171 ? -11.135 0.616   -7.720  1.00 14.17 ? 192 TRP A CG  1 
ATOM   1359 C CD1 . TRP A 1 171 ? -11.744 -0.576  -7.874  1.00 14.69 ? 192 TRP A CD1 1 
ATOM   1360 C CD2 . TRP A 1 171 ? -11.238 0.936   -6.318  1.00 13.81 ? 192 TRP A CD2 1 
ATOM   1361 N NE1 . TRP A 1 171 ? -12.207 -1.039  -6.677  1.00 16.02 ? 192 TRP A NE1 1 
ATOM   1362 C CE2 . TRP A 1 171 ? -11.926 -0.125  -5.701  1.00 14.07 ? 192 TRP A CE2 1 
ATOM   1363 C CE3 . TRP A 1 171 ? -10.826 2.017   -5.521  1.00 13.66 ? 192 TRP A CE3 1 
ATOM   1364 C CZ2 . TRP A 1 171 ? -12.205 -0.150  -4.332  1.00 14.51 ? 192 TRP A CZ2 1 
ATOM   1365 C CZ3 . TRP A 1 171 ? -11.118 1.986   -4.140  1.00 13.58 ? 192 TRP A CZ3 1 
ATOM   1366 C CH2 . TRP A 1 171 ? -11.804 0.914   -3.572  1.00 14.61 ? 192 TRP A CH2 1 
ATOM   1367 N N   . GLU A 1 172 ? -10.926 3.446   -11.215 1.00 14.84 ? 193 GLU A N   1 
ATOM   1368 C CA  A GLU A 1 172 ? -10.359 4.008   -12.428 0.50 15.33 ? 193 GLU A CA  1 
ATOM   1369 C CA  B GLU A 1 172 ? -10.320 4.013   -12.421 0.50 15.24 ? 193 GLU A CA  1 
ATOM   1370 C C   . GLU A 1 172 ? -10.314 5.533   -12.353 1.00 14.87 ? 193 GLU A C   1 
ATOM   1371 O O   . GLU A 1 172 ? -9.279  6.179   -12.631 1.00 15.36 ? 193 GLU A O   1 
ATOM   1372 C CB  A GLU A 1 172 ? -11.169 3.537   -13.639 0.50 15.64 ? 193 GLU A CB  1 
ATOM   1373 C CB  B GLU A 1 172 ? -11.023 3.535   -13.697 0.50 15.38 ? 193 GLU A CB  1 
ATOM   1374 C CG  A GLU A 1 172 ? -11.173 2.008   -13.823 0.50 17.67 ? 193 GLU A CG  1 
ATOM   1375 C CG  B GLU A 1 172 ? -10.884 2.035   -13.973 0.50 16.99 ? 193 GLU A CG  1 
ATOM   1376 C CD  A GLU A 1 172 ? -12.272 1.260   -13.044 0.50 19.61 ? 193 GLU A CD  1 
ATOM   1377 C CD  B GLU A 1 172 ? -9.524  1.612   -14.527 0.50 17.80 ? 193 GLU A CD  1 
ATOM   1378 O OE1 A GLU A 1 172 ? -12.527 0.086   -13.384 0.50 23.64 ? 193 GLU A OE1 1 
ATOM   1379 O OE1 B GLU A 1 172 ? -8.682  2.478   -14.854 0.50 21.58 ? 193 GLU A OE1 1 
ATOM   1380 O OE2 A GLU A 1 172 ? -12.885 1.810   -12.095 0.50 18.77 ? 193 GLU A OE2 1 
ATOM   1381 O OE2 B GLU A 1 172 ? -9.301  0.383   -14.638 0.50 21.60 ? 193 GLU A OE2 1 
ATOM   1382 N N   . SER A 1 173 ? -11.442 6.124   -11.968 1.00 14.80 ? 194 SER A N   1 
ATOM   1383 C CA  . SER A 1 173 ? -11.491 7.578   -11.853 1.00 14.88 ? 194 SER A CA  1 
ATOM   1384 C C   . SER A 1 173 ? -10.553 8.091   -10.752 1.00 14.52 ? 194 SER A C   1 
ATOM   1385 O O   . SER A 1 173 ? -9.951  9.159   -10.880 1.00 15.32 ? 194 SER A O   1 
ATOM   1386 C CB  . SER A 1 173 ? -12.927 8.080   -11.654 1.00 14.64 ? 194 SER A CB  1 
ATOM   1387 O OG  . SER A 1 173 ? -13.476 7.652   -10.441 1.00 15.82 ? 194 SER A OG  1 
ATOM   1388 N N   . GLY A 1 174 ? -10.372 7.315   -9.692  1.00 13.85 ? 195 GLY A N   1 
ATOM   1389 C CA  . GLY A 1 174 ? -9.414  7.695   -8.644  1.00 13.32 ? 195 GLY A CA  1 
ATOM   1390 C C   . GLY A 1 174 ? -7.989  7.789   -9.135  1.00 12.39 ? 195 GLY A C   1 
ATOM   1391 O O   . GLY A 1 174 ? -7.192  8.539   -8.586  1.00 11.63 ? 195 GLY A O   1 
ATOM   1392 N N   . MET A 1 175 ? -7.651  7.065   -10.202 1.00 12.31 ? 196 MET A N   1 
ATOM   1393 C CA  . MET A 1 175 ? -6.293  7.158   -10.747 1.00 12.59 ? 196 MET A CA  1 
ATOM   1394 C C   . MET A 1 175 ? -6.081  8.545   -11.372 1.00 12.54 ? 196 MET A C   1 
ATOM   1395 O O   . MET A 1 175 ? -5.003  9.129   -11.268 1.00 12.71 ? 196 MET A O   1 
ATOM   1396 C CB  . MET A 1 175 ? -6.014  6.073   -11.784 1.00 13.08 ? 196 MET A CB  1 
ATOM   1397 C CG  . MET A 1 175 ? -6.090  4.625   -11.290 1.00 12.85 ? 196 MET A CG  1 
ATOM   1398 S SD  . MET A 1 175 ? -5.058  4.276   -9.857  1.00 13.23 ? 196 MET A SD  1 
ATOM   1399 C CE  . MET A 1 175 ? -6.243  4.432   -8.497  1.00 13.95 ? 196 MET A CE  1 
ATOM   1400 N N   . ASN A 1 176 ? -7.111  9.092   -12.008 1.00 13.03 ? 197 ASN A N   1 
ATOM   1401 C CA  . ASN A 1 176 ? -7.030  10.454  -12.517 1.00 13.71 ? 197 ASN A CA  1 
ATOM   1402 C C   . ASN A 1 176 ? -6.831  11.454  -11.373 1.00 13.16 ? 197 ASN A C   1 
ATOM   1403 O O   . ASN A 1 176 ? -6.007  12.366  -11.460 1.00 13.12 ? 197 ASN A O   1 
ATOM   1404 C CB  . ASN A 1 176 ? -8.291  10.786  -13.320 1.00 14.83 ? 197 ASN A CB  1 
ATOM   1405 C CG  . ASN A 1 176 ? -8.416  9.954   -14.589 1.00 17.57 ? 197 ASN A CG  1 
ATOM   1406 O OD1 . ASN A 1 176 ? -7.411  9.500   -15.153 1.00 21.65 ? 197 ASN A OD1 1 
ATOM   1407 N ND2 . ASN A 1 176 ? -9.655  9.735   -15.036 1.00 22.49 ? 197 ASN A ND2 1 
ATOM   1408 N N   . THR A 1 177 ? -7.546  11.249  -10.271 1.00 12.82 ? 198 THR A N   1 
ATOM   1409 C CA  . THR A 1 177 ? -7.372  12.123  -9.105  1.00 12.94 ? 198 THR A CA  1 
ATOM   1410 C C   . THR A 1 177 ? -5.928  12.068  -8.595  1.00 12.96 ? 198 THR A C   1 
ATOM   1411 O O   . THR A 1 177 ? -5.330  13.091  -8.272  1.00 12.88 ? 198 THR A O   1 
ATOM   1412 C CB  . THR A 1 177 ? -8.364  11.756  -8.004  1.00 12.75 ? 198 THR A CB  1 
ATOM   1413 O OG1 . THR A 1 177 ? -9.701  11.828  -8.534  1.00 13.55 ? 198 THR A OG1 1 
ATOM   1414 C CG2 . THR A 1 177 ? -8.238  12.729  -6.810  1.00 12.78 ? 198 THR A CG2 1 
ATOM   1415 N N   . ILE A 1 178 ? -5.364  10.870  -8.522  1.00 12.33 ? 199 ILE A N   1 
ATOM   1416 C CA  . ILE A 1 178 ? -3.977  10.724  -8.087  1.00 12.55 ? 199 ILE A CA  1 
ATOM   1417 C C   . ILE A 1 178 ? -3.075  11.568  -8.985  1.00 12.82 ? 199 ILE A C   1 
ATOM   1418 O O   . ILE A 1 178 ? -2.223  12.316  -8.483  1.00 13.09 ? 199 ILE A O   1 
ATOM   1419 C CB  . ILE A 1 178 ? -3.528  9.245   -8.082  1.00 12.41 ? 199 ILE A CB  1 
ATOM   1420 C CG1 . ILE A 1 178 ? -4.233  8.496   -6.946  1.00 12.68 ? 199 ILE A CG1 1 
ATOM   1421 C CG2 . ILE A 1 178 ? -1.995  9.142   -7.950  1.00 12.61 ? 199 ILE A CG2 1 
ATOM   1422 C CD1 . ILE A 1 178 ? -3.995  7.000   -6.944  1.00 12.67 ? 199 ILE A CD1 1 
ATOM   1423 N N   . ASP A 1 179 ? -3.276  11.491  -10.305 1.00 12.73 ? 200 ASP A N   1 
ATOM   1424 C CA  . ASP A 1 179 ? -2.455  12.285  -11.235 1.00 13.65 ? 200 ASP A CA  1 
ATOM   1425 C C   . ASP A 1 179 ? -2.576  13.788  -11.015 1.00 13.35 ? 200 ASP A C   1 
ATOM   1426 O O   . ASP A 1 179 ? -1.564  14.509  -11.097 1.00 14.17 ? 200 ASP A O   1 
ATOM   1427 C CB  . ASP A 1 179 ? -2.800  11.933  -12.684 1.00 14.14 ? 200 ASP A CB  1 
ATOM   1428 C CG  . ASP A 1 179 ? -2.327  10.543  -13.066 1.00 16.79 ? 200 ASP A CG  1 
ATOM   1429 O OD1 . ASP A 1 179 ? -1.625  9.892   -12.256 1.00 17.84 ? 200 ASP A OD1 1 
ATOM   1430 O OD2 . ASP A 1 179 ? -2.654  10.101  -14.174 1.00 20.18 ? 200 ASP A OD2 1 
ATOM   1431 N N   . LEU A 1 180 ? -3.784  14.253  -10.746 1.00 13.34 ? 201 LEU A N   1 
ATOM   1432 C CA  . LEU A 1 180 ? -4.013  15.678  -10.519 1.00 14.30 ? 201 LEU A CA  1 
ATOM   1433 C C   . LEU A 1 180 ? -3.385  16.119  -9.204  1.00 14.29 ? 201 LEU A C   1 
ATOM   1434 O O   . LEU A 1 180 ? -2.774  17.195  -9.109  1.00 15.11 ? 201 LEU A O   1 
ATOM   1435 C CB  . LEU A 1 180 ? -5.504  16.000  -10.531 1.00 14.57 ? 201 LEU A CB  1 
ATOM   1436 C CG  . LEU A 1 180 ? -6.187  15.824  -11.889 1.00 16.20 ? 201 LEU A CG  1 
ATOM   1437 C CD1 . LEU A 1 180 ? -7.676  16.084  -11.763 1.00 16.92 ? 201 LEU A CD1 1 
ATOM   1438 C CD2 . LEU A 1 180 ? -5.545  16.735  -12.902 1.00 18.89 ? 201 LEU A CD2 1 
ATOM   1439 N N   . LEU A 1 181 ? -3.523  15.283  -8.181  1.00 14.34 ? 202 LEU A N   1 
ATOM   1440 C CA  . LEU A 1 181 ? -2.924  15.562  -6.881  1.00 14.60 ? 202 LEU A CA  1 
ATOM   1441 C C   . LEU A 1 181 ? -1.409  15.546  -6.951  1.00 14.99 ? 202 LEU A C   1 
ATOM   1442 O O   . LEU A 1 181 ? -0.762  16.399  -6.314  1.00 15.06 ? 202 LEU A O   1 
ATOM   1443 C CB  . LEU A 1 181 ? -3.429  14.557  -5.837  1.00 14.19 ? 202 LEU A CB  1 
ATOM   1444 C CG  . LEU A 1 181 ? -4.889  14.718  -5.401  1.00 12.40 ? 202 LEU A CG  1 
ATOM   1445 C CD1 . LEU A 1 181 ? -5.310  13.575  -4.462  1.00 12.83 ? 202 LEU A CD1 1 
ATOM   1446 C CD2 . LEU A 1 181 ? -5.172  16.074  -4.721  1.00 14.41 ? 202 LEU A CD2 1 
ATOM   1447 N N   . ALA A 1 182 ? -0.839  14.633  -7.733  1.00 15.46 ? 203 ALA A N   1 
ATOM   1448 C CA  . ALA A 1 182 ? 0.626   14.543  -7.880  1.00 16.52 ? 203 ALA A CA  1 
ATOM   1449 C C   . ALA A 1 182 ? 1.155   15.828  -8.487  1.00 17.47 ? 203 ALA A C   1 
ATOM   1450 O O   . ALA A 1 182 ? 2.185   16.349  -8.055  1.00 17.31 ? 203 ALA A O   1 
ATOM   1451 C CB  . ALA A 1 182 ? 1.021   13.352  -8.727  1.00 16.42 ? 203 ALA A CB  1 
ATOM   1452 N N   . ASP A 1 183 ? 0.453   16.348  -9.483  1.00 18.53 ? 204 ASP A N   1 
ATOM   1453 C CA  . ASP A 1 183 ? 0.881   17.612  -10.093 1.00 18.84 ? 204 ASP A CA  1 
ATOM   1454 C C   . ASP A 1 183 ? 0.767   18.762  -9.093  1.00 19.47 ? 204 ASP A C   1 
ATOM   1455 O O   . ASP A 1 183 ? 1.690   19.573  -8.986  1.00 21.01 ? 204 ASP A O   1 
ATOM   1456 C CB  . ASP A 1 183 ? 0.066   17.913  -11.345 1.00 19.14 ? 204 ASP A CB  1 
ATOM   1457 C CG  . ASP A 1 183 ? 0.398   19.266  -11.929 1.00 19.29 ? 204 ASP A CG  1 
ATOM   1458 O OD1 . ASP A 1 183 ? 1.504   19.391  -12.495 1.00 22.37 ? 204 ASP A OD1 1 
ATOM   1459 O OD2 . ASP A 1 183 ? -0.431  20.191  -11.798 1.00 21.79 ? 204 ASP A OD2 1 
ATOM   1460 N N   . LYS A 1 184 ? -0.341  18.819  -8.350  1.00 18.74 ? 205 LYS A N   1 
ATOM   1461 C CA  . LYS A 1 184 ? -0.550  19.812  -7.296  1.00 19.12 ? 205 LYS A CA  1 
ATOM   1462 C C   . LYS A 1 184 ? 0.588   19.772  -6.278  1.00 19.14 ? 205 LYS A C   1 
ATOM   1463 O O   . LYS A 1 184 ? 1.207   20.801  -5.986  1.00 18.56 ? 205 LYS A O   1 
ATOM   1464 C CB  . LYS A 1 184 ? -1.908  19.593  -6.605  1.00 18.99 ? 205 LYS A CB  1 
ATOM   1465 C CG  . LYS A 1 184 ? -2.299  20.635  -5.547  1.00 18.86 ? 205 LYS A CG  1 
ATOM   1466 C CD  . LYS A 1 184 ? -3.648  20.326  -4.941  1.00 19.55 ? 205 LYS A CD  1 
ATOM   1467 C CE  . LYS A 1 184 ? -4.058  21.355  -3.897  1.00 20.46 ? 205 LYS A CE  1 
ATOM   1468 N NZ  . LYS A 1 184 ? -4.008  22.737  -4.462  1.00 22.76 ? 205 LYS A NZ  1 
ATOM   1469 N N   . VAL A 1 185 ? 0.884   18.587  -5.757  1.00 19.75 ? 206 VAL A N   1 
ATOM   1470 C CA  . VAL A 1 185 ? 1.990   18.421  -4.804  1.00 20.36 ? 206 VAL A CA  1 
ATOM   1471 C C   . VAL A 1 185 ? 3.343   18.802  -5.404  1.00 21.20 ? 206 VAL A C   1 
ATOM   1472 O O   . VAL A 1 185 ? 4.096   19.539  -4.780  1.00 21.77 ? 206 VAL A O   1 
ATOM   1473 C CB  . VAL A 1 185 ? 2.081   16.965  -4.284  1.00 19.78 ? 206 VAL A CB  1 
ATOM   1474 C CG1 . VAL A 1 185 ? 3.396   16.731  -3.507  1.00 19.84 ? 206 VAL A CG1 1 
ATOM   1475 C CG2 . VAL A 1 185 ? 0.890   16.649  -3.417  1.00 19.58 ? 206 VAL A CG2 1 
ATOM   1476 N N   . ARG A 1 186 ? 3.655   18.290  -6.599  1.00 22.62 ? 207 ARG A N   1 
ATOM   1477 C CA  . ARG A 1 186 ? 4.972   18.529  -7.205  1.00 23.24 ? 207 ARG A CA  1 
ATOM   1478 C C   . ARG A 1 186 ? 5.261   20.018  -7.281  1.00 23.89 ? 207 ARG A C   1 
ATOM   1479 O O   . ARG A 1 186 ? 6.369   20.459  -6.960  1.00 24.03 ? 207 ARG A O   1 
ATOM   1480 C CB  . ARG A 1 186 ? 5.069   17.900  -8.601  1.00 23.46 ? 207 ARG A CB  1 
ATOM   1481 C CG  . ARG A 1 186 ? 6.456   18.031  -9.250  1.00 23.59 ? 207 ARG A CG  1 
ATOM   1482 C CD  . ARG A 1 186 ? 6.475   17.474  -10.677 1.00 25.08 ? 207 ARG A CD  1 
ATOM   1483 N NE  . ARG A 1 186 ? 6.281   16.022  -10.736 1.00 26.55 ? 207 ARG A NE  1 
ATOM   1484 C CZ  . ARG A 1 186 ? 5.113   15.407  -10.929 1.00 27.08 ? 207 ARG A CZ  1 
ATOM   1485 N NH1 . ARG A 1 186 ? 3.990   16.094  -11.107 1.00 27.62 ? 207 ARG A NH1 1 
ATOM   1486 N NH2 . ARG A 1 186 ? 5.075   14.077  -10.957 1.00 27.85 ? 207 ARG A NH2 1 
ATOM   1487 N N   . GLU A 1 187 ? 4.257   20.788  -7.680  1.00 23.92 ? 208 GLU A N   1 
ATOM   1488 C CA  . GLU A 1 187 ? 4.425   22.217  -7.894  1.00 24.97 ? 208 GLU A CA  1 
ATOM   1489 C C   . GLU A 1 187 ? 4.289   23.054  -6.620  1.00 25.67 ? 208 GLU A C   1 
ATOM   1490 O O   . GLU A 1 187 ? 4.916   24.111  -6.522  1.00 26.31 ? 208 GLU A O   1 
ATOM   1491 C CB  . GLU A 1 187 ? 3.456   22.693  -8.976  1.00 24.91 ? 208 GLU A CB  1 
ATOM   1492 C CG  . GLU A 1 187 ? 3.604   21.929  -10.318 1.00 25.24 ? 208 GLU A CG  1 
ATOM   1493 C CD  . GLU A 1 187 ? 5.028   21.936  -10.882 1.00 27.04 ? 208 GLU A CD  1 
ATOM   1494 O OE1 . GLU A 1 187 ? 5.803   22.868  -10.567 1.00 29.09 ? 208 GLU A OE1 1 
ATOM   1495 O OE2 . GLU A 1 187 ? 5.374   21.003  -11.645 1.00 28.10 ? 208 GLU A OE2 1 
ATOM   1496 N N   . GLU A 1 188 ? 3.482   22.606  -5.657  1.00 26.26 ? 209 GLU A N   1 
ATOM   1497 C CA  . GLU A 1 188 ? 3.453   23.229  -4.321  1.00 26.75 ? 209 GLU A CA  1 
ATOM   1498 C C   . GLU A 1 188 ? 4.834   23.144  -3.687  1.00 26.88 ? 209 GLU A C   1 
ATOM   1499 O O   . GLU A 1 188 ? 5.333   24.111  -3.116  1.00 25.95 ? 209 GLU A O   1 
ATOM   1500 C CB  . GLU A 1 188 ? 2.460   22.512  -3.392  1.00 26.91 ? 209 GLU A CB  1 
ATOM   1501 C CG  . GLU A 1 188 ? 1.054   23.068  -3.367  1.00 28.38 ? 209 GLU A CG  1 
ATOM   1502 C CD  . GLU A 1 188 ? 0.088   22.200  -2.565  1.00 27.66 ? 209 GLU A CD  1 
ATOM   1503 O OE1 . GLU A 1 188 ? 0.490   21.129  -2.058  1.00 28.15 ? 209 GLU A OE1 1 
ATOM   1504 O OE2 . GLU A 1 188 ? -1.092  22.588  -2.453  1.00 31.54 ? 209 GLU A OE2 1 
ATOM   1505 N N   . GLN A 1 189 ? 5.426   21.960  -3.782  1.00 27.40 ? 210 GLN A N   1 
ATOM   1506 C CA  . GLN A 1 189 ? 6.710   21.655  -3.160  1.00 28.53 ? 210 GLN A CA  1 
ATOM   1507 C C   . GLN A 1 189 ? 7.840   22.452  -3.804  1.00 29.36 ? 210 GLN A C   1 
ATOM   1508 O O   . GLN A 1 189 ? 8.700   22.989  -3.095  1.00 29.91 ? 210 GLN A O   1 
ATOM   1509 C CB  . GLN A 1 189 ? 6.993   20.138  -3.217  1.00 28.29 ? 210 GLN A CB  1 
ATOM   1510 C CG  . GLN A 1 189 ? 6.144   19.305  -2.231  1.00 28.72 ? 210 GLN A CG  1 
ATOM   1511 C CD  . GLN A 1 189 ? 6.496   17.810  -2.215  1.00 28.26 ? 210 GLN A CD  1 
ATOM   1512 O OE1 . GLN A 1 189 ? 7.204   17.305  -3.091  1.00 26.80 ? 210 GLN A OE1 1 
ATOM   1513 N NE2 . GLN A 1 189 ? 5.977   17.095  -1.213  1.00 28.10 ? 210 GLN A NE2 1 
ATOM   1514 N N   . LYS A 1 190 ? 7.832   22.541  -5.132  1.00 30.08 ? 211 LYS A N   1 
ATOM   1515 C CA  . LYS A 1 190 ? 8.823   23.350  -5.854  1.00 30.75 ? 211 LYS A CA  1 
ATOM   1516 C C   . LYS A 1 190 ? 8.706   24.836  -5.530  1.00 30.98 ? 211 LYS A C   1 
ATOM   1517 O O   . LYS A 1 190 ? 9.722   25.517  -5.373  1.00 31.47 ? 211 LYS A O   1 
ATOM   1518 C CB  . LYS A 1 190 ? 8.676   23.176  -7.361  1.00 31.01 ? 211 LYS A CB  1 
ATOM   1519 C CG  . LYS A 1 190 ? 9.197   21.865  -7.901  1.00 32.00 ? 211 LYS A CG  1 
ATOM   1520 C CD  . LYS A 1 190 ? 8.807   21.752  -9.367  1.00 31.96 ? 211 LYS A CD  1 
ATOM   1521 C CE  . LYS A 1 190 ? 9.089   20.389  -9.957  1.00 32.84 ? 211 LYS A CE  1 
ATOM   1522 N NZ  . LYS A 1 190 ? 8.223   20.177  -11.156 1.00 33.71 ? 211 LYS A NZ  1 
ATOM   1523 N N   . ALA A 1 191 ? 7.474   25.331  -5.449  1.00 31.07 ? 212 ALA A N   1 
ATOM   1524 C CA  . ALA A 1 191 ? 7.222   26.740  -5.138  1.00 31.34 ? 212 ALA A CA  1 
ATOM   1525 C C   . ALA A 1 191 ? 7.687   27.108  -3.732  1.00 31.61 ? 212 ALA A C   1 
ATOM   1526 O O   . ALA A 1 191 ? 8.075   28.254  -3.488  1.00 31.76 ? 212 ALA A O   1 
ATOM   1527 C CB  . ALA A 1 191 ? 5.748   27.068  -5.296  1.00 31.22 ? 212 ALA A CB  1 
ATOM   1528 N N   . ALA A 1 192 ? 7.631   26.143  -2.817  1.00 31.85 ? 213 ALA A N   1 
ATOM   1529 C CA  . ALA A 1 192 ? 8.061   26.346  -1.440  1.00 32.04 ? 213 ALA A CA  1 
ATOM   1530 C C   . ALA A 1 192 ? 9.582   26.286  -1.340  1.00 32.37 ? 213 ALA A C   1 
ATOM   1531 O O   . ALA A 1 192 ? 10.152  26.569  -0.284  1.00 33.17 ? 213 ALA A O   1 
ATOM   1532 C CB  . ALA A 1 192 ? 7.432   25.295  -0.526  1.00 32.06 ? 213 ALA A CB  1 
HETATM 1533 O O   . HOH B 2 .   ? -4.453  -2.592  -3.322  1.00 17.91 ? 215 HOH A O   1 
HETATM 1534 O O   . HOH B 2 .   ? 1.548   10.439  0.765   1.00 13.17 ? 216 HOH A O   1 
HETATM 1535 O O   . HOH B 2 .   ? -8.549  7.048   0.026   1.00 11.95 ? 217 HOH A O   1 
HETATM 1536 O O   . HOH B 2 .   ? -6.540  -12.665 12.554  1.00 14.49 ? 218 HOH A O   1 
HETATM 1537 O O   . HOH B 2 .   ? 5.786   8.301   7.690   1.00 15.92 ? 219 HOH A O   1 
HETATM 1538 O O   . HOH B 2 .   ? 7.628   -24.249 2.624   1.00 15.01 ? 220 HOH A O   1 
HETATM 1539 O O   . HOH B 2 .   ? -4.319  13.139  9.616   1.00 13.32 ? 221 HOH A O   1 
HETATM 1540 O O   . HOH B 2 .   ? 2.564   14.766  11.065  1.00 16.45 ? 222 HOH A O   1 
HETATM 1541 O O   . HOH B 2 .   ? -5.871  -10.038 11.917  1.00 15.69 ? 223 HOH A O   1 
HETATM 1542 O O   . HOH B 2 .   ? 6.176   8.880   10.336  1.00 15.62 ? 224 HOH A O   1 
HETATM 1543 O O   . HOH B 2 .   ? 2.405   16.612  3.456   1.00 15.50 ? 225 HOH A O   1 
HETATM 1544 O O   . HOH B 2 .   ? -11.207 10.418  -6.780  1.00 17.51 ? 226 HOH A O   1 
HETATM 1545 O O   . HOH B 2 .   ? 1.857   19.026  4.504   1.00 15.62 ? 227 HOH A O   1 
HETATM 1546 O O   . HOH B 2 .   ? 4.126   14.998  4.826   1.00 15.13 ? 228 HOH A O   1 
HETATM 1547 O O   . HOH B 2 .   ? -12.654 6.681   -0.829  1.00 22.35 ? 229 HOH A O   1 
HETATM 1548 O O   . HOH B 2 .   ? -10.678 18.640  3.286   1.00 17.98 ? 230 HOH A O   1 
HETATM 1549 O O   . HOH B 2 .   ? 3.466   -3.062  17.414  1.00 20.66 ? 231 HOH A O   1 
HETATM 1550 O O   . HOH B 2 .   ? -2.895  19.542  -10.429 1.00 20.49 ? 232 HOH A O   1 
HETATM 1551 O O   . HOH B 2 .   ? 6.184   0.825   0.627   1.00 20.16 ? 233 HOH A O   1 
HETATM 1552 O O   . HOH B 2 .   ? -5.157  1.452   -14.165 1.00 21.56 ? 234 HOH A O   1 
HETATM 1553 O O   . HOH B 2 .   ? -8.635  -22.891 2.019   1.00 19.58 ? 235 HOH A O   1 
HETATM 1554 O O   . HOH B 2 .   ? 11.738  -19.000 -3.907  1.00 25.85 ? 236 HOH A O   1 
HETATM 1555 O O   . HOH B 2 .   ? -10.435 -4.234  -10.422 1.00 22.15 ? 237 HOH A O   1 
HETATM 1556 O O   . HOH B 2 .   ? 10.871  -11.738 -6.308  1.00 22.87 ? 238 HOH A O   1 
HETATM 1557 O O   . HOH B 2 .   ? -5.340  -14.828 13.868  1.00 17.54 ? 239 HOH A O   1 
HETATM 1558 O O   . HOH B 2 .   ? 3.393   -2.866  2.226   1.00 20.41 ? 240 HOH A O   1 
HETATM 1559 O O   . HOH B 2 .   ? -4.088  -1.105  16.462  1.00 21.32 ? 241 HOH A O   1 
HETATM 1560 O O   . HOH B 2 .   ? 6.879   3.578   6.656   1.00 26.04 ? 242 HOH A O   1 
HETATM 1561 O O   . HOH B 2 .   ? -7.837  -22.331 4.785   1.00 22.40 ? 243 HOH A O   1 
HETATM 1562 O O   . HOH B 2 .   ? 1.904   21.146  2.753   1.00 19.51 ? 244 HOH A O   1 
HETATM 1563 O O   . HOH B 2 .   ? 7.511   -1.447  4.974   1.00 24.96 ? 245 HOH A O   1 
HETATM 1564 O O   . HOH B 2 .   ? -5.576  10.737  8.874   1.00 18.68 ? 246 HOH A O   1 
HETATM 1565 O O   . HOH B 2 .   ? 5.737   -27.240 1.351   1.00 19.59 ? 247 HOH A O   1 
HETATM 1566 O O   . HOH B 2 .   ? -5.670  -2.800  -14.310 1.00 19.81 ? 248 HOH A O   1 
HETATM 1567 O O   . HOH B 2 .   ? -12.887 8.879   -7.945  1.00 18.70 ? 249 HOH A O   1 
HETATM 1568 O O   . HOH B 2 .   ? 6.349   -5.648  -9.553  1.00 26.12 ? 250 HOH A O   1 
HETATM 1569 O O   . HOH B 2 .   ? -2.587  -16.935 -5.191  1.00 15.91 ? 251 HOH A O   1 
HETATM 1570 O O   . HOH B 2 .   ? -6.893  -0.462  -15.085 1.00 24.61 ? 252 HOH A O   1 
HETATM 1571 O O   . HOH B 2 .   ? 3.060   -1.288  -10.214 1.00 32.64 ? 253 HOH A O   1 
HETATM 1572 O O   . HOH B 2 .   ? -8.359  -15.903 4.282   1.00 20.03 ? 254 HOH A O   1 
HETATM 1573 O O   . HOH B 2 .   ? -0.409  -6.457  -8.307  1.00 21.88 ? 255 HOH A O   1 
HETATM 1574 O O   . HOH B 2 .   ? 14.380  -20.809 2.855   1.00 22.02 ? 256 HOH A O   1 
HETATM 1575 O O   . HOH B 2 .   ? 3.524   17.639  0.146   1.00 23.25 ? 257 HOH A O   1 
HETATM 1576 O O   . HOH B 2 .   ? -5.476  -8.364  -6.374  1.00 18.02 ? 258 HOH A O   1 
HETATM 1577 O O   . HOH B 2 .   ? -14.953 11.288  -6.012  1.00 23.09 ? 259 HOH A O   1 
HETATM 1578 O O   . HOH B 2 .   ? -4.993  13.210  12.365  1.00 20.51 ? 260 HOH A O   1 
HETATM 1579 O O   . HOH B 2 .   ? 3.713   -5.188  0.656   1.00 21.68 ? 261 HOH A O   1 
HETATM 1580 O O   . HOH B 2 .   ? -7.710  13.166  14.801  1.00 30.93 ? 262 HOH A O   1 
HETATM 1581 O O   . HOH B 2 .   ? 6.798   1.504   3.366   1.00 22.33 ? 263 HOH A O   1 
HETATM 1582 O O   . HOH B 2 .   ? 13.293  -5.326  15.035  1.00 27.37 ? 264 HOH A O   1 
HETATM 1583 O O   . HOH B 2 .   ? -5.686  -14.496 18.831  1.00 22.43 ? 265 HOH A O   1 
HETATM 1584 O O   . HOH B 2 .   ? 1.804   -4.213  -5.908  1.00 23.71 ? 266 HOH A O   1 
HETATM 1585 O O   . HOH B 2 .   ? 17.007  -7.306  9.290   1.00 20.69 ? 267 HOH A O   1 
HETATM 1586 O O   . HOH B 2 .   ? 6.515   0.244   7.082   1.00 24.66 ? 268 HOH A O   1 
HETATM 1587 O O   . HOH B 2 .   ? 8.544   5.871   -10.472 1.00 31.02 ? 269 HOH A O   1 
HETATM 1588 O O   . HOH B 2 .   ? 3.941   18.865  -12.224 1.00 25.57 ? 270 HOH A O   1 
HETATM 1589 O O   . HOH B 2 .   ? -12.679 -0.305  5.217   1.00 23.72 ? 271 HOH A O   1 
HETATM 1590 O O   . HOH B 2 .   ? 7.304   15.183  4.271   1.00 30.45 ? 272 HOH A O   1 
HETATM 1591 O O   . HOH B 2 .   ? -2.650  12.512  14.022  1.00 17.94 ? 273 HOH A O   1 
HETATM 1592 O O   . HOH B 2 .   ? 7.110   3.306   -6.831  1.00 26.76 ? 274 HOH A O   1 
HETATM 1593 O O   . HOH B 2 .   ? 11.482  5.605   -5.114  1.00 23.84 ? 275 HOH A O   1 
HETATM 1594 O O   . HOH B 2 .   ? -5.344  -21.996 5.528   1.00 20.19 ? 276 HOH A O   1 
HETATM 1595 O O   . HOH B 2 .   ? -11.544 22.849  -3.931  1.00 30.97 ? 277 HOH A O   1 
HETATM 1596 O O   . HOH B 2 .   ? -7.998  14.382  9.021   1.00 21.86 ? 278 HOH A O   1 
HETATM 1597 O O   . HOH B 2 .   ? -7.558  20.645  -10.475 1.00 23.98 ? 279 HOH A O   1 
HETATM 1598 O O   . HOH B 2 .   ? -2.470  -13.682 13.406  1.00 25.60 ? 280 HOH A O   1 
HETATM 1599 O O   . HOH B 2 .   ? 3.219   7.657   13.461  1.00 26.94 ? 281 HOH A O   1 
HETATM 1600 O O   . HOH B 2 .   ? 4.341   9.952   12.123  1.00 23.66 ? 282 HOH A O   1 
HETATM 1601 O O   . HOH B 2 .   ? 3.962   12.686  12.344  1.00 23.39 ? 283 HOH A O   1 
HETATM 1602 O O   . HOH B 2 .   ? 4.158   -7.759  -12.824 1.00 36.61 ? 284 HOH A O   1 
HETATM 1603 O O   . HOH B 2 .   ? -16.500 18.121  -13.394 1.00 20.96 ? 285 HOH A O   1 
HETATM 1604 O O   . HOH B 2 .   ? -15.210 16.605  -7.700  1.00 21.52 ? 286 HOH A O   1 
HETATM 1605 O O   . HOH B 2 .   ? -8.928  5.699   6.583   1.00 24.13 ? 287 HOH A O   1 
HETATM 1606 O O   . HOH B 2 .   ? -0.979  -4.861  17.655  1.00 24.72 ? 288 HOH A O   1 
HETATM 1607 O O   . HOH B 2 .   ? -14.303 11.155  -8.691  1.00 22.25 ? 289 HOH A O   1 
HETATM 1608 O O   . HOH B 2 .   ? -8.141  22.642  3.378   1.00 23.16 ? 290 HOH A O   1 
HETATM 1609 O O   . HOH B 2 .   ? 14.586  -18.187 3.384   1.00 21.47 ? 291 HOH A O   1 
HETATM 1610 O O   . HOH B 2 .   ? -10.757 5.735   1.029   1.00 20.37 ? 292 HOH A O   1 
HETATM 1611 O O   . HOH B 2 .   ? 5.718   -21.454 -6.975  1.00 22.91 ? 293 HOH A O   1 
HETATM 1612 O O   . HOH B 2 .   ? -6.294  20.488  -12.815 1.00 21.43 ? 294 HOH A O   1 
HETATM 1613 O O   . HOH B 2 .   ? -10.219 13.371  5.136   1.00 23.75 ? 295 HOH A O   1 
HETATM 1614 O O   . HOH B 2 .   ? -14.332 17.493  -10.271 1.00 24.36 ? 296 HOH A O   1 
HETATM 1615 O O   . HOH B 2 .   ? 1.829   -8.723  19.593  1.00 28.01 ? 297 HOH A O   1 
HETATM 1616 O O   . HOH B 2 .   ? -5.578  5.897   17.404  1.00 29.00 ? 298 HOH A O   1 
HETATM 1617 O O   . HOH B 2 .   ? 5.518   -1.784  3.118   1.00 23.55 ? 299 HOH A O   1 
HETATM 1618 O O   . HOH B 2 .   ? -5.482  -10.972 -6.414  1.00 23.60 ? 300 HOH A O   1 
HETATM 1619 O O   . HOH B 2 .   ? -10.257 8.455   11.387  1.00 27.68 ? 301 HOH A O   1 
HETATM 1620 O O   . HOH B 2 .   ? -17.561 21.041  -7.654  1.00 31.99 ? 302 HOH A O   1 
HETATM 1621 O O   . HOH B 2 .   ? 5.588   -23.274 9.168   1.00 30.41 ? 303 HOH A O   1 
HETATM 1622 O O   . HOH B 2 .   ? -15.896 13.948  -7.224  1.00 24.05 ? 304 HOH A O   1 
HETATM 1623 O O   . HOH B 2 .   ? 14.372  -4.182  -4.092  1.00 25.01 ? 305 HOH A O   1 
HETATM 1624 O O   . HOH B 2 .   ? -2.417  -4.710  -13.245 1.00 22.62 ? 306 HOH A O   1 
HETATM 1625 O O   . HOH B 2 .   ? -9.504  19.279  6.088   1.00 25.32 ? 307 HOH A O   1 
HETATM 1626 O O   . HOH B 2 .   ? 0.170   2.509   -16.846 1.00 28.25 ? 308 HOH A O   1 
HETATM 1627 O O   . HOH B 2 .   ? 3.367   -0.284  17.343  1.00 33.44 ? 309 HOH A O   1 
HETATM 1628 O O   . HOH B 2 .   ? -7.064  9.551   6.720   1.00 31.13 ? 310 HOH A O   1 
HETATM 1629 O O   . HOH B 2 .   ? 4.444   -7.465  19.048  1.00 34.18 ? 311 HOH A O   1 
HETATM 1630 O O   . HOH B 2 .   ? 2.824   -5.268  -12.735 1.00 29.42 ? 312 HOH A O   1 
HETATM 1631 O O   . HOH B 2 .   ? 0.224   -11.168 15.039  1.00 29.74 ? 313 HOH A O   1 
HETATM 1632 O O   . HOH B 2 .   ? 4.998   16.311  7.198   1.00 22.72 ? 314 HOH A O   1 
HETATM 1633 O O   . HOH B 2 .   ? -13.109 13.194  -9.981  1.00 25.19 ? 315 HOH A O   1 
HETATM 1634 O O   . HOH B 2 .   ? -12.577 10.973  3.996   1.00 25.31 ? 316 HOH A O   1 
HETATM 1635 O O   . HOH B 2 .   ? -6.578  22.026  -0.905  1.00 24.95 ? 317 HOH A O   1 
HETATM 1636 O O   . HOH B 2 .   ? -13.487 18.542  2.893   1.00 32.51 ? 318 HOH A O   1 
HETATM 1637 O O   . HOH B 2 .   ? 2.654   10.432  3.098   1.00 27.98 ? 319 HOH A O   1 
HETATM 1638 O O   . HOH B 2 .   ? 3.785   26.261  -1.881  1.00 32.31 ? 320 HOH A O   1 
HETATM 1639 O O   . HOH B 2 .   ? -10.954 12.193  -11.065 1.00 26.34 ? 321 HOH A O   1 
HETATM 1640 O O   . HOH B 2 .   ? -8.443  -17.590 -7.716  1.00 27.91 ? 322 HOH A O   1 
HETATM 1641 O O   . HOH B 2 .   ? -7.800  -11.776 -5.837  1.00 30.21 ? 323 HOH A O   1 
HETATM 1642 O O   . HOH B 2 .   ? 2.967   -19.204 15.501  1.00 30.02 ? 324 HOH A O   1 
HETATM 1643 O O   . HOH B 2 .   ? 5.173   -19.654 14.230  1.00 27.32 ? 325 HOH A O   1 
HETATM 1644 O O   . HOH B 2 .   ? 12.049  -11.228 14.849  1.00 21.41 ? 326 HOH A O   1 
HETATM 1645 O O   . HOH B 2 .   ? 15.200  8.485   -7.317  1.00 37.67 ? 327 HOH A O   1 
HETATM 1646 O O   . HOH B 2 .   ? 8.138   2.704   -2.933  1.00 29.51 ? 328 HOH A O   1 
HETATM 1647 O O   . HOH B 2 .   ? 12.729  -0.818  -5.189  1.00 38.07 ? 329 HOH A O   1 
HETATM 1648 O O   . HOH B 2 .   ? 13.921  -0.762  -2.652  1.00 33.45 ? 330 HOH A O   1 
HETATM 1649 O O   . HOH B 2 .   ? 13.322  -9.910  -8.861  1.00 32.78 ? 331 HOH A O   1 
HETATM 1650 O O   . HOH B 2 .   ? 15.552  -18.034 -3.837  1.00 31.43 ? 332 HOH A O   1 
HETATM 1651 O O   . HOH B 2 .   ? 15.900  -22.323 -5.291  1.00 33.61 ? 333 HOH A O   1 
HETATM 1652 O O   . HOH B 2 .   ? 0.650   -3.663  -1.233  1.00 33.43 ? 334 HOH A O   1 
HETATM 1653 O O   . HOH B 2 .   ? 5.540   -8.123  -10.551 1.00 25.59 ? 335 HOH A O   1 
HETATM 1654 O O   . HOH B 2 .   ? 2.658   -9.476  -14.064 1.00 28.45 ? 336 HOH A O   1 
HETATM 1655 O O   . HOH B 2 .   ? 8.640   2.613   14.539  1.00 57.53 ? 337 HOH A O   1 
HETATM 1656 O O   . HOH B 2 .   ? 9.377   0.003   14.730  1.00 37.54 ? 338 HOH A O   1 
HETATM 1657 O O   . HOH B 2 .   ? 4.118   18.893  6.178   1.00 28.31 ? 339 HOH A O   1 
HETATM 1658 O O   . HOH B 2 .   ? 4.663   16.283  9.812   1.00 24.68 ? 340 HOH A O   1 
HETATM 1659 O O   . HOH B 2 .   ? 1.610   23.990  3.525   1.00 22.51 ? 341 HOH A O   1 
HETATM 1660 O O   . HOH B 2 .   ? -2.519  -6.797  -9.823  1.00 24.83 ? 342 HOH A O   1 
HETATM 1661 O O   . HOH B 2 .   ? -2.665  -7.654  -12.503 1.00 29.00 ? 343 HOH A O   1 
HETATM 1662 O O   . HOH B 2 .   ? -2.327  -19.541 -2.625  1.00 19.78 ? 344 HOH A O   1 
HETATM 1663 O O   . HOH B 2 .   ? -8.522  -19.602 11.891  1.00 36.24 ? 345 HOH A O   1 
HETATM 1664 O O   . HOH B 2 .   ? -4.690  -21.780 10.613  1.00 27.90 ? 346 HOH A O   1 
HETATM 1665 O O   . HOH B 2 .   ? 0.255   23.239  -6.710  1.00 27.08 ? 347 HOH A O   1 
HETATM 1666 O O   . HOH B 2 .   ? 6.652   -17.161 13.353  1.00 33.45 ? 348 HOH A O   1 
HETATM 1667 O O   . HOH B 2 .   ? 2.209   -2.112  -4.336  1.00 26.31 ? 349 HOH A O   1 
HETATM 1668 O O   . HOH B 2 .   ? -14.383 -3.063  -5.510  1.00 29.68 ? 350 HOH A O   1 
HETATM 1669 O O   . HOH B 2 .   ? -14.010 0.457   -10.348 1.00 36.40 ? 351 HOH A O   1 
HETATM 1670 O O   . HOH B 2 .   ? 14.406  -17.855 6.187   1.00 29.16 ? 352 HOH A O   1 
HETATM 1671 O O   . HOH B 2 .   ? 12.832  -20.544 7.241   1.00 28.24 ? 353 HOH A O   1 
HETATM 1672 O O   . HOH B 2 .   ? 10.227  -21.033 8.220   1.00 27.96 ? 354 HOH A O   1 
HETATM 1673 O O   . HOH B 2 .   ? 8.756   14.448  -12.863 1.00 28.37 ? 355 HOH A O   1 
HETATM 1674 O O   . HOH B 2 .   ? 6.051   -6.492  14.979  1.00 23.63 ? 356 HOH A O   1 
HETATM 1675 O O   . HOH B 2 .   ? 4.732   -18.780 -6.924  1.00 19.81 ? 357 HOH A O   1 
HETATM 1676 O O   . HOH B 2 .   ? 0.533   -24.082 1.388   1.00 28.68 ? 359 HOH A O   1 
HETATM 1677 O O   . HOH B 2 .   ? -1.506  -22.725 2.050   1.00 27.29 ? 360 HOH A O   1 
HETATM 1678 O O   . HOH B 2 .   ? -2.084  -13.801 -8.951  1.00 28.95 ? 361 HOH A O   1 
HETATM 1679 O O   . HOH B 2 .   ? 0.048   -3.969  -13.907 1.00 29.72 ? 362 HOH A O   1 
HETATM 1680 O O   . HOH B 2 .   ? -16.332 23.601  -6.961  1.00 32.53 ? 363 HOH A O   1 
HETATM 1681 O O   . HOH B 2 .   ? -10.376 15.763  9.069   1.00 33.88 ? 364 HOH A O   1 
HETATM 1682 O O   . HOH B 2 .   ? 9.889   10.293  -15.429 1.00 30.23 ? 365 HOH A O   1 
HETATM 1683 O O   . HOH B 2 .   ? 11.516  28.109  -2.774  1.00 38.97 ? 366 HOH A O   1 
HETATM 1684 O O   . HOH B 2 .   ? -17.618 -0.872  1.163   1.00 44.26 ? 367 HOH A O   1 
HETATM 1685 O O   . HOH B 2 .   ? -7.750  5.274   -14.997 1.00 38.53 ? 368 HOH A O   1 
HETATM 1686 O O   . HOH B 2 .   ? 8.446   10.966  -18.632 1.00 34.81 ? 369 HOH A O   1 
HETATM 1687 O O   . HOH B 2 .   ? 0.962   9.102   -13.060 1.00 30.41 ? 370 HOH A O   1 
HETATM 1688 O O   . HOH B 2 .   ? 9.827   -21.127 -3.229  1.00 34.21 ? 371 HOH A O   1 
HETATM 1689 O O   . HOH B 2 .   ? 8.242   18.438  -5.761  1.00 32.27 ? 372 HOH A O   1 
HETATM 1690 O O   . HOH B 2 .   ? -3.493  -3.712  17.557  1.00 25.61 ? 373 HOH A O   1 
HETATM 1691 O O   . HOH B 2 .   ? 12.520  -14.893 12.700  1.00 26.86 ? 374 HOH A O   1 
HETATM 1692 O O   . HOH B 2 .   ? -0.368  -2.296  -3.479  1.00 25.97 ? 375 HOH A O   1 
HETATM 1693 O O   . HOH B 2 .   ? -12.201 -1.248  -11.373 1.00 29.70 ? 376 HOH A O   1 
HETATM 1694 O O   . HOH B 2 .   ? 1.877   -15.530 -11.043 1.00 28.59 ? 377 HOH A O   1 
HETATM 1695 O O   . HOH B 2 .   ? 2.948   13.641  -12.770 1.00 33.65 ? 378 HOH A O   1 
HETATM 1696 O O   . HOH B 2 .   ? 2.636   20.184  0.045   1.00 30.93 ? 379 HOH A O   1 
HETATM 1697 O O   . HOH B 2 .   ? 0.710   -10.303 17.298  1.00 37.75 ? 380 HOH A O   1 
HETATM 1698 O O   . HOH B 2 .   ? 10.772  7.644   -7.303  1.00 30.87 ? 381 HOH A O   1 
HETATM 1699 O O   . HOH B 2 .   ? 9.629   -14.099 11.875  1.00 33.53 ? 382 HOH A O   1 
HETATM 1700 O O   . HOH B 2 .   ? 3.778   -12.898 13.475  1.00 29.27 ? 383 HOH A O   1 
HETATM 1701 O O   . HOH B 2 .   ? 2.510   -1.245  -7.859  1.00 32.92 ? 384 HOH A O   1 
HETATM 1702 O O   . HOH B 2 .   ? 6.676   -13.806 -12.116 1.00 30.97 ? 385 HOH A O   1 
HETATM 1703 O O   . HOH B 2 .   ? -10.160 -16.861 10.700  1.00 28.99 ? 386 HOH A O   1 
HETATM 1704 O O   . HOH B 2 .   ? -3.434  -0.435  20.346  1.00 39.28 ? 387 HOH A O   1 
HETATM 1705 O O   . HOH B 2 .   ? -13.464 -1.508  2.176   1.00 37.60 ? 388 HOH A O   1 
HETATM 1706 O O   . HOH B 2 .   ? 13.943  -3.689  -8.389  1.00 38.64 ? 389 HOH A O   1 
HETATM 1707 O O   . HOH B 2 .   ? -15.817 -1.977  3.358   1.00 34.74 ? 390 HOH A O   1 
HETATM 1708 O O   . HOH B 2 .   ? 0.251   22.620  -12.164 1.00 36.39 ? 391 HOH A O   1 
HETATM 1709 O O   . HOH B 2 .   ? 6.165   9.393   -20.301 1.00 39.65 ? 392 HOH A O   1 
HETATM 1710 O O   . HOH B 2 .   ? 12.972  -3.107  -6.144  1.00 34.27 ? 393 HOH A O   1 
# 
